data_3MX5
#
_entry.id   3MX5
#
_cell.length_a   177.110
_cell.length_b   177.110
_cell.length_c   56.720
_cell.angle_alpha   90.00
_cell.angle_beta   90.00
_cell.angle_gamma   120.00
#
_symmetry.space_group_name_H-M   'P 3'
#
loop_
_entity.id
_entity.type
_entity.pdbx_description
1 polymer Nucleoprotein
2 non-polymer "URIDINE 5'-TRIPHOSPHATE"
3 non-polymer 'ZINC ION'
4 water water
#
_entity_poly.entity_id   1
_entity_poly.type   'polypeptide(L)'
_entity_poly.pdbx_seq_one_letter_code
;GAMDHVEFMSASKEIKSFLWTQSLRRELSGYCSNIKLQVVKDAQALLHGLDFSEVSNVQRLMRKERRDDNDLKRLRDLNQ
AVNNLVELKSTQQKSILRVGTLTSDDLLILAADLEKLKSKVIRTERPLSAGVYMGNLSSQQLDQRRALLNMIGMSGGNQG
ARAGRDGVVRVWDVKNAELLNNQFGTMPSLTLACLTKQGQVDLNDAVQALTDLGLIYTAKYPNTSDLDRLTQSHPILNMI
DTKKSSLNISGYNFSLGAAVKAGACMLDGGNMLETIKVSPQTMDGILKSILKVKKALGMFISDTPGERNPYENILYKICL
SGDGWPYIASRTSITGRAWENTVVDLESDGKPQKADSNNSSKSLQSAGFTAGLTYSQLMTLKDAMLQLDPNAKTWMDIEG
RPEDPVEIALYQPSSGCYIHFFREPTDLKQFKQDAKYSHGIDVTDLFATQPGLTSAVIDALPRNMVITCQGSDDIRKLLE
SQGRKDIKLIDIALSKTDSRKYENAVWDQYKDLCHMHTGVVVEKKKRGGKEEITPHCALMDCIMFDAAVSGGLNTSVLRA
VLPRDMVFRTSTPRVVL
;
_entity_poly.pdbx_strand_id   A,B,C
#
# COMPACT_ATOMS: atom_id res chain seq x y z
N ILE A 15 -2.29 7.89 0.83
CA ILE A 15 -3.32 7.53 1.86
C ILE A 15 -4.77 7.59 1.33
N LYS A 16 -5.62 6.74 1.92
CA LYS A 16 -7.09 6.79 1.76
C LYS A 16 -7.65 8.18 2.07
N SER A 17 -7.30 8.73 3.23
CA SER A 17 -7.82 10.03 3.69
C SER A 17 -7.50 11.18 2.73
N PHE A 18 -6.25 11.31 2.28
CA PHE A 18 -5.96 12.31 1.26
C PHE A 18 -6.73 12.06 -0.04
N LEU A 19 -7.00 10.80 -0.40
CA LEU A 19 -7.75 10.52 -1.64
C LEU A 19 -9.16 11.09 -1.55
N TRP A 20 -9.78 10.98 -0.37
CA TRP A 20 -11.11 11.52 -0.15
C TRP A 20 -11.01 13.03 -0.33
N THR A 21 -10.02 13.61 0.37
CA THR A 21 -9.78 15.07 0.31
C THR A 21 -9.59 15.60 -1.13
N GLN A 22 -8.73 14.97 -1.92
CA GLN A 22 -8.54 15.35 -3.34
C GLN A 22 -9.79 15.19 -4.20
N SER A 23 -10.54 14.11 -3.97
CA SER A 23 -11.79 13.91 -4.71
C SER A 23 -12.86 14.93 -4.34
N LEU A 24 -12.84 15.39 -3.09
CA LEU A 24 -13.81 16.38 -2.60
C LEU A 24 -13.41 17.72 -3.15
N ARG A 25 -12.10 17.91 -3.31
CA ARG A 25 -11.54 19.13 -3.88
C ARG A 25 -11.94 19.30 -5.36
N ARG A 26 -11.82 18.24 -6.17
CA ARG A 26 -12.33 18.30 -7.56
C ARG A 26 -13.86 18.47 -7.70
N GLU A 27 -14.65 17.78 -6.89
CA GLU A 27 -16.07 17.81 -7.09
C GLU A 27 -16.67 19.16 -6.63
N LEU A 28 -16.03 19.81 -5.67
CA LEU A 28 -16.52 21.09 -5.08
C LEU A 28 -15.76 22.33 -5.54
N SER A 29 -14.88 22.14 -6.52
CA SER A 29 -14.05 23.20 -7.07
C SER A 29 -14.83 24.50 -7.29
N GLY A 30 -16.02 24.37 -7.85
CA GLY A 30 -16.89 25.50 -8.18
C GLY A 30 -17.32 26.36 -7.02
N TYR A 31 -17.41 25.77 -5.83
CA TYR A 31 -17.79 26.47 -4.62
C TYR A 31 -16.61 27.09 -3.84
N CYS A 32 -15.37 26.74 -4.23
CA CYS A 32 -14.16 27.36 -3.68
C CYS A 32 -14.03 28.82 -4.13
N SER A 33 -13.39 29.63 -3.30
CA SER A 33 -13.19 31.03 -3.64
C SER A 33 -11.78 31.46 -3.31
N ASN A 34 -11.46 32.67 -3.74
CA ASN A 34 -10.15 33.26 -3.54
C ASN A 34 -10.13 34.20 -2.36
N ILE A 35 -9.82 33.67 -1.16
CA ILE A 35 -9.99 34.46 0.07
C ILE A 35 -8.75 34.91 0.83
N LYS A 36 -7.56 34.75 0.24
CA LYS A 36 -6.33 35.26 0.86
C LYS A 36 -6.48 36.71 1.36
N LEU A 37 -6.98 37.62 0.51
CA LEU A 37 -6.98 39.05 0.83
C LEU A 37 -7.73 39.35 2.12
N GLN A 38 -8.92 38.76 2.21
CA GLN A 38 -9.82 38.81 3.37
C GLN A 38 -9.23 38.17 4.62
N VAL A 39 -8.67 36.97 4.48
CA VAL A 39 -7.98 36.34 5.61
C VAL A 39 -6.81 37.19 6.19
N VAL A 40 -5.99 37.78 5.31
CA VAL A 40 -4.93 38.70 5.74
C VAL A 40 -5.49 40.02 6.32
N LYS A 41 -6.61 40.51 5.79
CA LYS A 41 -7.26 41.73 6.32
C LYS A 41 -7.76 41.52 7.77
N ASP A 42 -8.31 40.32 8.00
CA ASP A 42 -8.78 39.90 9.32
C ASP A 42 -7.58 39.73 10.27
N ALA A 43 -6.49 39.14 9.78
CA ALA A 43 -5.32 38.98 10.59
C ALA A 43 -4.80 40.37 10.93
N GLN A 44 -4.86 41.30 9.98
CA GLN A 44 -4.41 42.68 10.27
C GLN A 44 -5.30 43.39 11.28
N ALA A 45 -6.61 43.15 11.22
CA ALA A 45 -7.55 43.72 12.18
C ALA A 45 -7.27 43.18 13.60
N LEU A 46 -6.99 41.88 13.72
CA LEU A 46 -6.58 41.31 15.02
C LEU A 46 -5.26 41.87 15.59
N LEU A 47 -4.26 42.04 14.72
CA LEU A 47 -2.99 42.59 15.18
C LEU A 47 -3.12 44.01 15.73
N HIS A 48 -3.99 44.82 15.13
CA HIS A 48 -4.31 46.18 15.58
C HIS A 48 -5.23 46.23 16.82
N GLY A 49 -6.08 45.23 16.97
CA GLY A 49 -7.21 45.33 17.91
C GLY A 49 -7.25 44.42 19.14
N LEU A 50 -6.62 43.25 19.05
CA LEU A 50 -6.75 42.23 20.10
C LEU A 50 -5.68 42.46 21.17
N ASP A 51 -5.98 42.11 22.41
CA ASP A 51 -4.95 42.09 23.49
C ASP A 51 -4.28 40.72 23.51
N PHE A 52 -3.08 40.65 22.96
CA PHE A 52 -2.35 39.39 22.90
C PHE A 52 -1.82 38.87 24.24
N SER A 53 -1.78 39.72 25.28
CA SER A 53 -1.56 39.22 26.64
C SER A 53 -2.77 38.39 27.09
N GLU A 54 -3.97 38.74 26.61
CA GLU A 54 -5.13 37.92 26.87
C GLU A 54 -5.19 36.62 26.05
N VAL A 55 -4.67 36.64 24.82
CA VAL A 55 -4.39 35.35 24.09
C VAL A 55 -3.42 34.46 24.92
N SER A 56 -2.37 35.09 25.46
CA SER A 56 -1.41 34.35 26.27
C SER A 56 -2.07 33.81 27.55
N ASN A 57 -3.04 34.56 28.07
CA ASN A 57 -3.75 34.18 29.33
C ASN A 57 -4.62 32.95 29.09
N VAL A 58 -5.34 32.93 27.97
CA VAL A 58 -6.15 31.78 27.52
C VAL A 58 -5.24 30.58 27.26
N GLN A 59 -4.11 30.82 26.58
CA GLN A 59 -3.09 29.79 26.40
C GLN A 59 -2.59 29.11 27.71
N ARG A 60 -2.29 29.93 28.72
CA ARG A 60 -2.03 29.44 30.08
C ARG A 60 -3.19 28.57 30.64
N LEU A 61 -4.41 29.09 30.55
CA LEU A 61 -5.60 28.39 31.06
C LEU A 61 -5.83 27.04 30.37
N MET A 62 -5.49 26.96 29.08
CA MET A 62 -5.60 25.67 28.34
C MET A 62 -4.50 24.66 28.68
N ARG A 63 -3.38 25.15 29.22
CA ARG A 63 -2.33 24.27 29.71
C ARG A 63 -2.72 23.52 30.95
N LYS A 64 -3.67 24.09 31.70
CA LYS A 64 -4.20 23.47 32.93
C LYS A 64 -4.95 22.18 32.62
N GLU A 65 -4.61 21.11 33.36
CA GLU A 65 -5.22 19.79 33.18
C GLU A 65 -6.70 19.84 33.57
N ARG A 66 -7.05 20.76 34.48
CA ARG A 66 -8.42 20.93 35.00
C ARG A 66 -8.87 22.40 35.04
N ARG A 67 -9.95 22.73 34.32
CA ARG A 67 -10.46 24.11 34.16
C ARG A 67 -11.90 24.26 34.67
N ASP A 68 -12.24 25.46 35.17
CA ASP A 68 -13.58 25.79 35.70
C ASP A 68 -14.32 26.85 34.87
N ASP A 69 -15.49 27.28 35.36
CA ASP A 69 -16.34 28.31 34.68
C ASP A 69 -15.63 29.67 34.55
N ASN A 70 -14.79 30.02 35.53
CA ASN A 70 -13.90 31.18 35.42
C ASN A 70 -12.95 31.11 34.20
N ASP A 71 -12.43 29.92 33.94
CA ASP A 71 -11.59 29.68 32.75
C ASP A 71 -12.42 29.71 31.45
N LEU A 72 -13.62 29.11 31.47
CA LEU A 72 -14.56 29.24 30.35
C LEU A 72 -15.00 30.67 29.98
N LYS A 73 -15.23 31.52 30.98
CA LYS A 73 -15.64 32.91 30.72
C LYS A 73 -14.53 33.65 30.00
N ARG A 74 -13.30 33.51 30.50
CA ARG A 74 -12.10 34.08 29.87
C ARG A 74 -11.98 33.61 28.43
N LEU A 75 -12.35 32.35 28.15
CA LEU A 75 -12.29 31.88 26.77
C LEU A 75 -13.41 32.43 25.89
N ARG A 76 -14.65 32.33 26.37
CA ARG A 76 -15.79 32.87 25.69
C ARG A 76 -15.64 34.36 25.40
N ASP A 77 -15.09 35.09 26.36
CA ASP A 77 -14.95 36.53 26.25
C ASP A 77 -13.89 36.88 25.22
N LEU A 78 -12.71 36.23 25.28
CA LEU A 78 -11.70 36.38 24.20
C LEU A 78 -12.27 36.04 22.82
N ASN A 79 -12.94 34.90 22.68
CA ASN A 79 -13.64 34.57 21.43
C ASN A 79 -14.53 35.69 20.92
N GLN A 80 -15.32 36.31 21.81
CA GLN A 80 -16.23 37.36 21.36
C GLN A 80 -15.46 38.59 20.85
N ALA A 81 -14.33 38.90 21.50
CA ALA A 81 -13.48 40.02 21.13
C ALA A 81 -12.80 39.80 19.78
N VAL A 82 -12.42 38.56 19.51
CA VAL A 82 -11.93 38.21 18.17
C VAL A 82 -13.05 38.34 17.12
N ASN A 83 -14.19 37.69 17.36
CA ASN A 83 -15.38 37.72 16.50
C ASN A 83 -15.88 39.16 16.19
N ASN A 84 -15.64 40.09 17.09
CA ASN A 84 -15.90 41.48 16.78
C ASN A 84 -14.94 42.18 15.81
N LEU A 85 -13.71 41.67 15.72
CA LEU A 85 -12.68 42.35 14.94
C LEU A 85 -12.61 41.87 13.50
N VAL A 86 -13.31 40.78 13.22
CA VAL A 86 -13.09 40.08 11.96
C VAL A 86 -14.29 40.12 11.05
N GLU A 87 -14.02 40.13 9.76
CA GLU A 87 -15.11 40.10 8.78
C GLU A 87 -15.61 38.71 8.37
N LEU A 88 -14.75 37.70 8.36
CA LEU A 88 -15.19 36.33 8.06
C LEU A 88 -15.83 35.66 9.28
N LYS A 89 -17.16 35.76 9.36
CA LYS A 89 -17.98 35.29 10.51
C LYS A 89 -19.07 34.35 10.01
N SER A 90 -19.35 33.28 10.73
CA SER A 90 -20.47 32.45 10.32
C SER A 90 -21.69 32.91 11.10
N THR A 91 -22.86 32.95 10.46
CA THR A 91 -24.07 33.40 11.14
C THR A 91 -24.95 32.22 11.55
N GLN A 92 -25.75 32.41 12.59
CA GLN A 92 -26.72 31.39 13.00
C GLN A 92 -27.67 31.22 11.83
N GLN A 93 -27.58 30.07 11.16
CA GLN A 93 -28.44 29.81 10.02
C GLN A 93 -28.92 28.38 10.02
N LYS A 94 -30.09 28.17 10.61
CA LYS A 94 -30.63 26.84 10.64
C LYS A 94 -31.24 26.46 9.28
N SER A 95 -31.15 25.17 8.94
CA SER A 95 -31.45 24.70 7.60
C SER A 95 -32.32 23.45 7.66
N ILE A 96 -33.43 23.49 6.95
CA ILE A 96 -34.26 22.32 6.81
C ILE A 96 -34.06 21.71 5.42
N LEU A 97 -33.61 20.47 5.36
CA LEU A 97 -33.44 19.84 4.06
C LEU A 97 -34.70 19.08 3.67
N ARG A 98 -35.16 19.33 2.45
CA ARG A 98 -36.42 18.74 1.95
C ARG A 98 -36.17 18.14 0.59
N VAL A 99 -37.10 17.32 0.08
CA VAL A 99 -36.87 16.68 -1.22
C VAL A 99 -36.87 17.72 -2.32
N GLY A 100 -35.94 17.57 -3.27
CA GLY A 100 -35.83 18.46 -4.45
C GLY A 100 -34.50 18.36 -5.18
N THR A 101 -33.56 19.22 -4.84
CA THR A 101 -32.19 19.06 -5.37
C THR A 101 -31.68 17.75 -4.83
N LEU A 102 -31.93 17.52 -3.56
CA LEU A 102 -31.67 16.25 -2.95
C LEU A 102 -32.87 15.35 -3.21
N THR A 103 -32.58 14.08 -3.54
CA THR A 103 -33.63 13.07 -3.72
C THR A 103 -34.13 12.55 -2.38
N SER A 104 -35.21 11.77 -2.45
CA SER A 104 -35.66 10.96 -1.34
C SER A 104 -34.57 10.06 -0.77
N ASP A 105 -33.81 9.36 -1.63
CA ASP A 105 -32.72 8.50 -1.12
C ASP A 105 -31.60 9.33 -0.50
N ASP A 106 -31.30 10.48 -1.08
CA ASP A 106 -30.23 11.38 -0.58
C ASP A 106 -30.45 11.77 0.87
N LEU A 107 -31.71 12.08 1.18
CA LEU A 107 -32.09 12.53 2.49
C LEU A 107 -32.07 11.39 3.52
N LEU A 108 -32.35 10.16 3.09
CA LEU A 108 -32.25 9.04 4.02
C LEU A 108 -30.80 8.74 4.41
N ILE A 109 -29.90 8.72 3.42
CA ILE A 109 -28.44 8.58 3.64
C ILE A 109 -27.89 9.64 4.60
N LEU A 110 -28.30 10.89 4.38
CA LEU A 110 -27.87 12.04 5.17
C LEU A 110 -28.41 11.94 6.60
N ALA A 111 -29.66 11.48 6.76
CA ALA A 111 -30.27 11.22 8.06
C ALA A 111 -29.43 10.27 8.90
N ALA A 112 -28.99 9.18 8.28
CA ALA A 112 -28.25 8.11 8.93
C ALA A 112 -26.87 8.64 9.29
N ASP A 113 -26.25 9.36 8.35
CA ASP A 113 -24.90 9.85 8.55
C ASP A 113 -24.82 10.88 9.66
N LEU A 114 -25.83 11.74 9.77
CA LEU A 114 -25.86 12.78 10.80
C LEU A 114 -26.14 12.15 12.14
N GLU A 115 -26.91 11.06 12.13
CA GLU A 115 -27.18 10.32 13.36
C GLU A 115 -25.91 9.64 13.85
N LYS A 116 -25.09 9.14 12.92
CA LYS A 116 -23.85 8.49 13.27
C LYS A 116 -22.84 9.49 13.73
N LEU A 117 -22.78 10.63 13.03
CA LEU A 117 -21.89 11.73 13.41
C LEU A 117 -22.24 12.27 14.78
N LYS A 118 -23.54 12.40 15.08
CA LYS A 118 -24.03 12.82 16.40
C LYS A 118 -23.43 12.03 17.56
N SER A 119 -23.59 10.71 17.49
CA SER A 119 -22.99 9.77 18.41
C SER A 119 -21.47 9.91 18.46
N LYS A 120 -20.83 10.11 17.30
CA LYS A 120 -19.37 10.24 17.23
C LYS A 120 -18.89 11.47 18.00
N VAL A 121 -19.54 12.61 17.77
CA VAL A 121 -19.05 13.87 18.35
C VAL A 121 -19.35 13.87 19.85
N ILE A 122 -20.51 13.34 20.23
CA ILE A 122 -20.87 13.29 21.65
C ILE A 122 -19.90 12.41 22.39
N ARG A 123 -19.54 11.28 21.80
CA ARG A 123 -18.62 10.34 22.46
C ARG A 123 -17.21 10.89 22.57
N THR A 124 -16.88 11.88 21.72
CA THR A 124 -15.57 12.50 21.69
C THR A 124 -15.45 13.66 22.68
N GLU A 125 -16.49 14.49 22.73
CA GLU A 125 -16.41 15.75 23.44
C GLU A 125 -17.05 15.71 24.84
N ARG A 126 -18.18 15.01 24.98
CA ARG A 126 -18.95 15.07 26.21
C ARG A 126 -18.20 14.61 27.47
N PRO A 127 -17.25 13.66 27.34
CA PRO A 127 -16.54 13.23 28.54
C PRO A 127 -15.54 14.22 29.08
N LEU A 128 -15.07 15.15 28.24
CA LEU A 128 -14.31 16.33 28.68
C LEU A 128 -14.98 17.12 29.79
N SER A 129 -16.31 17.07 29.81
CA SER A 129 -17.10 17.76 30.83
C SER A 129 -17.94 16.83 31.73
N ALA A 130 -18.57 15.80 31.15
CA ALA A 130 -19.35 14.84 31.95
C ALA A 130 -18.44 14.00 32.83
N GLY A 131 -17.28 13.59 32.29
CA GLY A 131 -16.24 12.91 33.11
C GLY A 131 -16.36 11.39 33.10
N VAL A 132 -15.26 10.70 33.43
CA VAL A 132 -15.18 9.22 33.41
C VAL A 132 -14.59 8.76 34.74
N TYR A 133 -15.33 7.91 35.45
CA TYR A 133 -14.85 7.47 36.74
C TYR A 133 -13.59 6.58 36.54
N MET A 134 -12.53 6.87 37.29
CA MET A 134 -11.25 6.16 37.21
C MET A 134 -10.70 5.75 38.59
N GLY A 135 -11.59 5.49 39.55
CA GLY A 135 -11.17 5.10 40.90
C GLY A 135 -11.08 3.59 41.05
N ASN A 136 -11.85 3.07 42.00
CA ASN A 136 -11.79 1.66 42.36
C ASN A 136 -12.52 0.72 41.39
N LEU A 137 -11.73 0.18 40.47
CA LEU A 137 -12.23 -0.58 39.33
C LEU A 137 -11.22 -1.67 38.98
N SER A 138 -11.69 -2.68 38.26
CA SER A 138 -10.82 -3.75 37.74
C SER A 138 -9.69 -3.26 36.83
N SER A 139 -8.66 -4.09 36.67
CA SER A 139 -7.62 -3.84 35.67
C SER A 139 -8.23 -3.73 34.25
N GLN A 140 -9.17 -4.62 33.94
CA GLN A 140 -9.85 -4.67 32.64
C GLN A 140 -10.59 -3.36 32.31
N GLN A 141 -11.40 -2.90 33.28
CA GLN A 141 -12.13 -1.63 33.19
C GLN A 141 -11.22 -0.41 33.06
N LEU A 142 -10.19 -0.31 33.91
CA LEU A 142 -9.25 0.81 33.85
C LEU A 142 -8.55 0.91 32.49
N ASP A 143 -8.14 -0.22 31.93
CA ASP A 143 -7.43 -0.24 30.63
C ASP A 143 -8.32 0.24 29.49
N GLN A 144 -9.58 -0.22 29.51
CA GLN A 144 -10.55 0.12 28.47
C GLN A 144 -10.84 1.60 28.57
N ARG A 145 -11.09 2.06 29.79
CA ARG A 145 -11.29 3.48 30.09
C ARG A 145 -10.11 4.37 29.70
N ARG A 146 -8.87 3.90 29.93
CA ARG A 146 -7.65 4.63 29.54
C ARG A 146 -7.55 4.69 28.01
N ALA A 147 -8.03 3.64 27.34
CA ALA A 147 -7.95 3.57 25.90
C ALA A 147 -8.90 4.59 25.30
N LEU A 148 -10.10 4.69 25.88
CA LEU A 148 -11.05 5.74 25.48
C LEU A 148 -10.51 7.13 25.76
N LEU A 149 -9.96 7.33 26.96
CA LEU A 149 -9.37 8.65 27.33
C LEU A 149 -8.22 9.05 26.40
N ASN A 150 -7.45 8.08 25.91
CA ASN A 150 -6.37 8.38 24.98
C ASN A 150 -6.86 8.72 23.56
N MET A 151 -8.03 8.21 23.21
CA MET A 151 -8.63 8.43 21.89
C MET A 151 -9.12 9.87 21.73
N ILE A 152 -9.57 10.45 22.84
CA ILE A 152 -10.27 11.72 22.83
C ILE A 152 -9.44 12.87 23.38
N GLY A 153 -8.16 12.62 23.64
CA GLY A 153 -7.22 13.66 24.09
C GLY A 153 -7.35 14.12 25.54
N MET A 154 -7.74 13.22 26.44
CA MET A 154 -7.92 13.61 27.86
C MET A 154 -6.72 13.35 28.76
N ASP A 166 -12.47 12.14 44.09
CA ASP A 166 -13.66 11.33 43.80
C ASP A 166 -13.41 10.35 42.65
N GLY A 167 -12.16 10.32 42.18
CA GLY A 167 -11.77 9.42 41.10
C GLY A 167 -12.34 9.67 39.70
N VAL A 168 -13.14 10.73 39.51
CA VAL A 168 -13.63 11.11 38.16
C VAL A 168 -12.67 12.06 37.42
N VAL A 169 -12.24 11.63 36.23
CA VAL A 169 -11.35 12.39 35.35
C VAL A 169 -12.27 13.29 34.51
N ARG A 170 -12.13 14.61 34.65
CA ARG A 170 -12.79 15.58 33.74
C ARG A 170 -11.97 16.85 33.55
N VAL A 171 -12.06 17.43 32.36
CA VAL A 171 -11.27 18.58 32.01
C VAL A 171 -12.03 19.87 32.28
N TRP A 172 -13.33 19.91 31.96
CA TRP A 172 -14.15 21.08 32.28
C TRP A 172 -15.13 20.81 33.40
N ASP A 173 -14.98 21.56 34.50
CA ASP A 173 -15.91 21.54 35.63
C ASP A 173 -16.79 22.78 35.61
N VAL A 174 -17.86 22.68 34.87
CA VAL A 174 -18.70 23.83 34.53
C VAL A 174 -20.18 23.62 34.84
N LYS A 175 -20.90 24.73 35.05
CA LYS A 175 -22.32 24.69 35.40
C LYS A 175 -23.14 24.40 34.15
N ASN A 176 -22.80 25.06 33.05
CA ASN A 176 -23.53 24.89 31.79
C ASN A 176 -22.60 24.50 30.64
N ALA A 177 -22.59 23.20 30.37
CA ALA A 177 -21.70 22.60 29.37
C ALA A 177 -22.01 23.02 27.95
N GLU A 178 -23.20 23.58 27.74
CA GLU A 178 -23.59 24.02 26.39
C GLU A 178 -22.78 25.26 25.96
N LEU A 179 -22.11 25.87 26.94
CA LEU A 179 -21.24 27.02 26.70
C LEU A 179 -19.83 26.63 26.20
N LEU A 180 -19.52 25.33 26.20
CA LEU A 180 -18.33 24.86 25.51
C LEU A 180 -18.61 24.84 24.00
N ASN A 181 -19.88 24.74 23.60
CA ASN A 181 -20.21 24.53 22.17
C ASN A 181 -19.59 25.60 21.26
N ASN A 182 -18.76 25.16 20.31
CA ASN A 182 -18.16 26.02 19.27
C ASN A 182 -17.14 27.07 19.73
N GLN A 183 -16.48 26.84 20.88
CA GLN A 183 -15.52 27.81 21.41
C GLN A 183 -14.07 27.41 21.17
N PHE A 184 -13.88 26.32 20.45
CA PHE A 184 -12.57 25.72 20.31
C PHE A 184 -11.97 25.67 18.87
N GLY A 185 -12.76 26.13 17.90
CA GLY A 185 -12.38 26.11 16.49
C GLY A 185 -11.20 26.97 16.07
N THR A 186 -10.44 26.45 15.11
CA THR A 186 -9.27 27.21 14.59
C THR A 186 -9.68 28.07 13.43
N MET A 187 -9.01 29.22 13.27
CA MET A 187 -9.34 30.21 12.25
C MET A 187 -8.06 30.70 11.61
N PRO A 188 -7.98 30.65 10.28
CA PRO A 188 -6.70 31.09 9.71
C PRO A 188 -6.26 32.52 10.11
N SER A 189 -7.19 33.50 10.13
CA SER A 189 -6.81 34.88 10.48
C SER A 189 -6.22 35.04 11.88
N LEU A 190 -6.78 34.30 12.83
CA LEU A 190 -6.22 34.21 14.18
C LEU A 190 -4.90 33.48 14.21
N THR A 191 -4.79 32.32 13.55
CA THR A 191 -3.51 31.63 13.52
C THR A 191 -2.44 32.58 12.95
N LEU A 192 -2.75 33.23 11.81
CA LEU A 192 -1.80 34.18 11.21
C LEU A 192 -1.44 35.34 12.16
N ALA A 193 -2.42 35.86 12.89
CA ALA A 193 -2.17 37.03 13.74
C ALA A 193 -1.38 36.61 14.99
N CYS A 194 -1.72 35.46 15.56
CA CYS A 194 -0.93 34.92 16.69
C CYS A 194 0.48 34.49 16.27
N LEU A 195 0.66 33.82 15.12
CA LEU A 195 2.04 33.50 14.69
C LEU A 195 2.91 34.77 14.58
N THR A 196 2.32 35.86 14.08
CA THR A 196 3.06 37.12 13.89
C THR A 196 3.45 37.84 15.20
N LYS A 197 2.43 38.16 15.99
CA LYS A 197 2.62 38.88 17.23
C LYS A 197 3.41 38.00 18.23
N GLN A 198 2.88 36.82 18.53
CA GLN A 198 3.49 35.94 19.55
C GLN A 198 4.83 35.34 19.13
N GLY A 199 4.96 35.05 17.84
CA GLY A 199 6.21 34.54 17.28
C GLY A 199 7.27 35.61 17.11
N GLN A 200 6.85 36.87 17.14
CA GLN A 200 7.73 38.02 16.94
C GLN A 200 8.40 38.09 15.54
N VAL A 201 7.58 37.97 14.49
CA VAL A 201 8.04 38.12 13.11
C VAL A 201 7.07 39.06 12.35
N ASP A 202 7.48 39.57 11.18
CA ASP A 202 6.57 40.41 10.36
C ASP A 202 5.55 39.50 9.68
N LEU A 203 4.33 40.02 9.53
CA LEU A 203 3.19 39.32 8.87
C LEU A 203 3.60 38.68 7.55
N ASN A 204 4.37 39.40 6.73
CA ASN A 204 4.90 38.91 5.46
C ASN A 204 5.65 37.57 5.59
N ASP A 205 6.40 37.42 6.68
CA ASP A 205 7.22 36.23 6.93
C ASP A 205 6.38 35.01 7.36
N ALA A 206 5.32 35.29 8.11
CA ALA A 206 4.32 34.30 8.44
C ALA A 206 3.53 33.81 7.22
N VAL A 207 3.11 34.72 6.36
CA VAL A 207 2.38 34.33 5.13
C VAL A 207 3.23 33.48 4.20
N GLN A 208 4.47 33.92 3.96
CA GLN A 208 5.48 33.11 3.27
C GLN A 208 5.46 31.66 3.74
N ALA A 209 5.71 31.47 5.04
CA ALA A 209 5.79 30.13 5.65
C ALA A 209 4.53 29.28 5.44
N LEU A 210 3.38 29.89 5.72
CA LEU A 210 2.11 29.18 5.58
C LEU A 210 1.81 28.93 4.08
N THR A 211 2.26 29.84 3.22
CA THR A 211 2.03 29.68 1.79
C THR A 211 2.76 28.42 1.33
N ASP A 212 3.99 28.24 1.83
CA ASP A 212 4.83 27.09 1.51
C ASP A 212 4.23 25.77 2.02
N LEU A 213 3.64 25.84 3.21
CA LEU A 213 2.97 24.71 3.83
C LEU A 213 1.75 24.34 3.02
N GLY A 214 1.03 25.37 2.56
CA GLY A 214 -0.18 25.17 1.73
C GLY A 214 0.18 24.43 0.44
N LEU A 215 1.29 24.85 -0.17
CA LEU A 215 1.77 24.26 -1.42
C LEU A 215 1.91 22.74 -1.30
N ILE A 216 2.54 22.29 -0.20
CA ILE A 216 2.73 20.88 0.08
C ILE A 216 1.34 20.23 0.15
N TYR A 217 0.41 20.96 0.76
CA TYR A 217 -0.93 20.48 1.07
C TYR A 217 -1.75 20.22 -0.18
N THR A 218 -1.31 20.79 -1.31
CA THR A 218 -1.98 20.52 -2.58
C THR A 218 -1.70 19.09 -3.04
N ALA A 219 -0.62 18.51 -2.55
CA ALA A 219 -0.18 17.18 -3.02
C ALA A 219 -0.20 16.07 -1.94
N LYS A 220 -0.30 16.47 -0.67
CA LYS A 220 -0.32 15.48 0.42
C LYS A 220 -0.65 16.17 1.72
N TYR A 221 -0.95 15.38 2.74
CA TYR A 221 -1.09 15.96 4.06
C TYR A 221 0.32 16.05 4.69
N PRO A 222 0.77 17.28 4.99
CA PRO A 222 2.09 17.51 5.60
C PRO A 222 2.32 16.69 6.88
N ASN A 223 3.43 15.96 6.94
CA ASN A 223 3.79 15.16 8.14
C ASN A 223 4.88 15.86 8.96
N THR A 224 5.37 15.24 10.05
CA THR A 224 6.40 15.90 10.87
C THR A 224 7.68 16.09 10.03
N SER A 225 7.99 15.11 9.19
CA SER A 225 9.10 15.23 8.23
C SER A 225 8.99 16.47 7.33
N ASP A 226 7.77 16.78 6.87
CA ASP A 226 7.54 17.98 6.07
C ASP A 226 7.73 19.28 6.88
N LEU A 227 7.18 19.35 8.09
CA LEU A 227 7.32 20.59 8.90
C LEU A 227 8.77 20.86 9.26
N ASP A 228 9.47 19.79 9.61
CA ASP A 228 10.85 19.83 10.06
C ASP A 228 11.68 20.47 8.98
N ARG A 229 11.54 19.96 7.76
CA ARG A 229 12.18 20.55 6.58
C ARG A 229 11.78 21.99 6.27
N LEU A 230 10.50 22.33 6.44
CA LEU A 230 10.06 23.71 6.22
C LEU A 230 10.66 24.65 7.23
N THR A 231 10.79 24.16 8.47
CA THR A 231 11.19 25.01 9.58
C THR A 231 12.65 25.43 9.44
N GLN A 232 13.41 24.67 8.64
CA GLN A 232 14.80 25.02 8.36
C GLN A 232 14.94 26.32 7.53
N SER A 233 13.95 26.62 6.68
CA SER A 233 13.95 27.82 5.83
C SER A 233 13.03 28.90 6.43
N HIS A 234 12.05 28.45 7.21
CA HIS A 234 11.08 29.33 7.82
C HIS A 234 10.95 29.02 9.31
N PRO A 235 11.81 29.65 10.15
CA PRO A 235 11.88 29.48 11.60
C PRO A 235 10.54 29.62 12.36
N ILE A 236 9.68 30.56 11.98
CA ILE A 236 8.36 30.74 12.60
C ILE A 236 7.56 29.43 12.78
N LEU A 237 7.70 28.50 11.84
CA LEU A 237 6.97 27.22 11.92
C LEU A 237 7.48 26.32 13.07
N ASN A 238 8.61 26.67 13.68
CA ASN A 238 9.03 25.98 14.91
C ASN A 238 8.05 26.11 16.09
N MET A 239 7.07 27.02 15.98
CA MET A 239 6.06 27.20 17.02
C MET A 239 5.00 26.11 16.99
N ILE A 240 4.93 25.40 15.86
CA ILE A 240 3.98 24.31 15.70
C ILE A 240 4.53 23.04 16.34
N ASP A 241 3.80 22.52 17.33
CA ASP A 241 4.15 21.23 17.92
C ASP A 241 3.37 20.17 17.19
N THR A 242 4.11 19.26 16.57
CA THR A 242 3.57 18.33 15.60
C THR A 242 3.13 17.02 16.23
N LYS A 243 3.73 16.68 17.36
CA LYS A 243 3.36 15.50 18.12
C LYS A 243 2.15 15.78 19.02
N LYS A 244 1.47 16.91 18.77
CA LYS A 244 0.29 17.35 19.54
C LYS A 244 -1.00 16.66 19.03
N SER A 245 -2.14 17.37 18.95
CA SER A 245 -3.43 16.80 18.41
C SER A 245 -4.60 17.78 18.29
N SER A 246 -5.54 17.50 17.35
CA SER A 246 -6.73 18.36 17.15
C SER A 246 -7.62 18.46 18.40
N LEU A 247 -7.50 17.51 19.32
CA LEU A 247 -8.48 17.41 20.41
C LEU A 247 -8.09 18.16 21.69
N ASN A 248 -9.11 18.56 22.45
CA ASN A 248 -8.94 19.24 23.75
C ASN A 248 -8.16 20.57 23.74
N ILE A 249 -8.01 21.16 22.55
CA ILE A 249 -7.26 22.39 22.44
C ILE A 249 -8.14 23.51 21.94
N SER A 250 -7.51 24.60 21.51
CA SER A 250 -8.27 25.77 21.16
C SER A 250 -7.77 26.42 19.91
N GLY A 251 -8.50 27.44 19.49
CA GLY A 251 -8.09 28.32 18.37
C GLY A 251 -6.84 29.13 18.67
N TYR A 252 -6.43 29.16 19.92
CA TYR A 252 -5.19 29.89 20.31
C TYR A 252 -3.92 29.03 20.36
N ASN A 253 -4.06 27.74 20.06
CA ASN A 253 -2.92 26.80 20.03
C ASN A 253 -2.46 26.48 18.61
N PHE A 254 -1.17 26.28 18.48
CA PHE A 254 -0.52 26.24 17.18
C PHE A 254 -0.38 24.82 16.64
N SER A 255 -1.51 24.15 16.44
CA SER A 255 -1.47 22.79 15.93
C SER A 255 -1.00 22.75 14.47
N LEU A 256 -0.46 21.62 14.03
CA LEU A 256 -0.25 21.44 12.58
C LEU A 256 -1.58 21.58 11.81
N GLY A 257 -2.65 21.06 12.37
CA GLY A 257 -4.00 21.26 11.81
C GLY A 257 -4.36 22.71 11.56
N ALA A 258 -4.06 23.57 12.54
CA ALA A 258 -4.25 25.01 12.40
C ALA A 258 -3.45 25.64 11.25
N ALA A 259 -2.15 25.34 11.22
CA ALA A 259 -1.30 25.92 10.19
C ALA A 259 -1.71 25.43 8.80
N VAL A 260 -2.00 24.14 8.67
CA VAL A 260 -2.37 23.57 7.36
C VAL A 260 -3.63 24.26 6.77
N LYS A 261 -4.59 24.57 7.65
CA LYS A 261 -5.79 25.32 7.25
C LYS A 261 -5.49 26.78 6.84
N ALA A 262 -4.64 27.43 7.61
CA ALA A 262 -4.27 28.79 7.27
C ALA A 262 -3.48 28.81 5.95
N GLY A 263 -2.58 27.85 5.81
CA GLY A 263 -1.77 27.70 4.60
C GLY A 263 -2.62 27.48 3.37
N ALA A 264 -3.72 26.74 3.54
CA ALA A 264 -4.65 26.47 2.43
C ALA A 264 -5.44 27.68 1.97
N CYS A 265 -5.45 28.73 2.78
CA CYS A 265 -6.11 30.00 2.44
C CYS A 265 -5.19 30.97 1.73
N MET A 266 -3.91 30.65 1.75
CA MET A 266 -2.88 31.51 1.19
C MET A 266 -2.68 31.24 -0.30
N LEU A 267 -3.54 30.39 -0.85
CA LEU A 267 -3.34 29.95 -2.23
C LEU A 267 -3.92 30.79 -3.34
N ASP A 268 -5.18 31.24 -3.15
CA ASP A 268 -5.98 31.84 -4.24
C ASP A 268 -5.96 30.96 -5.49
N GLY A 269 -6.93 30.05 -5.55
CA GLY A 269 -6.89 28.92 -6.46
C GLY A 269 -6.44 27.68 -5.71
N GLY A 270 -6.52 26.54 -6.37
CA GLY A 270 -6.08 25.28 -5.77
C GLY A 270 -7.20 24.36 -5.32
N ASN A 271 -8.45 24.83 -5.43
CA ASN A 271 -9.63 24.02 -5.07
C ASN A 271 -9.66 23.54 -3.62
N MET A 272 -9.13 24.37 -2.73
CA MET A 272 -8.96 23.97 -1.34
C MET A 272 -10.30 24.02 -0.64
N LEU A 273 -10.72 22.90 -0.04
CA LEU A 273 -11.97 22.81 0.73
C LEU A 273 -12.15 23.92 1.78
N GLU A 274 -11.04 24.33 2.38
CA GLU A 274 -11.02 25.36 3.42
C GLU A 274 -11.61 26.69 2.90
N THR A 275 -11.56 26.89 1.60
CA THR A 275 -12.08 28.11 1.01
C THR A 275 -13.56 28.12 0.62
N ILE A 276 -14.26 27.01 0.86
CA ILE A 276 -15.63 26.91 0.38
C ILE A 276 -16.56 27.88 1.11
N LYS A 277 -17.52 28.46 0.36
CA LYS A 277 -18.60 29.27 0.93
C LYS A 277 -19.95 28.56 0.74
N VAL A 278 -20.81 28.68 1.74
CA VAL A 278 -22.15 28.07 1.65
C VAL A 278 -23.16 29.18 1.84
N SER A 279 -24.29 29.08 1.14
CA SER A 279 -25.44 29.92 1.37
C SER A 279 -26.66 29.01 1.32
N PRO A 280 -27.83 29.51 1.78
CA PRO A 280 -28.99 28.65 1.58
C PRO A 280 -29.28 28.37 0.10
N GLN A 281 -28.74 29.18 -0.80
CA GLN A 281 -28.88 28.95 -2.23
C GLN A 281 -28.13 27.71 -2.69
N THR A 282 -27.04 27.40 -2.00
CA THR A 282 -26.12 26.37 -2.48
C THR A 282 -25.92 25.20 -1.53
N MET A 283 -26.51 25.24 -0.33
CA MET A 283 -26.27 24.16 0.64
C MET A 283 -26.71 22.78 0.11
N ASP A 284 -27.89 22.70 -0.50
CA ASP A 284 -28.35 21.41 -1.02
C ASP A 284 -27.41 20.81 -2.08
N GLY A 285 -26.87 21.67 -2.95
CA GLY A 285 -26.06 21.25 -4.07
C GLY A 285 -24.71 20.75 -3.62
N ILE A 286 -24.13 21.47 -2.66
CA ILE A 286 -22.90 21.07 -2.00
C ILE A 286 -23.04 19.67 -1.40
N LEU A 287 -24.06 19.47 -0.56
CA LEU A 287 -24.28 18.15 0.05
C LEU A 287 -24.45 17.05 -0.98
N LYS A 288 -25.13 17.38 -2.08
CA LYS A 288 -25.36 16.43 -3.17
C LYS A 288 -24.06 15.97 -3.81
N SER A 289 -23.12 16.91 -4.00
CA SER A 289 -21.77 16.65 -4.52
C SER A 289 -20.92 15.82 -3.56
N ILE A 290 -21.03 16.14 -2.28
CA ILE A 290 -20.42 15.34 -1.20
C ILE A 290 -20.94 13.88 -1.24
N LEU A 291 -22.25 13.73 -1.34
CA LEU A 291 -22.92 12.43 -1.48
C LEU A 291 -22.46 11.67 -2.75
N LYS A 292 -22.21 12.38 -3.86
CA LYS A 292 -21.60 11.78 -5.06
C LYS A 292 -20.23 11.18 -4.75
N VAL A 293 -19.37 11.95 -4.09
CA VAL A 293 -18.03 11.45 -3.72
C VAL A 293 -18.09 10.30 -2.73
N LYS A 294 -19.06 10.35 -1.83
CA LYS A 294 -19.26 9.30 -0.83
C LYS A 294 -19.55 7.96 -1.45
N LYS A 295 -20.39 7.95 -2.47
CA LYS A 295 -20.86 6.73 -3.11
C LYS A 295 -19.74 6.14 -3.96
N ALA A 296 -18.93 7.02 -4.53
CA ALA A 296 -17.80 6.66 -5.40
C ALA A 296 -16.58 6.04 -4.70
N LEU A 297 -16.38 6.40 -3.43
CA LEU A 297 -15.14 6.10 -2.72
C LEU A 297 -15.43 5.25 -1.49
N GLY A 298 -16.71 5.09 -1.21
CA GLY A 298 -17.18 4.49 0.04
C GLY A 298 -16.72 5.25 1.27
N MET A 299 -16.95 6.57 1.32
CA MET A 299 -16.65 7.30 2.55
C MET A 299 -17.74 6.96 3.56
N PHE A 300 -17.43 7.11 4.85
CA PHE A 300 -18.39 6.78 5.92
C PHE A 300 -18.16 7.65 7.12
N ILE A 301 -19.13 7.72 8.03
CA ILE A 301 -18.78 8.15 9.39
C ILE A 301 -18.29 6.90 10.11
N SER A 302 -17.15 7.02 10.78
CA SER A 302 -16.61 5.93 11.60
C SER A 302 -17.38 5.86 12.93
N ASP A 303 -17.32 4.73 13.62
CA ASP A 303 -17.89 4.64 14.95
C ASP A 303 -16.84 4.74 16.06
N THR A 304 -15.64 5.22 15.72
CA THR A 304 -14.61 5.45 16.73
C THR A 304 -14.66 6.93 17.09
N PRO A 305 -14.69 7.27 18.40
CA PRO A 305 -14.51 8.66 18.85
C PRO A 305 -13.10 9.11 18.58
N GLY A 306 -12.90 10.41 18.43
CA GLY A 306 -11.57 10.96 18.27
C GLY A 306 -11.52 11.86 17.06
N GLU A 307 -10.47 11.73 16.28
CA GLU A 307 -10.24 12.64 15.15
C GLU A 307 -11.15 12.37 13.94
N ARG A 308 -11.48 13.41 13.20
CA ARG A 308 -12.43 13.23 12.10
C ARG A 308 -11.77 12.92 10.77
N ASN A 309 -12.30 11.91 10.08
CA ASN A 309 -11.93 11.73 8.67
C ASN A 309 -12.47 12.89 7.78
N PRO A 310 -11.89 13.11 6.55
CA PRO A 310 -12.36 14.19 5.66
C PRO A 310 -13.90 14.36 5.56
N TYR A 311 -14.62 13.24 5.54
CA TYR A 311 -16.05 13.28 5.32
C TYR A 311 -16.78 13.69 6.57
N GLU A 312 -16.45 13.03 7.69
CA GLU A 312 -16.98 13.41 8.99
C GLU A 312 -16.80 14.92 9.14
N ASN A 313 -15.64 15.40 8.71
CA ASN A 313 -15.27 16.81 8.84
C ASN A 313 -16.14 17.75 8.00
N ILE A 314 -16.20 17.50 6.70
CA ILE A 314 -16.97 18.40 5.83
C ILE A 314 -18.47 18.41 6.25
N LEU A 315 -19.00 17.25 6.60
CA LEU A 315 -20.39 17.09 7.00
C LEU A 315 -20.67 17.85 8.27
N TYR A 316 -19.86 17.64 9.31
CA TYR A 316 -19.97 18.44 10.52
C TYR A 316 -19.95 19.94 10.26
N LYS A 317 -18.97 20.40 9.50
CA LYS A 317 -18.81 21.83 9.27
C LYS A 317 -19.96 22.46 8.45
N ILE A 318 -20.34 21.83 7.37
CA ILE A 318 -21.37 22.39 6.49
C ILE A 318 -22.71 22.40 7.21
N CYS A 319 -22.95 21.38 8.04
CA CYS A 319 -24.20 21.33 8.79
C CYS A 319 -24.29 22.30 9.98
N LEU A 320 -23.15 22.74 10.53
CA LEU A 320 -23.16 23.70 11.64
C LEU A 320 -23.88 24.99 11.23
N SER A 321 -23.74 25.38 9.96
CA SER A 321 -24.40 26.62 9.50
C SER A 321 -24.71 26.69 8.00
N GLY A 322 -25.96 27.01 7.70
CA GLY A 322 -26.37 27.29 6.32
C GLY A 322 -25.78 28.51 5.65
N ASP A 323 -25.05 29.35 6.40
CA ASP A 323 -24.52 30.58 5.83
C ASP A 323 -23.13 30.91 6.40
N GLY A 324 -22.10 30.63 5.61
CA GLY A 324 -20.76 31.01 6.00
C GLY A 324 -19.64 30.34 5.23
N TRP A 325 -18.43 30.40 5.80
CA TRP A 325 -17.29 29.66 5.33
C TRP A 325 -17.12 28.65 6.43
N PRO A 326 -17.62 27.42 6.23
CA PRO A 326 -17.67 26.56 7.39
C PRO A 326 -16.28 26.14 7.88
N TYR A 327 -15.28 26.17 7.00
CA TYR A 327 -13.95 25.71 7.40
C TYR A 327 -13.15 26.75 8.18
N ILE A 328 -13.32 28.05 7.87
CA ILE A 328 -12.36 29.10 8.22
C ILE A 328 -12.95 30.38 8.86
N ALA A 329 -14.27 30.44 8.98
CA ALA A 329 -14.95 31.56 9.59
C ALA A 329 -14.85 31.51 11.10
N SER A 330 -14.95 32.65 11.75
CA SER A 330 -15.29 32.60 13.17
C SER A 330 -16.67 31.91 13.35
N ARG A 331 -16.72 30.94 14.24
CA ARG A 331 -17.89 30.09 14.49
C ARG A 331 -18.29 30.21 15.98
N THR A 332 -17.55 31.04 16.70
CA THR A 332 -17.66 31.14 18.18
C THR A 332 -18.97 31.77 18.65
N SER A 333 -19.68 32.44 17.75
CA SER A 333 -20.99 33.02 18.06
C SER A 333 -22.14 32.04 17.87
N ILE A 334 -21.90 30.97 17.12
CA ILE A 334 -22.92 29.97 16.81
C ILE A 334 -23.30 29.19 18.04
N THR A 335 -24.60 29.10 18.29
CA THR A 335 -25.11 28.15 19.26
C THR A 335 -25.57 26.92 18.48
N GLY A 336 -25.74 25.82 19.18
CA GLY A 336 -26.24 24.60 18.55
C GLY A 336 -25.18 23.70 17.94
N ARG A 337 -25.56 22.44 17.86
CA ARG A 337 -24.80 21.40 17.19
C ARG A 337 -25.20 21.27 15.72
N ALA A 338 -24.28 20.77 14.89
CA ALA A 338 -24.58 20.52 13.49
C ALA A 338 -25.87 19.70 13.25
N TRP A 339 -26.07 18.64 14.05
CA TRP A 339 -27.31 17.82 13.99
C TRP A 339 -28.54 18.55 14.51
N GLU A 340 -28.35 19.67 15.20
CA GLU A 340 -29.49 20.50 15.58
C GLU A 340 -29.77 21.58 14.52
N ASN A 341 -28.71 22.18 14.00
CA ASN A 341 -28.81 23.27 13.02
C ASN A 341 -29.16 22.88 11.58
N THR A 342 -29.03 21.59 11.25
CA THR A 342 -29.38 21.07 9.94
C THR A 342 -30.23 19.80 10.13
N VAL A 343 -31.49 19.86 9.73
CA VAL A 343 -32.39 18.71 9.92
C VAL A 343 -32.96 18.20 8.61
N VAL A 344 -33.30 16.91 8.61
CA VAL A 344 -33.90 16.30 7.45
C VAL A 344 -35.40 16.13 7.61
N ASP A 345 -36.13 16.41 6.53
CA ASP A 345 -37.60 16.34 6.53
C ASP A 345 -38.10 15.62 5.29
N LEU A 346 -39.09 14.74 5.46
CA LEU A 346 -39.72 13.99 4.37
C LEU A 346 -40.87 13.14 4.92
N GLU A 347 -41.89 12.89 4.10
CA GLU A 347 -42.95 11.95 4.48
C GLU A 347 -43.34 11.03 3.32
N GLY A 372 -36.49 0.75 19.84
CA GLY A 372 -35.46 0.97 20.84
C GLY A 372 -34.41 1.97 20.38
N LEU A 373 -33.26 1.94 21.04
CA LEU A 373 -32.12 2.77 20.62
C LEU A 373 -31.39 2.10 19.44
N THR A 374 -30.78 2.92 18.57
CA THR A 374 -29.87 2.46 17.51
C THR A 374 -28.51 2.04 18.09
N TYR A 375 -27.71 1.31 17.33
CA TYR A 375 -26.37 0.89 17.76
C TYR A 375 -25.53 2.10 18.14
N SER A 376 -25.66 3.18 17.36
CA SER A 376 -24.99 4.46 17.63
C SER A 376 -25.48 5.09 18.96
N GLN A 377 -26.76 4.94 19.27
CA GLN A 377 -27.28 5.48 20.53
C GLN A 377 -26.81 4.64 21.75
N LEU A 378 -26.80 3.32 21.60
CA LEU A 378 -26.32 2.40 22.64
C LEU A 378 -24.87 2.69 23.04
N MET A 379 -24.01 2.87 22.02
CA MET A 379 -22.60 3.19 22.23
C MET A 379 -22.48 4.48 23.05
N THR A 380 -23.23 5.50 22.62
CA THR A 380 -23.28 6.77 23.34
C THR A 380 -23.60 6.52 24.82
N LEU A 381 -24.65 5.73 25.08
CA LEU A 381 -25.16 5.44 26.42
C LEU A 381 -24.12 4.72 27.25
N LYS A 382 -23.45 3.74 26.61
CA LYS A 382 -22.51 2.90 27.36
C LYS A 382 -21.36 3.76 27.86
N ASP A 383 -20.92 4.66 27.00
CA ASP A 383 -19.93 5.66 27.34
C ASP A 383 -20.44 6.65 28.42
N ALA A 384 -21.67 7.15 28.29
CA ALA A 384 -22.23 8.05 29.33
C ALA A 384 -22.21 7.42 30.75
N MET A 385 -22.52 6.13 30.83
CA MET A 385 -22.53 5.36 32.09
C MET A 385 -21.20 5.27 32.88
N LEU A 386 -20.09 5.46 32.16
CA LEU A 386 -18.73 5.50 32.73
C LEU A 386 -18.52 6.56 33.79
N GLN A 387 -19.33 7.63 33.77
CA GLN A 387 -19.34 8.63 34.84
C GLN A 387 -19.70 8.02 36.22
N LEU A 388 -20.49 6.95 36.24
CA LEU A 388 -21.00 6.39 37.52
C LEU A 388 -19.86 5.86 38.41
N ASP A 389 -19.96 6.05 39.71
CA ASP A 389 -19.09 5.34 40.65
C ASP A 389 -19.82 4.06 41.14
N PRO A 390 -19.40 2.89 40.63
CA PRO A 390 -20.08 1.62 40.98
C PRO A 390 -20.03 1.33 42.49
N ASN A 391 -19.14 2.00 43.22
CA ASN A 391 -18.94 1.77 44.64
C ASN A 391 -19.72 2.75 45.54
N ALA A 392 -20.25 3.79 44.91
CA ALA A 392 -20.89 4.86 45.64
C ALA A 392 -22.31 4.49 45.99
N LYS A 393 -22.82 5.13 47.05
CA LYS A 393 -24.22 5.03 47.40
C LYS A 393 -25.05 5.42 46.15
N THR A 394 -25.99 4.55 45.76
CA THR A 394 -26.86 4.82 44.58
C THR A 394 -28.32 4.60 44.96
N TRP A 395 -29.15 5.62 44.75
CA TRP A 395 -30.57 5.49 45.01
C TRP A 395 -31.34 5.16 43.73
N MET A 396 -32.45 4.45 43.87
CA MET A 396 -33.31 4.28 42.73
C MET A 396 -34.74 4.36 43.16
N ASP A 397 -35.53 4.93 42.26
CA ASP A 397 -36.95 5.12 42.47
C ASP A 397 -37.64 5.08 41.10
N ILE A 398 -38.89 4.62 41.08
CA ILE A 398 -39.65 4.55 39.83
C ILE A 398 -41.06 5.13 40.04
N GLU A 399 -41.69 5.58 38.95
CA GLU A 399 -43.12 5.90 38.95
C GLU A 399 -43.80 5.00 37.92
N GLY A 400 -45.01 4.56 38.22
CA GLY A 400 -45.60 3.38 37.58
C GLY A 400 -45.26 2.10 38.32
N ARG A 401 -46.10 1.08 38.14
CA ARG A 401 -45.86 -0.22 38.72
C ARG A 401 -44.64 -0.90 38.05
N PRO A 402 -44.03 -1.87 38.74
CA PRO A 402 -42.77 -2.38 38.21
C PRO A 402 -42.90 -3.06 36.86
N GLU A 403 -44.09 -3.60 36.57
CA GLU A 403 -44.38 -4.23 35.29
C GLU A 403 -44.52 -3.22 34.14
N ASP A 404 -44.57 -1.93 34.47
CA ASP A 404 -44.95 -0.92 33.49
C ASP A 404 -44.52 0.47 33.96
N PRO A 405 -43.20 0.66 34.15
CA PRO A 405 -42.76 1.93 34.72
C PRO A 405 -42.82 3.06 33.67
N VAL A 406 -43.06 4.30 34.13
CA VAL A 406 -43.17 5.44 33.20
C VAL A 406 -42.12 6.51 33.54
N GLU A 407 -41.50 6.37 34.71
CA GLU A 407 -40.40 7.27 35.12
C GLU A 407 -39.38 6.57 36.02
N ILE A 408 -38.14 6.50 35.55
CA ILE A 408 -37.05 5.89 36.30
C ILE A 408 -35.90 6.86 36.61
N ALA A 409 -35.37 6.73 37.82
CA ALA A 409 -34.28 7.60 38.24
C ALA A 409 -33.34 6.91 39.21
N LEU A 410 -32.03 7.10 38.99
CA LEU A 410 -30.98 6.70 39.92
C LEU A 410 -30.14 7.94 40.27
N TYR A 411 -29.74 8.00 41.53
CA TYR A 411 -28.98 9.14 42.04
C TYR A 411 -27.83 8.68 42.93
N GLN A 412 -26.68 9.32 42.71
CA GLN A 412 -25.53 9.11 43.52
C GLN A 412 -25.24 10.45 44.20
N PRO A 413 -25.62 10.61 45.49
CA PRO A 413 -25.46 11.89 46.20
C PRO A 413 -24.01 12.39 46.33
N SER A 414 -23.05 11.47 46.38
CA SER A 414 -21.71 11.89 46.74
C SER A 414 -21.03 12.76 45.65
N SER A 415 -21.26 12.39 44.39
CA SER A 415 -20.74 13.16 43.26
C SER A 415 -21.81 14.11 42.73
N GLY A 416 -23.06 13.68 42.83
CA GLY A 416 -24.20 14.45 42.37
C GLY A 416 -24.64 14.05 40.99
N CYS A 417 -24.37 12.82 40.57
CA CYS A 417 -24.87 12.48 39.25
C CYS A 417 -26.14 11.65 39.32
N TYR A 418 -26.93 11.76 38.26
CA TYR A 418 -28.26 11.15 38.17
C TYR A 418 -28.61 10.67 36.78
N ILE A 419 -29.35 9.58 36.76
CA ILE A 419 -29.91 9.03 35.58
C ILE A 419 -31.40 9.30 35.69
N HIS A 420 -32.03 9.88 34.66
CA HIS A 420 -33.49 10.09 34.71
C HIS A 420 -34.03 9.95 33.29
N PHE A 421 -35.10 9.17 33.12
CA PHE A 421 -35.76 8.96 31.81
C PHE A 421 -37.18 8.47 31.97
N PHE A 422 -37.89 8.42 30.87
CA PHE A 422 -39.29 8.05 30.87
C PHE A 422 -39.57 6.83 29.99
N ARG A 423 -40.80 6.32 30.08
CA ARG A 423 -41.26 5.19 29.28
C ARG A 423 -42.77 5.33 29.01
N GLU A 424 -43.20 5.07 27.77
CA GLU A 424 -44.62 4.93 27.43
C GLU A 424 -45.27 3.79 28.20
N PRO A 425 -46.42 4.06 28.85
CA PRO A 425 -47.09 2.95 29.52
C PRO A 425 -47.79 2.07 28.49
N THR A 426 -47.93 0.78 28.79
CA THR A 426 -48.69 -0.15 27.95
C THR A 426 -50.15 -0.26 28.40
N ASP A 427 -50.36 -0.41 29.71
CA ASP A 427 -51.68 -0.46 30.36
C ASP A 427 -52.14 0.97 30.66
N LEU A 428 -52.94 1.52 29.76
CA LEU A 428 -53.39 2.91 29.88
C LEU A 428 -54.35 3.13 31.08
N LYS A 429 -55.25 2.17 31.30
CA LYS A 429 -56.22 2.21 32.40
C LYS A 429 -55.55 2.51 33.74
N GLN A 430 -54.53 1.72 34.08
CA GLN A 430 -53.75 1.84 35.31
C GLN A 430 -52.95 3.17 35.36
N PHE A 431 -52.29 3.52 34.26
CA PHE A 431 -51.63 4.83 34.17
C PHE A 431 -52.54 6.02 34.57
N LYS A 432 -53.80 6.02 34.15
CA LYS A 432 -54.68 7.13 34.53
C LYS A 432 -54.94 7.25 36.06
N GLN A 433 -54.90 6.12 36.78
CA GLN A 433 -55.12 6.14 38.23
C GLN A 433 -53.84 6.64 38.91
N ASP A 434 -52.72 6.12 38.42
CA ASP A 434 -51.38 6.59 38.78
C ASP A 434 -51.18 8.10 38.56
N ALA A 435 -51.66 8.62 37.43
CA ALA A 435 -51.61 10.06 37.18
C ALA A 435 -52.35 10.86 38.24
N LYS A 436 -53.55 10.38 38.55
CA LYS A 436 -54.46 11.05 39.46
C LYS A 436 -53.96 10.95 40.89
N TYR A 437 -53.37 9.81 41.23
CA TYR A 437 -52.98 9.54 42.62
C TYR A 437 -51.51 9.65 43.00
N SER A 438 -50.64 9.79 42.01
CA SER A 438 -49.21 9.74 42.28
C SER A 438 -48.41 10.77 41.48
N HIS A 439 -48.36 10.60 40.15
CA HIS A 439 -47.38 11.32 39.35
C HIS A 439 -47.87 12.48 38.48
N GLY A 440 -49.19 12.59 38.31
CA GLY A 440 -49.80 13.54 37.37
C GLY A 440 -49.09 13.79 36.05
N ILE A 441 -48.55 12.74 35.45
CA ILE A 441 -47.94 12.84 34.14
C ILE A 441 -49.05 12.68 33.11
N ASP A 442 -49.04 13.51 32.08
CA ASP A 442 -49.98 13.43 30.96
C ASP A 442 -49.35 12.45 29.97
N VAL A 443 -50.06 11.35 29.65
CA VAL A 443 -49.54 10.36 28.66
C VAL A 443 -49.11 11.00 27.32
N THR A 444 -49.77 12.06 26.86
CA THR A 444 -49.33 12.73 25.61
C THR A 444 -47.89 13.31 25.65
N ASP A 445 -47.48 13.83 26.80
CA ASP A 445 -46.11 14.35 27.07
C ASP A 445 -45.00 13.30 26.97
N LEU A 446 -45.36 12.02 27.08
CA LEU A 446 -44.39 10.94 27.03
C LEU A 446 -44.10 10.56 25.59
N PHE A 447 -44.93 11.05 24.69
CA PHE A 447 -44.77 10.78 23.27
C PHE A 447 -43.43 11.29 22.75
N ALA A 448 -43.01 12.46 23.23
CA ALA A 448 -41.71 13.02 22.83
C ALA A 448 -40.51 12.40 23.56
N THR A 449 -40.74 11.38 24.40
CA THR A 449 -39.61 10.67 25.05
C THR A 449 -39.04 9.54 24.21
N GLN A 450 -37.75 9.24 24.40
CA GLN A 450 -37.10 8.09 23.78
C GLN A 450 -37.43 6.76 24.45
N PRO A 451 -37.96 5.81 23.65
CA PRO A 451 -38.15 4.43 24.08
C PRO A 451 -36.86 3.58 24.00
N GLY A 452 -36.82 2.49 24.75
CA GLY A 452 -35.66 1.59 24.73
C GLY A 452 -34.70 1.77 25.89
N LEU A 453 -34.86 2.88 26.63
CA LEU A 453 -33.94 3.23 27.70
C LEU A 453 -33.98 2.30 28.90
N THR A 454 -35.18 1.81 29.26
CA THR A 454 -35.33 0.92 30.43
C THR A 454 -34.42 -0.31 30.35
N SER A 455 -34.52 -1.04 29.24
CA SER A 455 -33.71 -2.22 29.05
C SER A 455 -32.23 -1.84 28.96
N ALA A 456 -31.91 -0.80 28.19
CA ALA A 456 -30.50 -0.47 27.92
C ALA A 456 -29.77 0.08 29.15
N VAL A 457 -30.44 0.92 29.94
CA VAL A 457 -29.83 1.47 31.14
C VAL A 457 -29.63 0.37 32.17
N ILE A 458 -30.70 -0.36 32.48
CA ILE A 458 -30.60 -1.43 33.48
C ILE A 458 -29.51 -2.45 33.08
N ASP A 459 -29.54 -2.88 31.81
CA ASP A 459 -28.48 -3.74 31.22
C ASP A 459 -27.06 -3.21 31.47
N ALA A 460 -26.86 -1.90 31.40
CA ALA A 460 -25.51 -1.34 31.55
C ALA A 460 -25.15 -0.90 32.98
N LEU A 461 -26.05 -1.12 33.94
CA LEU A 461 -25.68 -0.88 35.35
C LEU A 461 -24.47 -1.74 35.69
N PRO A 462 -23.45 -1.14 36.34
CA PRO A 462 -22.23 -1.90 36.66
C PRO A 462 -22.52 -3.08 37.57
N ARG A 463 -21.66 -4.09 37.50
CA ARG A 463 -21.88 -5.36 38.17
C ARG A 463 -21.76 -5.26 39.70
N ASN A 464 -22.65 -5.96 40.41
CA ASN A 464 -22.59 -6.08 41.88
C ASN A 464 -22.80 -4.74 42.61
N MET A 465 -23.22 -3.71 41.85
CA MET A 465 -23.57 -2.38 42.36
C MET A 465 -24.69 -2.53 43.39
N VAL A 466 -24.70 -1.66 44.40
CA VAL A 466 -25.66 -1.76 45.52
C VAL A 466 -26.63 -0.57 45.55
N ILE A 467 -27.92 -0.87 45.44
CA ILE A 467 -28.93 0.16 45.23
C ILE A 467 -29.84 0.31 46.45
N THR A 468 -29.89 1.51 46.98
CA THR A 468 -30.74 1.86 48.09
C THR A 468 -32.10 2.31 47.58
N CYS A 469 -33.17 1.88 48.23
CA CYS A 469 -34.47 2.39 47.83
C CYS A 469 -35.43 2.51 49.00
N GLN A 470 -36.62 3.02 48.67
CA GLN A 470 -37.74 3.09 49.60
C GLN A 470 -38.81 2.09 49.12
N GLY A 471 -38.75 0.90 49.70
CA GLY A 471 -39.69 -0.19 49.35
C GLY A 471 -39.08 -1.03 48.24
N SER A 472 -38.03 -1.78 48.60
CA SER A 472 -37.25 -2.55 47.62
C SER A 472 -38.10 -3.47 46.77
N ASP A 473 -39.19 -3.95 47.37
CA ASP A 473 -40.11 -4.87 46.69
C ASP A 473 -40.26 -4.63 45.18
N ASP A 474 -40.65 -3.43 44.79
CA ASP A 474 -40.90 -3.06 43.39
C ASP A 474 -39.66 -3.02 42.47
N ILE A 475 -38.57 -2.38 42.93
CA ILE A 475 -37.31 -2.33 42.18
C ILE A 475 -36.74 -3.72 41.86
N ARG A 476 -36.71 -4.61 42.86
CA ARG A 476 -36.32 -6.00 42.64
C ARG A 476 -37.08 -6.59 41.44
N LYS A 477 -38.41 -6.46 41.48
CA LYS A 477 -39.27 -6.97 40.42
C LYS A 477 -38.84 -6.44 39.03
N LEU A 478 -38.52 -5.15 38.95
CA LEU A 478 -38.17 -4.57 37.64
C LEU A 478 -36.75 -4.96 37.24
N LEU A 479 -35.83 -4.90 38.19
CA LEU A 479 -34.48 -5.41 37.97
C LEU A 479 -34.50 -6.90 37.55
N GLU A 480 -35.33 -7.72 38.22
CA GLU A 480 -35.44 -9.14 37.86
C GLU A 480 -36.03 -9.32 36.45
N SER A 481 -37.06 -8.53 36.11
CA SER A 481 -37.70 -8.60 34.77
C SER A 481 -36.75 -8.19 33.65
N GLN A 482 -35.70 -7.49 34.03
CA GLN A 482 -34.77 -6.95 33.06
C GLN A 482 -33.47 -7.75 32.94
N GLY A 483 -33.29 -8.71 33.84
CA GLY A 483 -32.18 -9.66 33.77
C GLY A 483 -31.06 -9.46 34.77
N ARG A 484 -31.30 -8.61 35.78
CA ARG A 484 -30.28 -8.25 36.75
C ARG A 484 -30.61 -8.70 38.17
N LYS A 485 -30.21 -9.92 38.52
CA LYS A 485 -30.45 -10.40 39.88
C LYS A 485 -29.17 -10.31 40.73
N ASP A 486 -28.08 -9.85 40.09
CA ASP A 486 -26.81 -9.61 40.75
C ASP A 486 -26.84 -8.35 41.61
N ILE A 487 -27.62 -7.35 41.18
CA ILE A 487 -27.74 -6.07 41.89
C ILE A 487 -28.37 -6.26 43.28
N LYS A 488 -27.61 -5.92 44.31
CA LYS A 488 -28.08 -6.08 45.69
C LYS A 488 -28.80 -4.82 46.22
N LEU A 489 -29.94 -5.00 46.85
CA LEU A 489 -30.75 -3.87 47.34
C LEU A 489 -30.73 -3.68 48.85
N ILE A 490 -30.65 -2.42 49.27
CA ILE A 490 -31.00 -2.05 50.64
C ILE A 490 -32.38 -1.39 50.61
N ASP A 491 -33.27 -1.86 51.47
CA ASP A 491 -34.56 -1.22 51.63
C ASP A 491 -34.52 -0.32 52.86
N ILE A 492 -34.89 0.93 52.70
CA ILE A 492 -34.61 1.89 53.78
C ILE A 492 -35.75 2.09 54.81
N ALA A 493 -37.00 1.83 54.40
CA ALA A 493 -38.22 1.92 55.23
C ALA A 493 -38.44 3.20 56.06
N LEU A 494 -38.35 4.35 55.41
CA LEU A 494 -38.82 5.60 56.01
C LEU A 494 -40.33 5.53 56.15
N SER A 495 -40.87 6.14 57.21
CA SER A 495 -42.31 6.34 57.30
C SER A 495 -42.71 7.43 56.29
N LYS A 496 -43.99 7.48 55.92
CA LYS A 496 -44.47 8.47 54.94
C LYS A 496 -44.06 9.91 55.29
N THR A 497 -44.29 10.32 56.53
CA THR A 497 -44.07 11.71 56.95
C THR A 497 -42.58 12.09 57.01
N ASP A 498 -41.73 11.13 57.42
CA ASP A 498 -40.28 11.35 57.40
C ASP A 498 -39.73 11.38 55.99
N SER A 499 -40.25 10.53 55.12
CA SER A 499 -39.73 10.45 53.75
C SER A 499 -39.95 11.74 52.96
N ARG A 500 -40.92 12.56 53.40
CA ARG A 500 -41.29 13.76 52.67
C ARG A 500 -40.99 15.05 53.44
N LYS A 501 -40.10 14.95 54.42
CA LYS A 501 -39.70 16.10 55.24
C LYS A 501 -39.08 17.19 54.36
N TYR A 502 -38.24 16.77 53.40
CA TYR A 502 -37.53 17.66 52.51
C TYR A 502 -38.21 17.86 51.16
N GLU A 503 -39.46 17.44 51.02
CA GLU A 503 -40.14 17.55 49.73
C GLU A 503 -40.09 18.96 49.18
N ASN A 504 -40.46 19.96 49.98
CA ASN A 504 -40.48 21.33 49.50
C ASN A 504 -39.07 21.85 49.27
N ALA A 505 -38.17 21.49 50.18
CA ALA A 505 -36.75 21.84 50.06
C ALA A 505 -36.17 21.39 48.71
N VAL A 506 -36.50 20.16 48.31
CA VAL A 506 -36.04 19.53 47.06
C VAL A 506 -36.62 20.20 45.80
N TRP A 507 -37.93 20.41 45.77
CA TRP A 507 -38.57 21.05 44.60
C TRP A 507 -38.05 22.49 44.46
N ASP A 508 -37.90 23.21 45.59
CA ASP A 508 -37.31 24.55 45.57
C ASP A 508 -35.97 24.60 44.85
N GLN A 509 -35.11 23.63 45.10
CA GLN A 509 -33.77 23.68 44.54
C GLN A 509 -33.77 23.09 43.14
N TYR A 510 -34.51 22.00 42.94
CA TYR A 510 -34.28 21.19 41.72
C TYR A 510 -35.41 21.12 40.68
N LYS A 511 -36.46 21.94 40.86
CA LYS A 511 -37.61 22.02 39.96
C LYS A 511 -37.26 22.01 38.46
N ASP A 512 -36.21 22.75 38.07
CA ASP A 512 -35.93 22.85 36.63
C ASP A 512 -35.45 21.50 36.06
N LEU A 513 -35.12 20.54 36.93
CA LEU A 513 -34.60 19.23 36.51
C LEU A 513 -35.71 18.24 36.08
N CYS A 514 -36.98 18.50 36.37
CA CYS A 514 -38.09 17.68 35.79
C CYS A 514 -39.37 18.47 35.44
N HIS A 515 -39.79 18.44 34.17
CA HIS A 515 -40.98 19.24 33.82
C HIS A 515 -42.21 18.38 33.47
N MET A 516 -42.20 17.12 33.91
CA MET A 516 -43.07 16.07 33.39
C MET A 516 -44.42 15.97 34.13
N HIS A 517 -44.54 16.69 35.23
CA HIS A 517 -45.57 16.42 36.22
C HIS A 517 -46.51 17.63 36.25
N THR A 518 -47.55 17.55 35.43
CA THR A 518 -48.44 18.69 35.14
C THR A 518 -49.82 18.61 35.80
N GLY A 519 -50.23 17.38 36.11
CA GLY A 519 -51.58 17.06 36.56
C GLY A 519 -51.77 17.38 38.01
N VAL A 520 -53.00 17.73 38.38
CA VAL A 520 -53.32 17.83 39.79
C VAL A 520 -53.39 16.45 40.39
N VAL A 521 -52.62 16.26 41.45
CA VAL A 521 -52.56 14.98 42.13
C VAL A 521 -53.31 15.15 43.46
N VAL A 522 -54.06 14.11 43.83
CA VAL A 522 -54.87 14.18 45.06
C VAL A 522 -54.68 12.96 45.95
N GLU A 523 -54.92 13.14 47.25
CA GLU A 523 -55.13 11.99 48.15
C GLU A 523 -56.41 12.13 48.97
N LYS A 524 -57.06 11.00 49.20
CA LYS A 524 -58.28 10.97 49.99
C LYS A 524 -57.96 11.13 51.47
N LYS A 525 -58.89 11.71 52.22
CA LYS A 525 -58.70 11.99 53.65
C LYS A 525 -59.07 10.80 54.53
N LYS A 530 -61.15 14.97 49.44
CA LYS A 530 -59.77 14.91 48.92
C LYS A 530 -58.97 16.21 49.11
N GLU A 531 -57.62 16.10 49.07
CA GLU A 531 -56.72 17.24 49.27
C GLU A 531 -55.73 17.27 48.11
N GLU A 532 -55.34 18.46 47.66
CA GLU A 532 -54.34 18.53 46.60
C GLU A 532 -52.95 18.30 47.19
N ILE A 533 -52.17 17.43 46.54
CA ILE A 533 -50.79 17.16 46.96
C ILE A 533 -49.79 17.43 45.84
N THR A 534 -48.52 17.50 46.23
CA THR A 534 -47.40 17.62 45.32
C THR A 534 -47.18 16.33 44.57
N PRO A 535 -47.13 16.38 43.22
CA PRO A 535 -46.93 15.15 42.43
C PRO A 535 -45.63 14.45 42.81
N HIS A 536 -45.55 13.14 42.57
CA HIS A 536 -44.37 12.34 42.91
C HIS A 536 -43.54 12.12 41.66
N CYS A 537 -42.26 12.45 41.74
CA CYS A 537 -41.32 12.30 40.64
C CYS A 537 -40.22 11.36 41.12
N ALA A 538 -39.90 10.32 40.33
CA ALA A 538 -38.80 9.41 40.67
C ALA A 538 -37.53 10.18 41.07
N LEU A 539 -37.20 11.28 40.38
CA LEU A 539 -35.94 11.98 40.66
C LEU A 539 -35.96 12.68 41.99
N MET A 540 -36.97 13.52 42.21
CA MET A 540 -37.09 14.26 43.43
C MET A 540 -37.22 13.31 44.61
N ASP A 541 -37.79 12.13 44.36
CA ASP A 541 -37.98 11.13 45.41
C ASP A 541 -36.64 10.56 45.90
N CYS A 542 -35.73 10.25 44.97
CA CYS A 542 -34.38 9.83 45.35
C CYS A 542 -33.72 10.91 46.23
N ILE A 543 -33.74 12.13 45.73
CA ILE A 543 -33.12 13.28 46.36
C ILE A 543 -33.70 13.50 47.75
N MET A 544 -35.01 13.51 47.84
CA MET A 544 -35.64 13.82 49.12
C MET A 544 -35.50 12.70 50.15
N PHE A 545 -35.50 11.46 49.70
CA PHE A 545 -35.31 10.30 50.59
C PHE A 545 -33.90 10.27 51.18
N ASP A 546 -32.91 10.58 50.34
CA ASP A 546 -31.51 10.66 50.74
C ASP A 546 -31.28 11.76 51.75
N ALA A 547 -31.91 12.91 51.51
CA ALA A 547 -31.77 14.05 52.40
C ALA A 547 -32.42 13.68 53.74
N ALA A 548 -33.50 12.90 53.69
CA ALA A 548 -34.23 12.42 54.86
C ALA A 548 -33.36 11.47 55.70
N VAL A 549 -32.61 10.61 55.02
CA VAL A 549 -31.68 9.68 55.68
C VAL A 549 -30.48 10.42 56.26
N SER A 550 -30.04 11.45 55.55
CA SER A 550 -28.88 12.21 55.94
C SER A 550 -29.22 13.44 56.80
N GLY A 551 -30.49 13.56 57.20
CA GLY A 551 -30.98 14.75 57.91
C GLY A 551 -30.49 16.09 57.36
N GLY A 552 -30.74 16.36 56.08
CA GLY A 552 -30.33 17.63 55.46
C GLY A 552 -30.17 17.62 53.94
N LEU A 553 -30.49 18.75 53.31
CA LEU A 553 -30.34 18.86 51.85
C LEU A 553 -29.30 19.91 51.54
N ASN A 554 -28.25 19.51 50.81
CA ASN A 554 -27.13 20.38 50.52
C ASN A 554 -27.25 21.12 49.17
N THR A 555 -26.53 22.23 49.04
CA THR A 555 -26.62 23.12 47.88
C THR A 555 -25.42 22.98 46.91
N SER A 556 -25.67 22.25 45.81
CA SER A 556 -24.72 22.11 44.68
C SER A 556 -25.41 21.50 43.46
N VAL A 557 -24.82 21.76 42.29
CA VAL A 557 -25.32 21.24 41.02
C VAL A 557 -25.34 19.70 40.98
N LEU A 558 -26.40 19.15 40.42
CA LEU A 558 -26.43 17.75 40.07
C LEU A 558 -25.93 17.63 38.65
N ARG A 559 -25.53 16.41 38.28
CA ARG A 559 -24.99 16.16 36.95
C ARG A 559 -25.77 15.05 36.25
N ALA A 560 -26.44 15.42 35.18
CA ALA A 560 -27.22 14.47 34.35
C ALA A 560 -26.28 13.51 33.63
N VAL A 561 -26.36 12.22 33.97
CA VAL A 561 -25.61 11.12 33.36
C VAL A 561 -25.97 10.93 31.88
N LEU A 562 -27.27 10.93 31.58
CA LEU A 562 -27.74 10.90 30.18
C LEU A 562 -27.70 12.26 29.52
N PRO A 563 -27.19 12.32 28.29
CA PRO A 563 -27.42 13.53 27.50
C PRO A 563 -28.93 13.72 27.23
N ARG A 564 -29.42 14.94 27.45
CA ARG A 564 -30.82 15.27 27.17
C ARG A 564 -31.17 14.95 25.71
N ASP A 565 -30.17 15.03 24.82
CA ASP A 565 -30.31 14.63 23.43
C ASP A 565 -30.63 13.13 23.30
N MET A 566 -30.79 12.44 24.43
CA MET A 566 -31.10 11.00 24.41
C MET A 566 -32.33 10.56 25.24
N VAL A 567 -32.80 11.39 26.15
CA VAL A 567 -33.99 11.09 26.94
C VAL A 567 -35.21 11.37 26.06
N PHE A 568 -35.03 12.31 25.15
CA PHE A 568 -36.08 12.78 24.27
C PHE A 568 -35.62 12.62 22.83
N ARG A 569 -36.55 12.39 21.90
CA ARG A 569 -36.20 12.22 20.47
C ARG A 569 -36.39 13.51 19.68
N LYS B 16 2.57 10.28 -11.44
CA LYS B 16 2.84 9.93 -12.87
C LYS B 16 4.33 9.57 -13.11
N SER B 17 5.04 10.41 -13.85
CA SER B 17 6.49 10.41 -13.77
C SER B 17 6.89 10.74 -12.32
N PHE B 18 6.15 11.60 -11.62
CA PHE B 18 6.43 11.81 -10.20
C PHE B 18 6.32 10.50 -9.36
N LEU B 19 5.33 9.65 -9.67
CA LEU B 19 5.30 8.30 -9.10
C LEU B 19 6.66 7.63 -9.26
N TRP B 20 7.18 7.51 -10.48
CA TRP B 20 8.45 6.79 -10.67
C TRP B 20 9.55 7.44 -9.84
N THR B 21 9.58 8.77 -9.83
CA THR B 21 10.59 9.50 -9.06
C THR B 21 10.56 9.21 -7.56
N GLN B 22 9.40 9.39 -6.91
CA GLN B 22 9.31 9.13 -5.45
C GLN B 22 9.75 7.73 -5.05
N SER B 23 9.40 6.74 -5.86
CA SER B 23 9.77 5.35 -5.64
C SER B 23 11.26 5.05 -5.78
N LEU B 24 11.93 5.77 -6.67
CA LEU B 24 13.38 5.71 -6.80
C LEU B 24 13.99 6.41 -5.58
N ARG B 25 13.38 7.53 -5.17
CA ARG B 25 13.83 8.19 -3.96
C ARG B 25 13.81 7.26 -2.76
N ARG B 26 12.69 6.57 -2.56
CA ARG B 26 12.52 5.60 -1.48
C ARG B 26 13.62 4.56 -1.53
N GLU B 27 13.75 3.92 -2.69
CA GLU B 27 14.60 2.78 -2.93
C GLU B 27 16.11 3.13 -2.91
N LEU B 28 16.48 4.33 -3.35
CA LEU B 28 17.89 4.73 -3.44
C LEU B 28 18.34 5.66 -2.33
N SER B 29 17.47 5.85 -1.35
CA SER B 29 17.72 6.82 -0.27
C SER B 29 19.08 6.66 0.44
N GLY B 30 19.56 5.41 0.56
CA GLY B 30 20.88 5.09 1.11
C GLY B 30 22.08 5.61 0.31
N TYR B 31 21.85 6.02 -0.94
CA TYR B 31 22.93 6.60 -1.76
C TYR B 31 22.86 8.13 -1.86
N CYS B 32 21.93 8.72 -1.10
CA CYS B 32 21.67 10.15 -1.13
C CYS B 32 22.40 10.85 -0.01
N SER B 33 22.76 12.11 -0.24
CA SER B 33 23.59 12.83 0.71
C SER B 33 23.02 14.20 0.94
N ASN B 34 23.51 14.90 1.96
CA ASN B 34 23.33 16.31 2.01
C ASN B 34 24.56 16.87 1.32
N ILE B 35 24.34 17.73 0.32
CA ILE B 35 25.42 18.33 -0.45
C ILE B 35 25.27 19.83 -0.63
N LYS B 36 24.30 20.44 0.07
CA LYS B 36 24.08 21.89 0.01
C LYS B 36 25.38 22.65 0.14
N LEU B 37 26.11 22.38 1.23
CA LEU B 37 27.36 23.09 1.53
C LEU B 37 28.35 23.13 0.37
N GLN B 38 28.54 21.96 -0.25
CA GLN B 38 29.45 21.81 -1.39
C GLN B 38 28.94 22.57 -2.59
N VAL B 39 27.65 22.47 -2.85
CA VAL B 39 27.05 23.20 -3.97
C VAL B 39 27.25 24.69 -3.85
N VAL B 40 27.01 25.22 -2.64
CA VAL B 40 27.20 26.64 -2.36
C VAL B 40 28.66 27.08 -2.55
N LYS B 41 29.60 26.26 -2.09
CA LYS B 41 31.04 26.60 -2.21
C LYS B 41 31.39 26.75 -3.70
N ASP B 42 30.98 25.75 -4.48
CA ASP B 42 31.13 25.76 -5.93
C ASP B 42 30.53 27.02 -6.58
N ALA B 43 29.30 27.41 -6.22
CA ALA B 43 28.71 28.67 -6.68
C ALA B 43 29.52 29.89 -6.27
N GLN B 44 30.01 29.87 -5.03
CA GLN B 44 30.89 30.92 -4.53
C GLN B 44 32.17 31.04 -5.34
N ALA B 45 32.76 29.91 -5.74
CA ALA B 45 33.95 29.90 -6.57
C ALA B 45 33.67 30.41 -8.00
N LEU B 46 32.48 30.14 -8.51
CA LEU B 46 32.04 30.73 -9.79
C LEU B 46 31.81 32.26 -9.72
N LEU B 47 31.21 32.72 -8.63
CA LEU B 47 30.92 34.13 -8.49
C LEU B 47 32.22 34.90 -8.40
N HIS B 48 33.19 34.33 -7.68
CA HIS B 48 34.51 34.98 -7.50
C HIS B 48 35.44 34.78 -8.71
N GLY B 49 35.16 33.79 -9.56
CA GLY B 49 36.08 33.45 -10.67
C GLY B 49 35.65 33.46 -12.15
N LEU B 50 34.35 33.29 -12.42
CA LEU B 50 33.81 33.27 -13.80
C LEU B 50 33.61 34.65 -14.36
N ASP B 51 33.89 34.83 -15.65
CA ASP B 51 33.51 36.01 -16.42
C ASP B 51 32.04 35.88 -16.81
N PHE B 52 31.16 36.58 -16.10
CA PHE B 52 29.73 36.47 -16.38
C PHE B 52 29.27 37.21 -17.67
N SER B 53 30.09 38.13 -18.17
CA SER B 53 29.88 38.70 -19.51
C SER B 53 30.06 37.63 -20.58
N GLU B 54 30.95 36.68 -20.33
CA GLU B 54 31.07 35.51 -21.19
C GLU B 54 29.86 34.57 -21.11
N VAL B 55 29.27 34.40 -19.93
CA VAL B 55 27.98 33.67 -19.81
C VAL B 55 26.91 34.36 -20.64
N SER B 56 26.89 35.70 -20.57
CA SER B 56 25.95 36.51 -21.39
C SER B 56 26.20 36.31 -22.89
N ASN B 57 27.49 36.15 -23.25
CA ASN B 57 27.86 35.94 -24.65
C ASN B 57 27.36 34.57 -25.11
N VAL B 58 27.35 33.59 -24.20
CA VAL B 58 26.99 32.21 -24.54
C VAL B 58 25.46 32.11 -24.61
N GLN B 59 24.79 32.82 -23.72
CA GLN B 59 23.35 32.98 -23.82
C GLN B 59 22.98 33.62 -25.19
N ARG B 60 23.75 34.61 -25.62
CA ARG B 60 23.57 35.23 -26.93
C ARG B 60 23.64 34.22 -28.06
N LEU B 61 24.69 33.42 -28.06
CA LEU B 61 24.90 32.43 -29.11
C LEU B 61 23.80 31.35 -29.14
N MET B 62 23.31 30.93 -27.98
CA MET B 62 22.21 29.98 -27.89
C MET B 62 20.86 30.55 -28.38
N ARG B 63 20.70 31.87 -28.40
CA ARG B 63 19.51 32.47 -29.00
C ARG B 63 19.51 32.41 -30.53
N LYS B 64 20.66 32.14 -31.15
CA LYS B 64 20.73 32.06 -32.61
C LYS B 64 20.04 30.81 -33.12
N GLU B 65 19.45 30.93 -34.31
CA GLU B 65 18.76 29.81 -34.96
C GLU B 65 19.75 28.74 -35.41
N ARG B 66 20.90 29.21 -35.86
CA ARG B 66 21.88 28.42 -36.57
C ARG B 66 23.21 28.80 -35.97
N ARG B 67 23.96 27.81 -35.53
CA ARG B 67 25.22 28.07 -34.83
C ARG B 67 26.36 27.31 -35.47
N ASP B 68 27.59 27.86 -35.39
CA ASP B 68 28.74 27.26 -36.12
C ASP B 68 29.94 26.83 -35.22
N ASP B 69 31.08 26.45 -35.82
CA ASP B 69 32.23 25.99 -34.99
C ASP B 69 32.76 27.10 -34.05
N ASN B 70 32.74 28.35 -34.51
CA ASN B 70 33.14 29.48 -33.68
C ASN B 70 32.31 29.55 -32.39
N ASP B 71 31.00 29.41 -32.53
CA ASP B 71 30.04 29.37 -31.42
C ASP B 71 30.28 28.19 -30.49
N LEU B 72 30.50 26.99 -31.06
CA LEU B 72 30.83 25.81 -30.25
C LEU B 72 32.12 26.03 -29.44
N LYS B 73 33.12 26.65 -30.07
CA LYS B 73 34.40 26.95 -29.38
C LYS B 73 34.12 27.76 -28.09
N ARG B 74 33.28 28.80 -28.21
CA ARG B 74 32.99 29.73 -27.10
C ARG B 74 32.27 28.95 -26.01
N LEU B 75 31.42 27.98 -26.40
CA LEU B 75 30.67 27.22 -25.37
C LEU B 75 31.59 26.30 -24.64
N ARG B 76 32.43 25.59 -25.40
CA ARG B 76 33.32 24.58 -24.85
C ARG B 76 34.35 25.20 -23.92
N ASP B 77 34.85 26.36 -24.34
CA ASP B 77 35.80 27.18 -23.57
C ASP B 77 35.16 27.69 -22.28
N LEU B 78 33.97 28.28 -22.36
CA LEU B 78 33.23 28.61 -21.13
C LEU B 78 32.98 27.39 -20.23
N ASN B 79 32.60 26.25 -20.82
CA ASN B 79 32.37 25.03 -20.03
C ASN B 79 33.64 24.62 -19.29
N GLN B 80 34.76 24.68 -20.00
CA GLN B 80 36.06 24.37 -19.43
C GLN B 80 36.41 25.27 -18.26
N ALA B 81 36.11 26.57 -18.36
CA ALA B 81 36.34 27.56 -17.30
C ALA B 81 35.58 27.26 -16.02
N VAL B 82 34.30 26.93 -16.18
CA VAL B 82 33.46 26.49 -15.06
C VAL B 82 33.99 25.19 -14.45
N ASN B 83 34.26 24.22 -15.31
CA ASN B 83 34.89 22.99 -14.84
C ASN B 83 36.11 23.22 -13.92
N ASN B 84 36.95 24.19 -14.28
CA ASN B 84 38.19 24.46 -13.54
C ASN B 84 38.05 25.20 -12.22
N LEU B 85 36.81 25.55 -11.92
CA LEU B 85 36.52 26.32 -10.74
C LEU B 85 35.73 25.51 -9.73
N VAL B 86 35.05 24.47 -10.17
CA VAL B 86 34.19 23.75 -9.23
C VAL B 86 34.83 22.47 -8.79
N GLU B 87 34.49 22.06 -7.58
CA GLU B 87 34.93 20.78 -7.09
C GLU B 87 34.06 19.58 -7.46
N LEU B 88 32.77 19.79 -7.70
CA LEU B 88 31.85 18.71 -8.02
C LEU B 88 31.86 18.47 -9.52
N LYS B 89 32.59 17.46 -9.96
CA LYS B 89 32.72 17.16 -11.38
C LYS B 89 32.92 15.65 -11.56
N SER B 90 32.23 15.05 -12.52
CA SER B 90 32.43 13.64 -12.82
C SER B 90 33.75 13.47 -13.56
N THR B 91 34.39 12.33 -13.35
CA THR B 91 35.70 12.03 -13.93
C THR B 91 35.58 10.79 -14.81
N GLN B 92 36.11 10.86 -16.04
CA GLN B 92 35.97 9.75 -16.99
C GLN B 92 36.12 8.40 -16.29
N GLN B 93 35.13 7.53 -16.47
CA GLN B 93 35.15 6.22 -15.84
C GLN B 93 34.36 5.19 -16.66
N LYS B 94 35.07 4.45 -17.51
CA LYS B 94 34.44 3.42 -18.29
C LYS B 94 34.24 2.18 -17.43
N SER B 95 33.01 1.65 -17.45
CA SER B 95 32.62 0.56 -16.55
C SER B 95 32.06 -0.64 -17.28
N ILE B 96 32.48 -1.82 -16.83
CA ILE B 96 31.94 -3.08 -17.34
C ILE B 96 31.12 -3.74 -16.24
N LEU B 97 29.85 -4.01 -16.54
CA LEU B 97 29.01 -4.74 -15.63
C LEU B 97 29.10 -6.23 -15.94
N ARG B 98 29.41 -7.03 -14.92
CA ARG B 98 29.61 -8.48 -15.09
C ARG B 98 28.71 -9.14 -14.05
N VAL B 99 28.43 -10.43 -14.20
CA VAL B 99 27.59 -11.18 -13.24
C VAL B 99 28.17 -11.01 -11.86
N GLY B 100 27.31 -10.63 -10.92
CA GLY B 100 27.62 -10.62 -9.49
C GLY B 100 26.44 -10.06 -8.73
N THR B 101 26.63 -8.88 -8.14
CA THR B 101 25.50 -8.12 -7.60
C THR B 101 24.37 -8.13 -8.66
N LEU B 102 24.75 -8.01 -9.93
CA LEU B 102 23.75 -8.09 -11.02
C LEU B 102 23.61 -9.48 -11.59
N THR B 103 22.41 -10.03 -11.50
CA THR B 103 22.13 -11.37 -11.99
C THR B 103 22.26 -11.45 -13.49
N SER B 104 22.24 -12.68 -13.99
CA SER B 104 22.19 -12.94 -15.42
C SER B 104 21.05 -12.21 -16.12
N ASP B 105 19.85 -12.33 -15.54
CA ASP B 105 18.69 -11.65 -16.11
C ASP B 105 18.81 -10.13 -15.99
N ASP B 106 19.25 -9.64 -14.82
CA ASP B 106 19.52 -8.20 -14.63
C ASP B 106 20.35 -7.62 -15.79
N LEU B 107 21.45 -8.30 -16.19
CA LEU B 107 22.26 -7.87 -17.34
C LEU B 107 21.55 -7.86 -18.69
N LEU B 108 20.67 -8.84 -18.93
CA LEU B 108 19.88 -8.87 -20.18
C LEU B 108 18.88 -7.73 -20.25
N ILE B 109 18.32 -7.36 -19.11
CA ILE B 109 17.41 -6.22 -19.05
C ILE B 109 18.20 -4.97 -19.36
N LEU B 110 19.29 -4.76 -18.64
CA LEU B 110 20.04 -3.52 -18.74
C LEU B 110 20.56 -3.34 -20.18
N ALA B 111 21.06 -4.43 -20.74
CA ALA B 111 21.59 -4.45 -22.11
C ALA B 111 20.53 -4.00 -23.12
N ALA B 112 19.31 -4.50 -22.95
CA ALA B 112 18.16 -4.14 -23.77
C ALA B 112 17.73 -2.69 -23.60
N ASP B 113 17.68 -2.21 -22.36
CA ASP B 113 17.22 -0.85 -22.12
C ASP B 113 18.23 0.14 -22.61
N LEU B 114 19.51 -0.24 -22.56
CA LEU B 114 20.57 0.59 -23.10
C LEU B 114 20.50 0.70 -24.63
N GLU B 115 20.23 -0.41 -25.32
CA GLU B 115 20.01 -0.36 -26.79
C GLU B 115 18.87 0.59 -27.13
N LYS B 116 17.81 0.56 -26.33
CA LYS B 116 16.67 1.38 -26.62
C LYS B 116 16.97 2.82 -26.34
N LEU B 117 17.75 3.07 -25.28
CA LEU B 117 18.09 4.40 -24.80
C LEU B 117 19.06 5.02 -25.79
N LYS B 118 19.94 4.19 -26.34
CA LYS B 118 20.80 4.58 -27.44
C LYS B 118 20.00 5.13 -28.63
N SER B 119 18.94 4.43 -29.04
CA SER B 119 18.14 4.84 -30.17
C SER B 119 17.43 6.14 -29.91
N LYS B 120 16.81 6.22 -28.73
CA LYS B 120 16.03 7.39 -28.31
C LYS B 120 16.94 8.62 -28.32
N VAL B 121 18.07 8.50 -27.65
CA VAL B 121 18.99 9.63 -27.51
C VAL B 121 19.49 10.07 -28.90
N ILE B 122 19.96 9.12 -29.71
CA ILE B 122 20.45 9.48 -31.04
C ILE B 122 19.36 10.22 -31.80
N ARG B 123 18.14 9.65 -31.83
CA ARG B 123 17.03 10.29 -32.55
C ARG B 123 16.59 11.62 -32.02
N THR B 124 16.96 11.91 -30.78
CA THR B 124 16.64 13.18 -30.13
C THR B 124 17.72 14.22 -30.44
N GLU B 125 18.98 13.80 -30.43
CA GLU B 125 20.10 14.74 -30.42
C GLU B 125 20.74 14.88 -31.81
N ARG B 126 20.92 13.77 -32.52
CA ARG B 126 21.60 13.77 -33.79
C ARG B 126 21.05 14.75 -34.88
N PRO B 127 19.70 14.88 -35.00
CA PRO B 127 19.21 15.83 -36.01
C PRO B 127 19.63 17.26 -35.86
N LEU B 128 19.81 17.72 -34.62
CA LEU B 128 20.38 19.03 -34.31
C LEU B 128 21.63 19.30 -35.13
N SER B 129 22.34 18.25 -35.47
CA SER B 129 23.62 18.45 -36.17
C SER B 129 23.58 17.89 -37.57
N ALA B 130 22.98 16.69 -37.74
CA ALA B 130 23.01 16.06 -39.06
C ALA B 130 22.05 16.76 -40.02
N GLY B 131 20.96 17.30 -39.47
CA GLY B 131 19.97 18.07 -40.27
C GLY B 131 18.83 17.19 -40.83
N VAL B 132 17.73 17.84 -41.19
CA VAL B 132 16.57 17.15 -41.79
C VAL B 132 16.24 17.96 -43.04
N TYR B 133 16.21 17.29 -44.18
CA TYR B 133 15.84 17.97 -45.40
C TYR B 133 14.38 18.42 -45.30
N MET B 134 14.13 19.69 -45.60
CA MET B 134 12.76 20.26 -45.51
C MET B 134 12.42 21.04 -46.78
N GLY B 135 12.88 20.56 -47.92
CA GLY B 135 12.76 21.32 -49.15
C GLY B 135 11.58 20.88 -49.97
N ASN B 136 11.88 20.49 -51.20
CA ASN B 136 10.86 20.03 -52.11
C ASN B 136 10.42 18.64 -51.74
N LEU B 137 9.34 18.56 -50.96
CA LEU B 137 8.73 17.30 -50.53
C LEU B 137 7.18 17.38 -50.60
N SER B 138 6.49 16.27 -50.40
CA SER B 138 5.01 16.29 -50.28
C SER B 138 4.49 16.97 -48.98
N SER B 139 3.31 17.57 -49.05
CA SER B 139 2.57 18.03 -47.86
C SER B 139 2.75 17.09 -46.67
N GLN B 140 2.37 15.82 -46.88
CA GLN B 140 2.41 14.80 -45.81
C GLN B 140 3.80 14.48 -45.25
N GLN B 141 4.82 14.42 -46.10
CA GLN B 141 6.23 14.39 -45.68
C GLN B 141 6.64 15.61 -44.83
N LEU B 142 6.26 16.80 -45.28
CA LEU B 142 6.54 18.00 -44.50
C LEU B 142 5.84 18.00 -43.13
N ASP B 143 4.61 17.50 -43.06
CA ASP B 143 3.92 17.34 -41.76
C ASP B 143 4.65 16.40 -40.80
N GLN B 144 5.04 15.21 -41.30
CA GLN B 144 5.76 14.19 -40.53
C GLN B 144 7.11 14.67 -40.02
N ARG B 145 7.80 15.42 -40.88
CA ARG B 145 9.11 15.93 -40.55
C ARG B 145 8.98 17.00 -39.48
N ARG B 146 8.04 17.93 -39.69
CA ARG B 146 7.72 18.97 -38.73
C ARG B 146 7.33 18.40 -37.36
N ALA B 147 6.63 17.27 -37.37
CA ALA B 147 6.18 16.64 -36.15
C ALA B 147 7.43 16.27 -35.35
N LEU B 148 8.40 15.69 -36.03
CA LEU B 148 9.66 15.26 -35.38
C LEU B 148 10.45 16.46 -34.83
N LEU B 149 10.60 17.51 -35.65
CA LEU B 149 11.40 18.68 -35.24
C LEU B 149 10.80 19.32 -34.00
N ASN B 150 9.48 19.40 -33.98
CA ASN B 150 8.80 19.94 -32.83
C ASN B 150 8.90 18.98 -31.63
N MET B 151 8.97 17.68 -31.89
CA MET B 151 9.04 16.77 -30.76
C MET B 151 10.43 16.74 -30.13
N ILE B 152 11.44 17.11 -30.94
CA ILE B 152 12.81 17.26 -30.43
C ILE B 152 13.32 18.69 -30.17
N GLY B 153 12.42 19.68 -30.14
CA GLY B 153 12.82 21.05 -29.78
C GLY B 153 13.42 21.90 -30.90
N MET B 154 13.47 21.35 -32.10
CA MET B 154 13.87 22.10 -33.29
C MET B 154 12.65 22.76 -33.95
N SER B 155 12.00 23.65 -33.20
CA SER B 155 10.80 24.37 -33.66
C SER B 155 11.19 25.48 -34.64
N ASP B 166 21.02 23.72 -49.53
CA ASP B 166 19.99 24.38 -48.72
C ASP B 166 18.74 23.51 -48.73
N GLY B 167 17.71 23.96 -48.01
CA GLY B 167 16.60 23.08 -47.76
C GLY B 167 16.85 22.21 -46.53
N VAL B 168 18.10 22.13 -46.03
CA VAL B 168 18.35 21.44 -44.75
C VAL B 168 18.10 22.32 -43.50
N VAL B 169 17.42 21.75 -42.51
CA VAL B 169 17.27 22.43 -41.22
C VAL B 169 18.28 21.79 -40.26
N ARG B 170 19.22 22.59 -39.74
CA ARG B 170 20.09 22.10 -38.66
C ARG B 170 20.45 23.27 -37.78
N VAL B 171 20.76 22.96 -36.54
CA VAL B 171 21.05 23.98 -35.56
C VAL B 171 22.57 24.14 -35.45
N TRP B 172 23.27 23.01 -35.39
CA TRP B 172 24.69 22.99 -35.25
C TRP B 172 25.36 22.61 -36.59
N ASP B 173 25.87 23.61 -37.30
CA ASP B 173 26.80 23.35 -38.42
C ASP B 173 28.27 23.22 -37.96
N VAL B 174 28.76 22.00 -37.77
CA VAL B 174 30.11 21.81 -37.18
C VAL B 174 30.93 20.71 -37.84
N LYS B 175 32.28 20.81 -37.79
CA LYS B 175 33.12 19.80 -38.44
C LYS B 175 33.06 18.46 -37.71
N ASN B 176 33.11 18.48 -36.39
CA ASN B 176 33.01 17.26 -35.61
C ASN B 176 31.90 17.44 -34.61
N ALA B 177 30.84 16.71 -34.86
CA ALA B 177 29.72 16.82 -34.00
C ALA B 177 29.93 16.05 -32.70
N GLU B 178 30.97 15.19 -32.64
CA GLU B 178 31.29 14.52 -31.36
C GLU B 178 31.69 15.54 -30.28
N LEU B 179 32.09 16.74 -30.72
CA LEU B 179 32.40 17.82 -29.82
C LEU B 179 31.19 18.46 -29.14
N LEU B 180 29.96 18.19 -29.58
CA LEU B 180 28.75 18.65 -28.85
C LEU B 180 28.39 17.81 -27.63
N ASN B 181 28.91 16.59 -27.57
CA ASN B 181 28.61 15.63 -26.47
C ASN B 181 28.85 16.20 -25.06
N ASN B 182 27.82 16.09 -24.22
CA ASN B 182 27.85 16.49 -22.81
C ASN B 182 28.28 17.92 -22.56
N GLN B 183 27.93 18.81 -23.49
CA GLN B 183 28.30 20.23 -23.36
C GLN B 183 27.13 21.10 -22.94
N PHE B 184 25.99 20.46 -22.70
CA PHE B 184 24.74 21.20 -22.45
C PHE B 184 24.03 20.96 -21.11
N GLY B 185 24.66 20.20 -20.21
CA GLY B 185 24.05 19.88 -18.93
C GLY B 185 23.85 21.04 -17.96
N THR B 186 22.82 20.95 -17.12
CA THR B 186 22.59 22.02 -16.10
C THR B 186 23.34 21.57 -14.85
N MET B 187 23.70 22.53 -14.00
CA MET B 187 24.55 22.25 -12.83
C MET B 187 24.09 23.19 -11.75
N PRO B 188 23.84 22.65 -10.55
CA PRO B 188 23.38 23.38 -9.39
C PRO B 188 24.19 24.61 -9.09
N SER B 189 25.52 24.49 -9.07
CA SER B 189 26.37 25.64 -8.65
C SER B 189 26.38 26.77 -9.68
N LEU B 190 26.23 26.39 -10.94
CA LEU B 190 26.09 27.33 -12.05
C LEU B 190 24.78 28.09 -12.08
N THR B 191 23.67 27.38 -11.90
CA THR B 191 22.33 27.98 -11.90
C THR B 191 22.28 28.97 -10.70
N LEU B 192 22.74 28.52 -9.53
CA LEU B 192 22.85 29.42 -8.37
C LEU B 192 23.76 30.66 -8.62
N ALA B 193 24.93 30.47 -9.21
CA ALA B 193 25.85 31.58 -9.44
C ALA B 193 25.30 32.54 -10.52
N CYS B 194 24.65 31.98 -11.54
CA CYS B 194 24.08 32.78 -12.64
C CYS B 194 22.80 33.53 -12.21
N LEU B 195 21.87 32.87 -11.53
CA LEU B 195 20.77 33.57 -10.83
C LEU B 195 21.27 34.70 -9.92
N THR B 196 22.26 34.41 -9.06
CA THR B 196 22.86 35.43 -8.18
C THR B 196 23.38 36.67 -8.93
N LYS B 197 24.34 36.44 -9.81
CA LYS B 197 25.08 37.48 -10.50
C LYS B 197 24.24 38.20 -11.59
N GLN B 198 23.60 37.41 -12.44
CA GLN B 198 22.86 37.91 -13.62
C GLN B 198 21.49 38.44 -13.23
N GLY B 199 21.02 38.03 -12.06
CA GLY B 199 19.74 38.48 -11.49
C GLY B 199 19.90 39.57 -10.48
N GLN B 200 21.16 39.88 -10.15
CA GLN B 200 21.55 40.94 -9.21
C GLN B 200 20.83 40.84 -7.86
N VAL B 201 20.92 39.68 -7.22
CA VAL B 201 20.35 39.53 -5.90
C VAL B 201 21.47 38.91 -5.07
N ASP B 202 21.41 39.05 -3.74
CA ASP B 202 22.44 38.46 -2.86
C ASP B 202 22.36 36.93 -2.91
N LEU B 203 23.49 36.26 -2.72
CA LEU B 203 23.60 34.80 -2.87
C LEU B 203 22.66 34.06 -1.92
N ASN B 204 22.58 34.58 -0.68
CA ASN B 204 21.60 34.12 0.31
C ASN B 204 20.14 34.07 -0.16
N ASP B 205 19.68 35.11 -0.87
CA ASP B 205 18.28 35.18 -1.29
C ASP B 205 17.97 34.23 -2.45
N ALA B 206 18.95 34.06 -3.33
CA ALA B 206 18.88 33.05 -4.38
C ALA B 206 18.67 31.63 -3.81
N VAL B 207 19.47 31.26 -2.81
CA VAL B 207 19.39 29.94 -2.21
C VAL B 207 18.08 29.72 -1.46
N GLN B 208 17.53 30.77 -0.85
CA GLN B 208 16.26 30.63 -0.17
C GLN B 208 15.11 30.36 -1.14
N ALA B 209 15.16 31.04 -2.30
CA ALA B 209 14.18 30.84 -3.36
C ALA B 209 14.26 29.43 -3.91
N LEU B 210 15.49 28.97 -4.14
CA LEU B 210 15.72 27.63 -4.69
C LEU B 210 15.36 26.58 -3.61
N THR B 211 15.59 26.93 -2.34
CA THR B 211 15.20 26.09 -1.22
C THR B 211 13.69 25.89 -1.22
N ASP B 212 12.95 27.00 -1.34
CA ASP B 212 11.47 26.94 -1.32
C ASP B 212 10.98 26.05 -2.46
N LEU B 213 11.65 26.15 -3.61
CA LEU B 213 11.41 25.27 -4.77
C LEU B 213 11.69 23.79 -4.48
N GLY B 214 12.85 23.50 -3.88
CA GLY B 214 13.23 22.13 -3.47
C GLY B 214 12.16 21.53 -2.55
N LEU B 215 11.61 22.38 -1.69
CA LEU B 215 10.62 21.95 -0.74
C LEU B 215 9.33 21.47 -1.44
N ILE B 216 8.87 22.20 -2.47
CA ILE B 216 7.67 21.81 -3.22
C ILE B 216 7.94 20.47 -3.91
N TYR B 217 9.18 20.35 -4.38
CA TYR B 217 9.66 19.16 -5.07
C TYR B 217 9.69 17.85 -4.25
N THR B 218 9.77 17.96 -2.93
CA THR B 218 9.59 16.76 -2.08
C THR B 218 8.18 16.19 -2.25
N ALA B 219 7.23 17.00 -2.72
CA ALA B 219 5.80 16.63 -2.74
C ALA B 219 5.14 16.48 -4.13
N LYS B 220 5.69 17.16 -5.12
CA LYS B 220 5.17 17.10 -6.48
C LYS B 220 6.17 17.79 -7.35
N TYR B 221 6.01 17.67 -8.65
CA TYR B 221 6.82 18.45 -9.56
C TYR B 221 6.18 19.79 -9.71
N PRO B 222 6.94 20.85 -9.41
CA PRO B 222 6.39 22.19 -9.37
C PRO B 222 5.87 22.56 -10.73
N ASN B 223 4.57 22.91 -10.83
CA ASN B 223 4.00 23.51 -12.04
C ASN B 223 4.20 25.03 -12.08
N THR B 224 3.73 25.68 -13.15
CA THR B 224 3.81 27.13 -13.29
C THR B 224 3.00 27.88 -12.24
N SER B 225 1.88 27.30 -11.81
CA SER B 225 1.06 27.95 -10.78
C SER B 225 1.77 27.99 -9.42
N ASP B 226 2.50 26.92 -9.10
CA ASP B 226 3.27 26.83 -7.85
C ASP B 226 4.39 27.87 -7.90
N LEU B 227 5.17 27.83 -9.00
CA LEU B 227 6.25 28.76 -9.27
C LEU B 227 5.75 30.18 -9.12
N ASP B 228 4.60 30.48 -9.70
CA ASP B 228 4.04 31.83 -9.66
C ASP B 228 3.72 32.30 -8.24
N ARG B 229 3.18 31.41 -7.43
CA ARG B 229 3.01 31.69 -6.01
C ARG B 229 4.35 32.01 -5.37
N LEU B 230 5.34 31.14 -5.60
CA LEU B 230 6.70 31.30 -5.08
C LEU B 230 7.37 32.63 -5.46
N THR B 231 7.03 33.15 -6.63
CA THR B 231 7.70 34.35 -7.15
C THR B 231 7.32 35.64 -6.42
N GLN B 232 6.13 35.63 -5.84
CA GLN B 232 5.61 36.74 -5.04
C GLN B 232 6.62 37.24 -4.00
N SER B 233 7.24 36.29 -3.31
CA SER B 233 8.17 36.60 -2.23
C SER B 233 9.63 36.33 -2.62
N HIS B 234 9.81 35.66 -3.76
CA HIS B 234 11.13 35.42 -4.36
C HIS B 234 11.19 35.96 -5.81
N PRO B 235 11.49 37.25 -5.94
CA PRO B 235 11.59 38.06 -7.16
C PRO B 235 12.46 37.36 -8.22
N ILE B 236 13.50 36.71 -7.73
CA ILE B 236 14.53 36.10 -8.58
C ILE B 236 14.00 34.95 -9.46
N LEU B 237 12.91 34.33 -9.02
CA LEU B 237 12.31 33.20 -9.73
C LEU B 237 11.56 33.58 -11.02
N ASN B 238 11.22 34.86 -11.18
CA ASN B 238 10.69 35.38 -12.45
C ASN B 238 11.67 35.22 -13.63
N MET B 239 12.95 34.92 -13.33
CA MET B 239 13.97 34.61 -14.34
C MET B 239 13.76 33.25 -14.97
N ILE B 240 12.87 32.47 -14.42
CA ILE B 240 12.58 31.17 -15.00
C ILE B 240 11.60 31.31 -16.15
N ASP B 241 12.01 30.80 -17.31
CA ASP B 241 11.07 30.57 -18.39
C ASP B 241 10.44 29.21 -18.14
N THR B 242 9.11 29.18 -18.03
CA THR B 242 8.43 27.99 -17.55
C THR B 242 7.75 27.08 -18.60
N LYS B 243 7.79 27.48 -19.87
CA LYS B 243 7.12 26.73 -20.94
C LYS B 243 8.07 25.82 -21.74
N LYS B 244 9.37 26.02 -21.58
CA LYS B 244 10.38 25.33 -22.39
C LYS B 244 11.10 24.20 -21.63
N SER B 245 11.27 23.06 -22.30
CA SER B 245 11.90 21.89 -21.69
C SER B 245 13.41 21.98 -21.75
N SER B 246 14.09 20.89 -21.37
CA SER B 246 15.53 20.82 -21.43
C SER B 246 16.11 20.56 -22.85
N LEU B 247 15.28 20.65 -23.90
CA LEU B 247 15.75 20.39 -25.27
C LEU B 247 16.31 21.66 -25.93
N ASN B 248 17.41 21.51 -26.65
CA ASN B 248 18.06 22.65 -27.34
C ASN B 248 18.31 23.86 -26.40
N ILE B 249 18.77 23.56 -25.18
CA ILE B 249 19.11 24.59 -24.18
C ILE B 249 20.39 24.23 -23.48
N SER B 250 21.03 25.19 -22.83
CA SER B 250 22.25 24.88 -22.11
C SER B 250 22.17 25.03 -20.59
N GLY B 251 23.26 24.71 -19.92
CA GLY B 251 23.40 24.94 -18.46
C GLY B 251 23.41 26.41 -18.10
N TYR B 252 23.60 27.25 -19.10
CA TYR B 252 23.57 28.73 -18.94
C TYR B 252 22.18 29.34 -19.00
N ASN B 253 21.21 28.54 -19.40
CA ASN B 253 19.80 28.95 -19.41
C ASN B 253 19.04 28.61 -18.13
N PHE B 254 17.99 29.37 -17.92
CA PHE B 254 17.23 29.33 -16.67
C PHE B 254 15.93 28.56 -16.90
N SER B 255 16.06 27.25 -17.08
CA SER B 255 14.89 26.39 -17.25
C SER B 255 14.25 26.04 -15.90
N LEU B 256 12.95 25.75 -15.87
CA LEU B 256 12.40 25.32 -14.59
C LEU B 256 13.14 24.08 -14.13
N GLY B 257 13.50 23.19 -15.07
CA GLY B 257 14.32 22.00 -14.76
C GLY B 257 15.64 22.26 -14.04
N ALA B 258 16.35 23.31 -14.43
CA ALA B 258 17.60 23.63 -13.75
C ALA B 258 17.34 24.15 -12.34
N ALA B 259 16.33 24.99 -12.21
CA ALA B 259 15.96 25.53 -10.91
C ALA B 259 15.49 24.45 -9.97
N VAL B 260 14.64 23.53 -10.45
CA VAL B 260 14.23 22.34 -9.64
C VAL B 260 15.42 21.47 -9.23
N LYS B 261 16.35 21.24 -10.17
CA LYS B 261 17.57 20.46 -9.86
C LYS B 261 18.41 21.13 -8.78
N ALA B 262 18.54 22.45 -8.84
CA ALA B 262 19.38 23.13 -7.87
C ALA B 262 18.73 23.12 -6.49
N GLY B 263 17.42 23.35 -6.44
CA GLY B 263 16.65 23.36 -5.22
C GLY B 263 16.73 22.02 -4.51
N ALA B 264 16.74 20.93 -5.27
CA ALA B 264 16.88 19.57 -4.67
C ALA B 264 18.19 19.42 -3.91
N CYS B 265 19.16 20.29 -4.16
CA CYS B 265 20.43 20.21 -3.48
C CYS B 265 20.47 21.02 -2.19
N MET B 266 19.42 21.78 -1.93
CA MET B 266 19.34 22.72 -0.82
C MET B 266 18.67 22.16 0.44
N LEU B 267 18.44 20.86 0.46
CA LEU B 267 17.62 20.26 1.51
C LEU B 267 18.44 19.39 2.44
N ASP B 268 18.05 19.33 3.70
CA ASP B 268 18.66 18.37 4.62
C ASP B 268 17.73 17.18 4.80
N GLY B 269 18.16 16.03 4.28
CA GLY B 269 17.30 14.86 4.11
C GLY B 269 16.34 15.06 2.95
N GLY B 270 15.30 14.24 2.88
CA GLY B 270 14.35 14.29 1.78
C GLY B 270 14.61 13.36 0.59
N ASN B 271 15.74 12.64 0.63
CA ASN B 271 16.15 11.64 -0.39
C ASN B 271 16.07 12.01 -1.87
N MET B 272 16.48 13.22 -2.21
CA MET B 272 16.50 13.70 -3.58
C MET B 272 17.46 12.88 -4.43
N LEU B 273 16.99 12.31 -5.53
CA LEU B 273 17.90 11.56 -6.46
C LEU B 273 19.06 12.45 -6.92
N GLU B 274 18.83 13.76 -6.96
CA GLU B 274 19.84 14.74 -7.36
C GLU B 274 21.13 14.68 -6.55
N THR B 275 21.06 14.21 -5.29
CA THR B 275 22.22 14.12 -4.41
C THR B 275 22.98 12.77 -4.44
N ILE B 276 22.56 11.86 -5.32
CA ILE B 276 23.21 10.55 -5.44
C ILE B 276 24.66 10.67 -5.83
N LYS B 277 25.52 9.88 -5.15
CA LYS B 277 26.90 9.71 -5.52
C LYS B 277 27.10 8.26 -5.98
N VAL B 278 27.81 8.10 -7.09
CA VAL B 278 28.10 6.76 -7.63
C VAL B 278 29.61 6.58 -7.63
N SER B 279 30.04 5.37 -7.32
CA SER B 279 31.43 4.99 -7.40
C SER B 279 31.46 3.59 -8.03
N PRO B 280 32.65 3.18 -8.53
CA PRO B 280 32.80 1.85 -9.09
C PRO B 280 32.36 0.79 -8.08
N GLN B 281 32.47 1.10 -6.79
CA GLN B 281 32.05 0.16 -5.76
C GLN B 281 30.53 0.04 -5.62
N THR B 282 29.77 1.09 -5.94
CA THR B 282 28.32 1.10 -5.65
C THR B 282 27.43 1.08 -6.91
N MET B 283 28.03 1.29 -8.09
CA MET B 283 27.27 1.38 -9.36
C MET B 283 26.37 0.16 -9.56
N ASP B 284 26.91 -1.04 -9.36
CA ASP B 284 26.12 -2.25 -9.54
C ASP B 284 24.93 -2.32 -8.60
N GLY B 285 25.12 -1.90 -7.34
CA GLY B 285 24.03 -1.87 -6.37
C GLY B 285 22.93 -0.87 -6.69
N ILE B 286 23.34 0.32 -7.15
CA ILE B 286 22.42 1.33 -7.62
C ILE B 286 21.58 0.84 -8.81
N LEU B 287 22.24 0.25 -9.81
CA LEU B 287 21.51 -0.32 -10.94
C LEU B 287 20.52 -1.39 -10.45
N LYS B 288 20.96 -2.23 -9.52
CA LYS B 288 20.18 -3.36 -9.04
C LYS B 288 18.87 -2.82 -8.46
N SER B 289 18.98 -1.75 -7.67
CA SER B 289 17.83 -1.06 -7.04
C SER B 289 16.90 -0.39 -8.03
N ILE B 290 17.49 0.21 -9.08
CA ILE B 290 16.72 0.84 -10.18
C ILE B 290 15.85 -0.20 -10.88
N LEU B 291 16.40 -1.39 -11.06
CA LEU B 291 15.71 -2.52 -11.71
C LEU B 291 14.56 -3.05 -10.85
N LYS B 292 14.79 -3.14 -9.55
CA LYS B 292 13.75 -3.49 -8.58
C LYS B 292 12.51 -2.58 -8.76
N VAL B 293 12.76 -1.26 -8.87
CA VAL B 293 11.71 -0.26 -9.14
C VAL B 293 11.06 -0.40 -10.51
N LYS B 294 11.88 -0.61 -11.55
CA LYS B 294 11.35 -0.82 -12.90
C LYS B 294 10.36 -1.96 -12.95
N LYS B 295 10.72 -3.09 -12.33
CA LYS B 295 9.86 -4.27 -12.25
C LYS B 295 8.59 -3.95 -11.47
N ALA B 296 8.75 -3.30 -10.33
CA ALA B 296 7.62 -2.90 -9.48
C ALA B 296 6.60 -1.98 -10.16
N LEU B 297 7.05 -1.04 -10.98
CA LEU B 297 6.13 -0.04 -11.51
C LEU B 297 5.85 -0.24 -12.99
N GLY B 298 6.59 -1.14 -13.61
CA GLY B 298 6.57 -1.26 -15.06
C GLY B 298 7.22 -0.07 -15.76
N MET B 299 8.34 0.43 -15.22
CA MET B 299 9.11 1.49 -15.91
C MET B 299 9.70 0.98 -17.24
N PHE B 300 9.90 1.89 -18.21
CA PHE B 300 10.38 1.50 -19.55
C PHE B 300 11.10 2.66 -20.25
N ILE B 301 11.87 2.33 -21.26
CA ILE B 301 12.46 3.30 -22.18
C ILE B 301 11.40 3.52 -23.28
N SER B 302 11.02 4.77 -23.52
CA SER B 302 10.02 5.09 -24.55
C SER B 302 10.65 4.97 -25.92
N ASP B 303 9.85 4.59 -26.90
CA ASP B 303 10.31 4.35 -28.27
C ASP B 303 10.32 5.65 -29.09
N THR B 304 10.00 6.78 -28.44
CA THR B 304 9.87 8.09 -29.13
C THR B 304 10.83 9.18 -28.62
N PRO B 305 11.38 9.99 -29.53
CA PRO B 305 12.41 10.89 -29.03
C PRO B 305 11.76 12.04 -28.28
N GLY B 306 12.56 12.91 -27.69
CA GLY B 306 11.98 14.00 -26.93
C GLY B 306 12.46 13.87 -25.51
N GLU B 307 11.70 14.41 -24.57
CA GLU B 307 12.22 14.46 -23.21
C GLU B 307 12.24 13.09 -22.56
N ARG B 308 13.20 12.91 -21.67
CA ARG B 308 13.34 11.71 -20.88
C ARG B 308 12.35 11.61 -19.73
N ASN B 309 11.79 10.42 -19.55
CA ASN B 309 11.09 10.12 -18.29
C ASN B 309 12.15 9.91 -17.22
N PRO B 310 11.75 9.82 -15.95
CA PRO B 310 12.75 9.65 -14.90
C PRO B 310 13.56 8.34 -14.89
N TYR B 311 13.13 7.29 -15.61
CA TYR B 311 13.91 6.05 -15.74
C TYR B 311 15.01 6.25 -16.78
N GLU B 312 14.64 6.82 -17.92
CA GLU B 312 15.58 7.05 -19.06
C GLU B 312 16.63 8.02 -18.53
N ASN B 313 16.15 8.97 -17.74
CA ASN B 313 16.97 9.99 -17.10
C ASN B 313 17.99 9.42 -16.12
N ILE B 314 17.56 8.58 -15.19
CA ILE B 314 18.53 8.00 -14.26
C ILE B 314 19.50 7.06 -14.96
N LEU B 315 18.96 6.22 -15.83
CA LEU B 315 19.78 5.19 -16.44
C LEU B 315 20.86 5.83 -17.30
N TYR B 316 20.48 6.87 -18.05
CA TYR B 316 21.43 7.71 -18.79
C TYR B 316 22.55 8.29 -17.90
N LYS B 317 22.16 9.00 -16.82
CA LYS B 317 23.12 9.77 -16.02
C LYS B 317 24.17 8.92 -15.34
N ILE B 318 23.73 7.74 -14.86
CA ILE B 318 24.60 6.77 -14.17
C ILE B 318 25.61 6.12 -15.10
N CYS B 319 25.11 5.55 -16.20
CA CYS B 319 25.94 4.95 -17.24
C CYS B 319 26.95 5.91 -17.85
N LEU B 320 26.68 7.21 -17.76
CA LEU B 320 27.60 8.21 -18.29
C LEU B 320 28.98 8.11 -17.61
N SER B 321 29.02 8.03 -16.29
CA SER B 321 30.28 7.77 -15.59
C SER B 321 30.17 6.98 -14.29
N GLY B 322 31.14 6.08 -14.08
CA GLY B 322 31.13 5.26 -12.87
C GLY B 322 31.58 5.96 -11.60
N ASP B 323 31.85 7.27 -11.68
CA ASP B 323 32.55 7.97 -10.61
C ASP B 323 32.16 9.44 -10.61
N GLY B 324 31.17 9.78 -9.79
CA GLY B 324 30.76 11.19 -9.68
C GLY B 324 29.42 11.42 -9.01
N TRP B 325 28.84 12.56 -9.34
CA TRP B 325 27.50 12.92 -8.89
C TRP B 325 26.68 13.00 -10.22
N PRO B 326 25.91 11.93 -10.55
CA PRO B 326 25.33 11.85 -11.91
C PRO B 326 24.37 12.98 -12.33
N TYR B 327 23.63 13.53 -11.39
CA TYR B 327 22.68 14.58 -11.74
C TYR B 327 23.32 15.99 -11.72
N ILE B 328 24.34 16.19 -10.89
CA ILE B 328 24.71 17.57 -10.46
C ILE B 328 26.15 18.02 -10.69
N ALA B 329 27.03 17.06 -10.86
CA ALA B 329 28.43 17.40 -11.12
C ALA B 329 28.58 17.95 -12.55
N SER B 330 29.66 18.69 -12.78
CA SER B 330 30.10 19.13 -14.11
C SER B 330 30.49 17.90 -14.93
N ARG B 331 29.79 17.69 -16.04
CA ARG B 331 30.01 16.52 -16.85
C ARG B 331 30.66 16.94 -18.18
N THR B 332 30.96 18.23 -18.32
CA THR B 332 31.44 18.79 -19.61
C THR B 332 32.82 18.32 -19.99
N SER B 333 33.57 17.76 -19.06
CA SER B 333 34.83 17.23 -19.50
C SER B 333 34.77 15.72 -19.84
N ILE B 334 33.57 15.15 -19.73
CA ILE B 334 33.37 13.73 -20.02
C ILE B 334 33.21 13.55 -21.53
N THR B 335 33.89 12.54 -22.07
CA THR B 335 33.72 12.25 -23.49
C THR B 335 32.88 10.99 -23.61
N GLY B 336 32.30 10.81 -24.79
CA GLY B 336 31.53 9.61 -25.06
C GLY B 336 30.11 9.70 -24.60
N ARG B 337 29.38 8.62 -24.88
CA ARG B 337 27.96 8.47 -24.63
C ARG B 337 27.71 7.41 -23.58
N ALA B 338 26.55 7.46 -22.95
CA ALA B 338 26.29 6.54 -21.86
C ALA B 338 26.38 5.05 -22.25
N TRP B 339 25.87 4.68 -23.42
CA TRP B 339 26.01 3.31 -23.98
C TRP B 339 27.45 2.88 -24.31
N GLU B 340 28.35 3.85 -24.44
CA GLU B 340 29.78 3.61 -24.65
C GLU B 340 30.56 3.47 -23.34
N ASN B 341 30.17 4.28 -22.36
CA ASN B 341 30.91 4.41 -21.10
C ASN B 341 30.54 3.31 -20.08
N THR B 342 29.40 2.68 -20.31
CA THR B 342 28.94 1.57 -19.50
C THR B 342 28.52 0.47 -20.44
N VAL B 343 29.26 -0.62 -20.40
CA VAL B 343 29.04 -1.73 -21.31
C VAL B 343 28.71 -3.02 -20.56
N VAL B 344 27.82 -3.78 -21.16
CA VAL B 344 27.32 -5.00 -20.54
C VAL B 344 28.07 -6.20 -21.08
N ASP B 345 28.69 -6.95 -20.18
CA ASP B 345 29.45 -8.14 -20.56
C ASP B 345 28.70 -9.43 -20.27
N LEU B 346 28.13 -10.01 -21.31
CA LEU B 346 27.87 -11.44 -21.26
C LEU B 346 28.15 -12.14 -22.59
N GLY B 372 20.00 -9.17 -38.12
CA GLY B 372 19.07 -8.13 -38.56
C GLY B 372 19.13 -6.85 -37.73
N LEU B 373 18.62 -5.78 -38.32
CA LEU B 373 18.42 -4.53 -37.57
C LEU B 373 17.22 -4.68 -36.64
N THR B 374 17.35 -4.19 -35.42
CA THR B 374 16.20 -4.12 -34.53
C THR B 374 15.19 -3.02 -34.93
N TYR B 375 14.00 -3.07 -34.37
CA TYR B 375 13.05 -1.99 -34.55
C TYR B 375 13.60 -0.64 -34.07
N SER B 376 14.40 -0.66 -33.00
CA SER B 376 14.98 0.62 -32.51
C SER B 376 16.00 1.21 -33.49
N GLN B 377 16.87 0.34 -34.00
CA GLN B 377 17.86 0.66 -34.99
C GLN B 377 17.20 1.19 -36.27
N LEU B 378 16.15 0.51 -36.73
CA LEU B 378 15.43 0.92 -37.93
C LEU B 378 14.82 2.32 -37.83
N MET B 379 14.27 2.64 -36.66
CA MET B 379 13.71 3.97 -36.41
C MET B 379 14.82 5.01 -36.53
N THR B 380 15.98 4.74 -35.90
CA THR B 380 17.19 5.58 -36.05
C THR B 380 17.62 5.74 -37.51
N LEU B 381 17.68 4.62 -38.25
CA LEU B 381 18.06 4.69 -39.68
C LEU B 381 17.12 5.63 -40.42
N LYS B 382 15.82 5.52 -40.15
CA LYS B 382 14.81 6.18 -40.99
C LYS B 382 14.92 7.68 -40.84
N ASP B 383 15.06 8.07 -39.56
CA ASP B 383 15.34 9.45 -39.15
C ASP B 383 16.65 10.01 -39.72
N ALA B 384 17.72 9.23 -39.73
CA ALA B 384 18.96 9.66 -40.35
C ALA B 384 18.74 9.93 -41.86
N MET B 385 17.93 9.09 -42.50
CA MET B 385 17.69 9.24 -43.94
C MET B 385 16.99 10.53 -44.32
N LEU B 386 16.30 11.16 -43.36
CA LEU B 386 15.64 12.45 -43.59
C LEU B 386 16.59 13.60 -44.03
N GLN B 387 17.87 13.47 -43.67
CA GLN B 387 18.93 14.37 -44.17
C GLN B 387 19.01 14.39 -45.72
N LEU B 388 18.74 13.26 -46.40
CA LEU B 388 18.90 13.18 -47.88
C LEU B 388 17.93 14.15 -48.53
N ASP B 389 18.41 14.83 -49.56
CA ASP B 389 17.53 15.50 -50.51
C ASP B 389 17.06 14.47 -51.57
N PRO B 390 15.77 14.09 -51.59
CA PRO B 390 15.31 13.11 -52.59
C PRO B 390 15.48 13.55 -54.06
N ASN B 391 15.63 14.86 -54.26
CA ASN B 391 15.65 15.48 -55.59
C ASN B 391 17.07 15.67 -56.20
N ALA B 392 18.09 15.59 -55.35
CA ALA B 392 19.48 15.90 -55.71
C ALA B 392 20.15 14.84 -56.57
N LYS B 393 21.20 15.21 -57.29
CA LYS B 393 22.07 14.22 -57.97
C LYS B 393 22.65 13.28 -56.89
N THR B 394 22.54 11.97 -57.11
CA THR B 394 22.87 10.97 -56.11
C THR B 394 23.65 9.89 -56.83
N TRP B 395 24.95 9.78 -56.55
CA TRP B 395 25.77 8.68 -57.11
C TRP B 395 25.62 7.40 -56.30
N MET B 396 25.72 6.25 -56.95
CA MET B 396 25.87 5.01 -56.18
C MET B 396 26.98 4.17 -56.72
N ASP B 397 27.65 3.40 -55.86
CA ASP B 397 28.72 2.46 -56.27
C ASP B 397 28.79 1.31 -55.26
N ILE B 398 29.33 0.17 -55.68
CA ILE B 398 29.53 -0.91 -54.74
C ILE B 398 30.86 -1.61 -54.95
N GLU B 399 31.31 -2.32 -53.93
CA GLU B 399 32.37 -3.30 -54.13
C GLU B 399 31.82 -4.68 -53.82
N GLY B 400 32.26 -5.68 -54.57
CA GLY B 400 31.63 -7.00 -54.55
C GLY B 400 30.63 -7.11 -55.71
N ARG B 401 30.34 -8.35 -56.10
CA ARG B 401 29.39 -8.60 -57.18
C ARG B 401 28.00 -8.16 -56.71
N PRO B 402 27.11 -7.77 -57.64
CA PRO B 402 25.84 -7.20 -57.19
C PRO B 402 24.94 -8.16 -56.43
N GLU B 403 25.03 -9.45 -56.72
CA GLU B 403 24.31 -10.45 -55.92
C GLU B 403 24.95 -10.74 -54.54
N ASP B 404 26.12 -10.15 -54.26
CA ASP B 404 26.88 -10.40 -53.03
C ASP B 404 27.84 -9.20 -52.69
N PRO B 405 27.30 -7.99 -52.46
CA PRO B 405 28.19 -6.83 -52.21
C PRO B 405 28.84 -6.87 -50.83
N VAL B 406 29.95 -6.13 -50.68
CA VAL B 406 30.64 -6.02 -49.38
C VAL B 406 30.83 -4.56 -48.93
N GLU B 407 30.69 -3.62 -49.86
CA GLU B 407 30.71 -2.18 -49.54
C GLU B 407 29.75 -1.47 -50.43
N ILE B 408 28.87 -0.66 -49.83
CA ILE B 408 27.91 0.15 -50.58
C ILE B 408 28.10 1.66 -50.19
N ALA B 409 28.25 2.52 -51.21
CA ALA B 409 28.17 3.98 -51.04
C ALA B 409 27.14 4.71 -51.90
N LEU B 410 26.61 5.79 -51.34
CA LEU B 410 25.69 6.71 -52.03
C LEU B 410 26.16 8.10 -51.63
N TYR B 411 26.17 9.03 -52.59
CA TYR B 411 26.79 10.32 -52.43
C TYR B 411 26.06 11.40 -53.18
N GLN B 412 25.78 12.52 -52.51
CA GLN B 412 25.11 13.65 -53.12
C GLN B 412 26.06 14.84 -52.99
N PRO B 413 26.89 15.10 -54.04
CA PRO B 413 27.86 16.19 -54.12
C PRO B 413 27.36 17.55 -53.68
N SER B 414 26.08 17.82 -53.90
CA SER B 414 25.51 19.15 -53.69
C SER B 414 25.33 19.47 -52.20
N SER B 415 24.78 18.51 -51.45
CA SER B 415 24.74 18.52 -49.99
C SER B 415 26.09 18.06 -49.42
N GLY B 416 26.75 17.16 -50.12
CA GLY B 416 27.99 16.62 -49.61
C GLY B 416 27.74 15.48 -48.64
N CYS B 417 26.50 14.99 -48.58
CA CYS B 417 26.21 13.88 -47.71
C CYS B 417 26.42 12.52 -48.40
N TYR B 418 26.78 11.54 -47.62
CA TYR B 418 27.06 10.24 -48.18
C TYR B 418 26.54 9.17 -47.25
N ILE B 419 26.27 7.98 -47.82
CA ILE B 419 25.87 6.80 -47.10
C ILE B 419 26.95 5.78 -47.39
N HIS B 420 27.41 5.07 -46.36
CA HIS B 420 28.54 4.17 -46.56
C HIS B 420 28.52 3.08 -45.50
N PHE B 421 28.50 1.83 -45.96
CA PHE B 421 28.42 0.69 -45.03
C PHE B 421 28.92 -0.61 -45.69
N PHE B 422 28.91 -1.68 -44.91
CA PHE B 422 29.55 -2.94 -45.25
C PHE B 422 28.67 -4.13 -44.95
N ARG B 423 28.96 -5.20 -45.66
CA ARG B 423 28.20 -6.41 -45.64
C ARG B 423 29.21 -7.56 -45.73
N GLU B 424 29.03 -8.58 -44.89
CA GLU B 424 29.89 -9.77 -44.91
C GLU B 424 29.57 -10.65 -46.13
N PRO B 425 30.61 -11.17 -46.82
CA PRO B 425 30.45 -11.95 -48.05
C PRO B 425 29.82 -13.35 -47.81
N THR B 426 29.01 -13.78 -48.78
CA THR B 426 28.35 -15.09 -48.81
C THR B 426 29.30 -16.10 -49.48
N ASP B 427 29.83 -15.74 -50.65
CA ASP B 427 30.78 -16.58 -51.37
C ASP B 427 32.23 -16.13 -51.08
N LEU B 428 32.91 -16.90 -50.23
CA LEU B 428 34.24 -16.54 -49.80
C LEU B 428 35.30 -16.67 -50.89
N LYS B 429 35.16 -17.63 -51.79
CA LYS B 429 36.14 -17.83 -52.86
C LYS B 429 36.22 -16.60 -53.76
N GLN B 430 35.07 -16.16 -54.27
CA GLN B 430 35.00 -14.93 -55.07
C GLN B 430 35.41 -13.70 -54.28
N PHE B 431 35.08 -13.66 -52.99
CA PHE B 431 35.51 -12.52 -52.17
C PHE B 431 37.02 -12.36 -52.30
N LYS B 432 37.72 -13.48 -52.09
CA LYS B 432 39.20 -13.50 -52.12
C LYS B 432 39.77 -12.86 -53.36
N GLN B 433 39.13 -13.16 -54.49
CA GLN B 433 39.59 -12.69 -55.78
C GLN B 433 39.30 -11.20 -55.95
N ASP B 434 38.09 -10.78 -55.59
CA ASP B 434 37.76 -9.34 -55.45
C ASP B 434 38.75 -8.56 -54.55
N ALA B 435 39.23 -9.22 -53.50
CA ALA B 435 40.19 -8.62 -52.57
C ALA B 435 41.53 -8.40 -53.24
N LYS B 436 41.91 -9.34 -54.13
CA LYS B 436 43.20 -9.28 -54.78
C LYS B 436 43.16 -8.27 -55.91
N TYR B 437 42.00 -8.17 -56.54
CA TYR B 437 41.95 -7.46 -57.79
C TYR B 437 41.16 -6.17 -57.79
N SER B 438 40.39 -5.95 -56.74
CA SER B 438 39.59 -4.73 -56.66
C SER B 438 39.77 -3.99 -55.33
N HIS B 439 39.21 -4.55 -54.25
CA HIS B 439 38.92 -3.77 -53.05
C HIS B 439 39.85 -3.90 -51.84
N GLY B 440 40.70 -4.93 -51.89
CA GLY B 440 41.67 -5.19 -50.82
C GLY B 440 41.16 -5.25 -49.39
N ILE B 441 39.97 -5.79 -49.19
CA ILE B 441 39.36 -5.84 -47.86
C ILE B 441 39.67 -7.20 -47.30
N ASP B 442 40.18 -7.17 -46.08
CA ASP B 442 40.39 -8.35 -45.25
C ASP B 442 39.02 -8.74 -44.70
N VAL B 443 38.53 -9.93 -45.08
CA VAL B 443 37.24 -10.44 -44.59
C VAL B 443 37.08 -10.34 -43.08
N THR B 444 38.17 -10.59 -42.35
CA THR B 444 38.11 -10.55 -40.89
C THR B 444 37.70 -9.19 -40.36
N ASP B 445 38.06 -8.12 -41.06
CA ASP B 445 37.71 -6.76 -40.64
C ASP B 445 36.21 -6.48 -40.75
N LEU B 446 35.50 -7.30 -41.51
CA LEU B 446 34.07 -7.10 -41.70
C LEU B 446 33.25 -7.68 -40.56
N PHE B 447 33.87 -8.50 -39.71
CA PHE B 447 33.12 -9.12 -38.61
C PHE B 447 32.51 -8.09 -37.65
N ALA B 448 33.15 -6.93 -37.50
CA ALA B 448 32.68 -5.86 -36.62
C ALA B 448 31.56 -5.00 -37.23
N THR B 449 31.17 -5.35 -38.46
CA THR B 449 30.18 -4.56 -39.21
C THR B 449 28.72 -5.02 -38.95
N GLN B 450 27.82 -4.05 -38.91
CA GLN B 450 26.39 -4.29 -38.64
C GLN B 450 25.72 -4.99 -39.80
N PRO B 451 25.11 -6.15 -39.55
CA PRO B 451 24.46 -6.78 -40.69
C PRO B 451 23.02 -6.34 -40.89
N GLY B 452 22.60 -6.32 -42.15
CA GLY B 452 21.23 -6.03 -42.50
C GLY B 452 20.96 -4.65 -43.06
N LEU B 453 22.00 -3.84 -43.21
CA LEU B 453 21.84 -2.49 -43.75
C LEU B 453 21.61 -2.44 -45.25
N THR B 454 22.11 -3.42 -46.01
CA THR B 454 21.82 -3.45 -47.45
C THR B 454 20.32 -3.41 -47.72
N SER B 455 19.59 -4.30 -47.05
CA SER B 455 18.14 -4.36 -47.17
C SER B 455 17.49 -3.10 -46.56
N ALA B 456 17.90 -2.77 -45.33
CA ALA B 456 17.31 -1.65 -44.57
C ALA B 456 17.46 -0.31 -45.28
N VAL B 457 18.67 -0.05 -45.78
CA VAL B 457 18.99 1.26 -46.37
C VAL B 457 18.33 1.38 -47.74
N ILE B 458 18.40 0.33 -48.56
CA ILE B 458 17.78 0.36 -49.90
C ILE B 458 16.25 0.47 -49.84
N ASP B 459 15.65 -0.19 -48.86
CA ASP B 459 14.20 -0.04 -48.64
C ASP B 459 13.83 1.35 -48.17
N ALA B 460 14.79 2.05 -47.58
CA ALA B 460 14.53 3.36 -47.00
C ALA B 460 14.73 4.48 -48.00
N LEU B 461 15.39 4.15 -49.11
CA LEU B 461 15.61 5.12 -50.20
C LEU B 461 14.30 5.73 -50.65
N PRO B 462 14.33 7.05 -50.92
CA PRO B 462 13.07 7.75 -51.23
C PRO B 462 12.55 7.38 -52.60
N ARG B 463 11.23 7.37 -52.75
CA ARG B 463 10.61 6.97 -54.00
C ARG B 463 10.99 7.94 -55.11
N ASN B 464 11.08 7.44 -56.34
CA ASN B 464 11.38 8.27 -57.52
C ASN B 464 12.66 9.08 -57.39
N MET B 465 13.63 8.45 -56.73
CA MET B 465 14.97 8.96 -56.74
C MET B 465 15.59 8.58 -58.07
N VAL B 466 16.52 9.41 -58.53
CA VAL B 466 17.34 9.11 -59.68
C VAL B 466 18.79 8.93 -59.22
N ILE B 467 19.35 7.77 -59.57
CA ILE B 467 20.68 7.39 -59.12
C ILE B 467 21.61 7.38 -60.33
N THR B 468 22.76 8.01 -60.15
CA THR B 468 23.83 8.05 -61.15
C THR B 468 24.90 6.99 -60.78
N CYS B 469 25.44 6.28 -61.77
CA CYS B 469 26.48 5.29 -61.48
C CYS B 469 27.37 5.14 -62.69
N GLN B 470 28.46 4.39 -62.56
CA GLN B 470 29.40 4.20 -63.66
C GLN B 470 28.94 3.11 -64.63
N GLY B 471 28.72 1.89 -64.15
CA GLY B 471 28.08 0.85 -64.98
C GLY B 471 26.71 0.56 -64.38
N SER B 472 25.65 0.80 -65.15
CA SER B 472 24.27 0.70 -64.62
C SER B 472 23.85 -0.71 -64.20
N ASP B 473 24.27 -1.70 -64.98
CA ASP B 473 23.76 -3.08 -64.83
C ASP B 473 23.90 -3.70 -63.43
N ASP B 474 25.04 -3.48 -62.79
CA ASP B 474 25.35 -4.03 -61.45
C ASP B 474 24.53 -3.37 -60.34
N ILE B 475 24.45 -2.04 -60.42
CA ILE B 475 23.54 -1.23 -59.58
C ILE B 475 22.08 -1.66 -59.80
N ARG B 476 21.63 -1.67 -61.05
CA ARG B 476 20.32 -2.21 -61.41
C ARG B 476 20.03 -3.58 -60.80
N LYS B 477 20.94 -4.53 -61.05
CA LYS B 477 20.89 -5.87 -60.51
C LYS B 477 20.68 -5.88 -59.01
N LEU B 478 21.54 -5.19 -58.28
CA LEU B 478 21.38 -5.19 -56.83
C LEU B 478 20.07 -4.57 -56.39
N LEU B 479 19.71 -3.41 -56.93
CA LEU B 479 18.44 -2.82 -56.49
C LEU B 479 17.23 -3.72 -56.85
N GLU B 480 17.23 -4.29 -58.04
CA GLU B 480 16.25 -5.33 -58.37
C GLU B 480 16.12 -6.35 -57.20
N SER B 481 17.26 -6.90 -56.78
CA SER B 481 17.34 -7.99 -55.79
C SER B 481 16.82 -7.66 -54.39
N GLN B 482 16.87 -6.38 -54.04
CA GLN B 482 16.41 -5.86 -52.74
C GLN B 482 14.99 -5.31 -52.82
N GLY B 483 14.35 -5.49 -53.98
CA GLY B 483 12.94 -5.16 -54.16
C GLY B 483 12.64 -3.76 -54.63
N ARG B 484 13.67 -3.02 -55.03
CA ARG B 484 13.49 -1.66 -55.48
C ARG B 484 13.70 -1.54 -56.97
N LYS B 485 12.66 -1.93 -57.70
CA LYS B 485 12.64 -1.84 -59.15
C LYS B 485 12.37 -0.42 -59.65
N ASP B 486 11.65 0.35 -58.83
CA ASP B 486 11.22 1.72 -59.13
C ASP B 486 12.33 2.76 -59.35
N ILE B 487 13.52 2.57 -58.77
CA ILE B 487 14.56 3.60 -58.81
C ILE B 487 15.17 3.75 -60.21
N LYS B 488 15.01 4.94 -60.78
CA LYS B 488 15.56 5.31 -62.09
C LYS B 488 17.10 5.37 -62.01
N LEU B 489 17.78 4.89 -63.05
CA LEU B 489 19.25 4.89 -63.09
C LEU B 489 19.81 5.65 -64.26
N ILE B 490 20.87 6.40 -64.00
CA ILE B 490 21.62 7.08 -65.06
C ILE B 490 22.99 6.40 -65.16
N ASP B 491 23.30 5.92 -66.36
CA ASP B 491 24.62 5.35 -66.63
C ASP B 491 25.53 6.44 -67.20
N ILE B 492 26.64 6.71 -66.52
CA ILE B 492 27.58 7.74 -66.98
C ILE B 492 28.53 7.28 -68.10
N ALA B 493 29.02 6.05 -68.01
CA ALA B 493 29.98 5.50 -68.99
C ALA B 493 31.27 6.33 -69.25
N LEU B 494 32.01 6.59 -68.18
CA LEU B 494 33.35 7.13 -68.32
C LEU B 494 34.26 6.04 -68.85
N SER B 495 35.26 6.42 -69.63
CA SER B 495 36.32 5.51 -70.00
C SER B 495 37.17 5.20 -68.75
N LYS B 496 38.07 4.22 -68.82
CA LYS B 496 38.83 3.86 -67.64
C LYS B 496 39.80 4.96 -67.19
N THR B 497 40.46 5.62 -68.12
CA THR B 497 41.42 6.68 -67.78
C THR B 497 40.69 7.84 -67.14
N ASP B 498 39.64 8.27 -67.83
CA ASP B 498 38.84 9.42 -67.42
C ASP B 498 38.20 9.27 -66.04
N SER B 499 37.68 8.07 -65.74
CA SER B 499 36.96 7.84 -64.50
C SER B 499 37.87 8.00 -63.27
N ARG B 500 39.18 7.87 -63.43
CA ARG B 500 40.07 7.88 -62.28
C ARG B 500 41.11 9.00 -62.28
N LYS B 501 40.88 10.03 -63.10
CA LYS B 501 41.75 11.21 -63.12
C LYS B 501 41.92 11.89 -61.75
N TYR B 502 40.86 11.90 -60.94
CA TYR B 502 40.96 12.50 -59.62
C TYR B 502 41.16 11.49 -58.50
N GLU B 503 41.60 10.28 -58.84
CA GLU B 503 41.77 9.21 -57.85
C GLU B 503 42.69 9.65 -56.70
N ASN B 504 43.84 10.27 -57.01
CA ASN B 504 44.78 10.66 -55.96
C ASN B 504 44.33 11.88 -55.21
N ALA B 505 43.68 12.79 -55.92
CA ALA B 505 43.17 14.01 -55.36
C ALA B 505 42.10 13.66 -54.32
N VAL B 506 41.27 12.67 -54.65
CA VAL B 506 40.19 12.26 -53.78
C VAL B 506 40.72 11.53 -52.52
N TRP B 507 41.66 10.63 -52.71
CA TRP B 507 42.28 9.93 -51.55
C TRP B 507 43.05 10.91 -50.66
N ASP B 508 43.73 11.88 -51.29
CA ASP B 508 44.43 12.94 -50.56
C ASP B 508 43.54 13.74 -49.65
N GLN B 509 42.31 14.00 -50.09
CA GLN B 509 41.35 14.81 -49.32
C GLN B 509 40.50 13.99 -48.35
N TYR B 510 40.17 12.73 -48.70
CA TYR B 510 39.12 11.95 -47.98
C TYR B 510 39.47 10.58 -47.40
N LYS B 511 40.77 10.34 -47.22
CA LYS B 511 41.27 9.03 -46.80
C LYS B 511 40.68 8.63 -45.44
N ASP B 512 40.55 9.61 -44.53
CA ASP B 512 40.02 9.36 -43.19
C ASP B 512 38.57 8.87 -43.20
N LEU B 513 37.91 8.94 -44.34
CA LEU B 513 36.52 8.49 -44.39
C LEU B 513 36.40 6.98 -44.58
N CYS B 514 37.48 6.31 -44.97
CA CYS B 514 37.48 4.87 -45.10
C CYS B 514 38.85 4.20 -44.83
N HIS B 515 38.85 3.27 -43.88
CA HIS B 515 40.04 2.53 -43.49
C HIS B 515 39.93 1.02 -43.74
N MET B 516 38.97 0.61 -44.56
CA MET B 516 38.67 -0.81 -44.74
C MET B 516 39.64 -1.50 -45.70
N HIS B 517 40.32 -0.71 -46.54
CA HIS B 517 41.07 -1.21 -47.68
C HIS B 517 42.55 -1.41 -47.32
N THR B 518 42.89 -2.62 -46.89
CA THR B 518 44.21 -2.83 -46.31
C THR B 518 45.10 -3.67 -47.21
N GLY B 519 44.50 -4.40 -48.13
CA GLY B 519 45.28 -5.40 -48.87
C GLY B 519 45.89 -4.78 -50.10
N VAL B 520 46.98 -5.35 -50.58
CA VAL B 520 47.57 -4.94 -51.82
C VAL B 520 46.72 -5.47 -52.96
N VAL B 521 46.52 -4.61 -53.93
CA VAL B 521 45.64 -4.91 -55.05
C VAL B 521 46.52 -4.76 -56.27
N VAL B 522 46.36 -5.69 -57.20
CA VAL B 522 47.21 -5.76 -58.37
C VAL B 522 46.39 -5.72 -59.64
N GLU B 523 47.09 -5.64 -60.76
CA GLU B 523 46.50 -5.60 -62.07
C GLU B 523 47.44 -6.34 -63.02
N LYS B 524 46.86 -7.17 -63.89
CA LYS B 524 47.62 -7.84 -64.95
C LYS B 524 48.11 -6.87 -66.06
N LYS B 525 49.42 -6.83 -66.28
CA LYS B 525 50.03 -5.88 -67.22
C LYS B 525 50.50 -6.55 -68.51
N LYS B 530 52.45 -8.65 -63.01
CA LYS B 530 51.52 -7.94 -62.14
C LYS B 530 52.08 -6.56 -61.72
N GLU B 531 51.20 -5.61 -61.40
CA GLU B 531 51.60 -4.33 -60.81
C GLU B 531 50.60 -3.84 -59.75
N GLU B 532 51.10 -3.13 -58.74
CA GLU B 532 50.27 -2.68 -57.63
C GLU B 532 49.48 -1.43 -58.03
N ILE B 533 48.28 -1.29 -57.46
CA ILE B 533 47.41 -0.13 -57.73
C ILE B 533 46.67 0.24 -56.45
N THR B 534 46.02 1.41 -56.45
CA THR B 534 45.23 1.81 -55.31
C THR B 534 43.94 0.98 -55.26
N PRO B 535 43.61 0.43 -54.09
CA PRO B 535 42.37 -0.33 -53.94
C PRO B 535 41.16 0.53 -54.27
N HIS B 536 40.11 -0.14 -54.75
CA HIS B 536 38.88 0.52 -55.09
C HIS B 536 37.94 0.56 -53.87
N CYS B 537 37.51 1.76 -53.50
CA CYS B 537 36.55 1.99 -52.41
C CYS B 537 35.23 2.50 -53.02
N ALA B 538 34.07 1.93 -52.67
CA ALA B 538 32.79 2.42 -53.22
C ALA B 538 32.58 3.94 -53.04
N LEU B 539 32.97 4.45 -51.88
CA LEU B 539 32.82 5.89 -51.54
C LEU B 539 33.75 6.78 -52.35
N MET B 540 35.02 6.41 -52.39
CA MET B 540 35.97 7.18 -53.18
C MET B 540 35.62 7.06 -54.64
N ASP B 541 35.07 5.92 -55.04
CA ASP B 541 34.57 5.81 -56.42
C ASP B 541 33.41 6.77 -56.75
N CYS B 542 32.45 6.92 -55.85
CA CYS B 542 31.42 7.97 -56.05
C CYS B 542 32.02 9.37 -56.24
N ILE B 543 32.94 9.71 -55.35
CA ILE B 543 33.49 11.08 -55.26
C ILE B 543 34.31 11.39 -56.49
N MET B 544 35.14 10.42 -56.89
CA MET B 544 36.02 10.65 -58.02
C MET B 544 35.29 10.59 -59.35
N PHE B 545 34.25 9.79 -59.45
CA PHE B 545 33.46 9.73 -60.67
C PHE B 545 32.68 11.07 -60.78
N ASP B 546 32.11 11.54 -59.66
CA ASP B 546 31.55 12.88 -59.67
C ASP B 546 32.59 13.94 -60.09
N ALA B 547 33.78 13.89 -59.50
CA ALA B 547 34.84 14.83 -59.86
C ALA B 547 35.12 14.77 -61.37
N ALA B 548 35.10 13.56 -61.94
CA ALA B 548 35.46 13.41 -63.35
C ALA B 548 34.44 14.06 -64.29
N VAL B 549 33.16 14.00 -63.90
CA VAL B 549 32.04 14.55 -64.68
C VAL B 549 31.99 16.07 -64.51
N SER B 550 32.14 16.53 -63.28
CA SER B 550 32.21 17.95 -62.93
C SER B 550 33.41 18.62 -63.55
N GLY B 551 34.44 17.82 -63.86
CA GLY B 551 35.75 18.36 -64.26
C GLY B 551 36.43 19.08 -63.11
N GLY B 552 36.04 18.73 -61.89
CA GLY B 552 36.58 19.39 -60.70
C GLY B 552 36.38 18.69 -59.38
N LEU B 553 37.38 18.82 -58.51
CA LEU B 553 37.23 18.39 -57.13
C LEU B 553 37.56 19.57 -56.25
N ASN B 554 36.56 19.98 -55.46
CA ASN B 554 36.79 21.04 -54.48
C ASN B 554 37.23 20.46 -53.14
N THR B 555 37.67 21.35 -52.25
CA THR B 555 38.05 20.98 -50.90
C THR B 555 36.83 21.20 -49.96
N SER B 556 35.93 20.20 -49.94
CA SER B 556 34.66 20.28 -49.22
C SER B 556 34.54 19.25 -48.09
N VAL B 557 33.84 19.64 -47.03
CA VAL B 557 33.54 18.75 -45.90
C VAL B 557 32.23 17.95 -46.11
N LEU B 558 32.36 16.64 -46.20
CA LEU B 558 31.24 15.73 -46.39
C LEU B 558 30.58 15.46 -45.07
N ARG B 559 29.37 14.91 -45.14
CA ARG B 559 28.59 14.64 -43.93
C ARG B 559 28.07 13.21 -43.99
N ALA B 560 28.41 12.36 -43.02
CA ALA B 560 27.89 10.97 -42.99
C ALA B 560 26.41 11.02 -42.65
N VAL B 561 25.60 10.33 -43.46
CA VAL B 561 24.18 10.17 -43.16
C VAL B 561 23.95 9.14 -42.04
N LEU B 562 24.69 8.03 -42.09
CA LEU B 562 24.57 7.01 -41.05
C LEU B 562 25.48 7.25 -39.83
N PRO B 563 24.96 7.00 -38.61
CA PRO B 563 25.82 7.07 -37.42
C PRO B 563 26.87 5.94 -37.42
N ARG B 564 28.08 6.22 -36.94
CA ARG B 564 29.16 5.19 -36.88
C ARG B 564 28.74 3.99 -36.02
N ASP B 565 27.98 4.27 -34.99
CA ASP B 565 27.40 3.26 -34.10
C ASP B 565 26.45 2.33 -34.84
N MET B 566 26.08 2.69 -36.05
CA MET B 566 25.23 1.82 -36.87
C MET B 566 26.02 0.97 -37.86
N VAL B 567 26.93 1.58 -38.62
CA VAL B 567 27.77 0.82 -39.53
C VAL B 567 28.44 -0.33 -38.79
N PHE B 568 28.88 -0.04 -37.58
CA PHE B 568 29.61 -1.02 -36.82
C PHE B 568 28.78 -1.44 -35.62
N ARG B 569 29.03 -2.67 -35.20
CA ARG B 569 28.37 -3.27 -34.04
C ARG B 569 29.36 -3.37 -32.90
N LYS C 16 22.68 -18.28 11.61
CA LYS C 16 21.46 -18.55 12.43
C LYS C 16 21.09 -20.05 12.52
N SER C 17 20.80 -20.67 11.38
CA SER C 17 20.17 -22.00 11.35
C SER C 17 21.04 -23.10 11.94
N PHE C 18 22.22 -23.31 11.35
CA PHE C 18 23.12 -24.37 11.81
C PHE C 18 23.62 -24.13 13.25
N LEU C 19 23.79 -22.85 13.62
CA LEU C 19 24.06 -22.50 15.01
C LEU C 19 23.05 -23.13 15.97
N TRP C 20 21.77 -22.92 15.67
CA TRP C 20 20.69 -23.45 16.50
C TRP C 20 20.82 -24.98 16.56
N THR C 21 20.91 -25.64 15.40
CA THR C 21 21.19 -27.08 15.35
C THR C 21 22.30 -27.51 16.33
N GLN C 22 23.42 -26.81 16.32
CA GLN C 22 24.54 -27.22 17.18
C GLN C 22 24.34 -26.95 18.68
N SER C 23 23.61 -25.89 19.02
CA SER C 23 23.27 -25.67 20.43
C SER C 23 22.36 -26.80 20.93
N LEU C 24 21.39 -27.17 20.10
CA LEU C 24 20.45 -28.26 20.44
C LEU C 24 21.16 -29.60 20.53
N ARG C 25 22.11 -29.84 19.64
CA ARG C 25 22.91 -31.05 19.66
C ARG C 25 23.56 -31.29 21.01
N ARG C 26 24.17 -30.24 21.55
CA ARG C 26 24.86 -30.31 22.84
C ARG C 26 23.92 -30.44 24.05
N GLU C 27 22.88 -29.61 24.12
CA GLU C 27 21.93 -29.67 25.23
C GLU C 27 21.21 -31.01 25.28
N LEU C 28 20.96 -31.57 24.10
CA LEU C 28 20.21 -32.83 24.00
C LEU C 28 21.12 -34.03 23.79
N SER C 29 22.41 -33.83 24.00
CA SER C 29 23.40 -34.90 23.80
C SER C 29 23.18 -36.18 24.62
N GLY C 30 22.36 -36.09 25.67
CA GLY C 30 22.09 -37.23 26.56
C GLY C 30 20.88 -38.08 26.19
N TYR C 31 20.09 -37.59 25.24
CA TYR C 31 18.92 -38.31 24.72
C TYR C 31 19.21 -39.01 23.39
N CYS C 32 20.40 -38.75 22.83
CA CYS C 32 20.77 -39.27 21.51
C CYS C 32 21.67 -40.49 21.60
N SER C 33 21.41 -41.48 20.76
CA SER C 33 22.15 -42.75 20.85
C SER C 33 22.81 -43.15 19.51
N ASN C 34 23.42 -44.33 19.49
CA ASN C 34 23.76 -44.93 18.20
C ASN C 34 22.62 -45.84 17.80
N ILE C 35 22.27 -45.77 16.53
CA ILE C 35 21.18 -46.58 16.00
C ILE C 35 21.50 -47.11 14.61
N LYS C 36 22.75 -46.95 14.16
CA LYS C 36 23.14 -47.40 12.82
C LYS C 36 22.68 -48.83 12.56
N LEU C 37 22.95 -49.73 13.50
CA LEU C 37 22.65 -51.16 13.33
C LEU C 37 21.16 -51.40 13.14
N GLN C 38 20.36 -50.60 13.84
CA GLN C 38 18.90 -50.75 13.81
C GLN C 38 18.36 -50.23 12.50
N VAL C 39 18.91 -49.11 12.04
CA VAL C 39 18.51 -48.54 10.75
C VAL C 39 18.88 -49.41 9.55
N VAL C 40 20.09 -49.97 9.55
CA VAL C 40 20.55 -50.78 8.42
C VAL C 40 19.74 -52.08 8.36
N LYS C 41 19.49 -52.66 9.52
CA LYS C 41 18.67 -53.87 9.65
C LYS C 41 17.23 -53.58 9.20
N ASP C 42 16.74 -52.38 9.47
CA ASP C 42 15.42 -52.00 8.96
C ASP C 42 15.39 -51.81 7.45
N ALA C 43 16.53 -51.42 6.87
CA ALA C 43 16.65 -51.28 5.41
C ALA C 43 16.82 -52.64 4.72
N GLN C 44 17.62 -53.54 5.29
CA GLN C 44 17.72 -54.92 4.82
C GLN C 44 16.33 -55.54 4.63
N ALA C 45 15.50 -55.45 5.68
CA ALA C 45 14.12 -55.93 5.67
C ALA C 45 13.20 -55.23 4.65
N LEU C 46 13.50 -53.96 4.33
CA LEU C 46 12.80 -53.29 3.23
C LEU C 46 13.29 -53.87 1.89
N LEU C 47 14.61 -54.07 1.74
CA LEU C 47 15.17 -54.66 0.52
C LEU C 47 14.64 -56.07 0.24
N HIS C 48 14.41 -56.82 1.33
CA HIS C 48 13.99 -58.23 1.28
C HIS C 48 12.49 -58.41 1.05
N GLY C 49 11.68 -57.45 1.49
CA GLY C 49 10.21 -57.65 1.46
C GLY C 49 9.34 -56.53 0.92
N LEU C 50 9.98 -55.47 0.43
CA LEU C 50 9.23 -54.41 -0.20
C LEU C 50 9.26 -54.56 -1.72
N ASP C 51 8.15 -54.20 -2.36
CA ASP C 51 8.06 -54.17 -3.82
C ASP C 51 8.53 -52.81 -4.34
N PHE C 52 9.73 -52.73 -4.90
CA PHE C 52 10.21 -51.42 -5.35
C PHE C 52 9.58 -50.94 -6.65
N SER C 53 8.88 -51.83 -7.35
CA SER C 53 8.04 -51.39 -8.47
C SER C 53 6.85 -50.56 -7.97
N GLU C 54 6.37 -50.85 -6.76
CA GLU C 54 5.38 -49.96 -6.15
C GLU C 54 6.01 -48.66 -5.65
N VAL C 55 7.30 -48.70 -5.30
CA VAL C 55 8.03 -47.47 -4.93
C VAL C 55 8.07 -46.52 -6.13
N SER C 56 8.58 -47.03 -7.24
CA SER C 56 8.58 -46.32 -8.52
C SER C 56 7.18 -45.82 -8.93
N ASN C 57 6.12 -46.54 -8.53
CA ASN C 57 4.77 -46.08 -8.86
C ASN C 57 4.36 -44.87 -8.03
N VAL C 58 4.81 -44.84 -6.78
CA VAL C 58 4.46 -43.74 -5.91
C VAL C 58 5.28 -42.54 -6.36
N GLN C 59 6.52 -42.80 -6.77
CA GLN C 59 7.35 -41.78 -7.38
C GLN C 59 6.74 -41.24 -8.64
N ARG C 60 6.11 -42.10 -9.45
CA ARG C 60 5.37 -41.68 -10.64
C ARG C 60 4.19 -40.77 -10.31
N LEU C 61 3.46 -41.11 -9.25
CA LEU C 61 2.26 -40.38 -8.84
C LEU C 61 2.61 -39.01 -8.27
N MET C 62 3.70 -38.97 -7.51
CA MET C 62 4.25 -37.73 -6.94
C MET C 62 4.76 -36.76 -8.00
N ARG C 63 5.15 -37.28 -9.16
CA ARG C 63 5.58 -36.41 -10.27
C ARG C 63 4.43 -35.65 -10.94
N LYS C 64 3.19 -36.13 -10.76
CA LYS C 64 2.00 -35.45 -11.29
C LYS C 64 1.78 -34.11 -10.57
N GLU C 65 1.38 -33.13 -11.37
CA GLU C 65 1.02 -31.81 -10.86
C GLU C 65 -0.28 -31.84 -10.04
N ARG C 66 -1.23 -32.67 -10.44
CA ARG C 66 -2.47 -32.82 -9.66
C ARG C 66 -2.81 -34.29 -9.36
N ARG C 67 -3.16 -34.56 -8.10
CA ARG C 67 -3.35 -35.93 -7.59
C ARG C 67 -4.71 -36.10 -6.89
N ASP C 68 -5.23 -37.34 -6.85
CA ASP C 68 -6.57 -37.63 -6.31
C ASP C 68 -6.63 -38.74 -5.26
N ASP C 69 -7.84 -39.19 -4.93
CA ASP C 69 -7.96 -40.24 -3.93
C ASP C 69 -7.38 -41.56 -4.35
N ASN C 70 -7.41 -41.84 -5.66
CA ASN C 70 -6.76 -43.03 -6.20
C ASN C 70 -5.25 -43.02 -5.92
N ASP C 71 -4.62 -41.87 -6.15
CA ASP C 71 -3.19 -41.67 -5.96
C ASP C 71 -2.80 -41.65 -4.48
N LEU C 72 -3.67 -41.08 -3.64
CA LEU C 72 -3.42 -41.07 -2.18
C LEU C 72 -3.58 -42.46 -1.58
N LYS C 73 -4.57 -43.22 -2.04
CA LYS C 73 -4.70 -44.61 -1.60
C LYS C 73 -3.41 -45.40 -1.85
N ARG C 74 -2.79 -45.26 -3.02
CA ARG C 74 -1.55 -46.04 -3.30
C ARG C 74 -0.35 -45.64 -2.40
N LEU C 75 -0.26 -44.34 -2.06
CA LEU C 75 0.73 -43.85 -1.11
C LEU C 75 0.50 -44.40 0.31
N ARG C 76 -0.73 -44.25 0.81
CA ARG C 76 -1.06 -44.69 2.17
C ARG C 76 -0.85 -46.19 2.31
N ASP C 77 -1.20 -46.94 1.26
CA ASP C 77 -0.95 -48.39 1.21
C ASP C 77 0.54 -48.70 1.22
N LEU C 78 1.32 -47.95 0.44
CA LEU C 78 2.76 -48.15 0.40
C LEU C 78 3.42 -47.80 1.75
N ASN C 79 2.98 -46.70 2.35
CA ASN C 79 3.40 -46.34 3.71
C ASN C 79 3.11 -47.41 4.77
N GLN C 80 2.00 -48.14 4.59
CA GLN C 80 1.54 -49.17 5.52
C GLN C 80 2.37 -50.43 5.41
N ALA C 81 2.82 -50.71 4.19
CA ALA C 81 3.69 -51.83 3.92
C ALA C 81 5.10 -51.52 4.44
N VAL C 82 5.57 -50.29 4.20
CA VAL C 82 6.88 -49.85 4.73
C VAL C 82 6.86 -49.91 6.27
N ASN C 83 5.79 -49.40 6.86
CA ASN C 83 5.58 -49.45 8.30
C ASN C 83 5.53 -50.88 8.90
N ASN C 84 4.93 -51.84 8.19
CA ASN C 84 4.87 -53.21 8.72
C ASN C 84 6.22 -53.93 8.78
N LEU C 85 7.16 -53.50 7.94
CA LEU C 85 8.44 -54.19 7.74
C LEU C 85 9.53 -53.71 8.71
N VAL C 86 9.36 -52.49 9.21
CA VAL C 86 10.40 -51.84 10.03
C VAL C 86 10.16 -51.98 11.53
N GLU C 87 11.17 -51.62 12.34
CA GLU C 87 11.04 -51.62 13.82
C GLU C 87 11.26 -50.22 14.41
N LEU C 88 11.80 -49.32 13.61
CA LEU C 88 11.87 -47.91 13.98
C LEU C 88 10.55 -47.30 13.56
N LYS C 89 9.64 -47.29 14.53
CA LYS C 89 8.25 -46.91 14.34
C LYS C 89 7.76 -46.07 15.51
N SER C 90 7.14 -44.95 15.18
CA SER C 90 6.51 -44.14 16.21
C SER C 90 5.18 -44.76 16.60
N THR C 91 4.79 -44.56 17.86
CA THR C 91 3.55 -45.08 18.42
C THR C 91 2.64 -43.96 18.88
N GLN C 92 1.38 -44.02 18.43
CA GLN C 92 0.34 -43.07 18.85
C GLN C 92 0.37 -42.83 20.38
N GLN C 93 0.77 -41.63 20.76
CA GLN C 93 1.01 -41.31 22.15
C GLN C 93 0.71 -39.85 22.43
N LYS C 94 -0.42 -39.60 23.09
CA LYS C 94 -0.83 -38.25 23.44
C LYS C 94 -0.08 -37.81 24.71
N SER C 95 0.23 -36.53 24.80
CA SER C 95 0.92 -35.97 25.97
C SER C 95 0.28 -34.66 26.44
N ILE C 96 -0.34 -34.70 27.61
CA ILE C 96 -0.87 -33.48 28.24
C ILE C 96 0.22 -32.98 29.17
N LEU C 97 0.79 -31.82 28.86
CA LEU C 97 1.90 -31.28 29.65
C LEU C 97 1.47 -30.52 30.90
N ARG C 98 2.04 -30.91 32.05
CA ARG C 98 1.66 -30.40 33.37
C ARG C 98 2.76 -29.59 34.05
N VAL C 99 2.34 -28.73 34.98
CA VAL C 99 3.25 -28.10 35.94
C VAL C 99 4.00 -29.20 36.72
N GLY C 100 5.34 -29.09 36.71
CA GLY C 100 6.21 -30.01 37.43
C GLY C 100 7.64 -29.84 36.96
N THR C 101 8.12 -30.77 36.16
CA THR C 101 9.40 -30.61 35.50
C THR C 101 9.33 -29.34 34.64
N LEU C 102 8.30 -29.21 33.82
CA LEU C 102 8.02 -27.93 33.18
C LEU C 102 7.36 -27.00 34.18
N THR C 103 7.85 -25.76 34.29
CA THR C 103 7.24 -24.73 35.13
C THR C 103 6.04 -24.04 34.46
N SER C 104 5.29 -23.32 35.28
CA SER C 104 4.15 -22.54 34.82
C SER C 104 4.48 -21.57 33.67
N ASP C 105 5.63 -20.90 33.73
CA ASP C 105 6.03 -20.03 32.64
C ASP C 105 6.44 -20.86 31.41
N ASP C 106 7.19 -21.93 31.66
CA ASP C 106 7.57 -22.87 30.60
C ASP C 106 6.32 -23.33 29.81
N LEU C 107 5.25 -23.73 30.52
CA LEU C 107 4.00 -24.11 29.86
C LEU C 107 3.37 -22.97 29.02
N LEU C 108 3.44 -21.74 29.54
CA LEU C 108 2.86 -20.59 28.83
C LEU C 108 3.66 -20.24 27.57
N ILE C 109 4.94 -20.64 27.54
CA ILE C 109 5.81 -20.40 26.39
C ILE C 109 5.55 -21.46 25.31
N LEU C 110 5.54 -22.73 25.72
CA LEU C 110 5.22 -23.85 24.82
C LEU C 110 3.85 -23.70 24.16
N ALA C 111 2.90 -23.12 24.91
CA ALA C 111 1.53 -22.92 24.43
C ALA C 111 1.47 -21.88 23.31
N ALA C 112 2.15 -20.75 23.52
CA ALA C 112 2.34 -19.72 22.52
C ALA C 112 3.01 -20.23 21.25
N ASP C 113 4.01 -21.09 21.41
CA ASP C 113 4.83 -21.51 20.29
C ASP C 113 4.17 -22.64 19.54
N LEU C 114 3.39 -23.45 20.24
CA LEU C 114 2.52 -24.40 19.56
C LEU C 114 1.41 -23.71 18.78
N GLU C 115 0.89 -22.59 19.30
CA GLU C 115 -0.12 -21.81 18.55
C GLU C 115 0.50 -21.21 17.31
N LYS C 116 1.71 -20.67 17.45
CA LYS C 116 2.42 -20.07 16.32
C LYS C 116 2.83 -21.15 15.31
N LEU C 117 3.10 -22.36 15.81
CA LEU C 117 3.51 -23.49 14.97
C LEU C 117 2.34 -24.03 14.14
N LYS C 118 1.18 -24.11 14.78
CA LYS C 118 -0.05 -24.46 14.09
C LYS C 118 -0.31 -23.56 12.86
N SER C 119 -0.38 -22.25 13.08
CA SER C 119 -0.61 -21.29 11.99
C SER C 119 0.41 -21.40 10.85
N LYS C 120 1.71 -21.43 11.18
CA LYS C 120 2.76 -21.67 10.19
C LYS C 120 2.52 -22.95 9.39
N VAL C 121 2.30 -24.05 10.09
CA VAL C 121 2.13 -25.37 9.47
C VAL C 121 0.87 -25.45 8.59
N ILE C 122 -0.23 -24.91 9.07
CA ILE C 122 -1.48 -24.86 8.30
C ILE C 122 -1.38 -24.03 7.01
N ARG C 123 -0.81 -22.82 7.11
CA ARG C 123 -0.59 -21.95 5.97
C ARG C 123 0.42 -22.53 4.99
N THR C 124 1.22 -23.49 5.44
CA THR C 124 2.20 -24.15 4.58
C THR C 124 1.60 -25.38 3.90
N GLU C 125 0.70 -26.07 4.59
CA GLU C 125 0.29 -27.41 4.14
C GLU C 125 -1.13 -27.52 3.59
N ARG C 126 -2.08 -26.86 4.27
CA ARG C 126 -3.47 -26.83 3.84
C ARG C 126 -3.68 -26.44 2.36
N PRO C 127 -2.95 -25.42 1.84
CA PRO C 127 -3.29 -24.93 0.48
C PRO C 127 -3.03 -25.91 -0.66
N LEU C 128 -2.15 -26.89 -0.43
CA LEU C 128 -1.94 -27.98 -1.39
C LEU C 128 -3.19 -28.84 -1.59
N SER C 129 -4.14 -28.79 -0.66
CA SER C 129 -5.40 -29.51 -0.85
C SER C 129 -6.60 -28.57 -0.93
N ALA C 130 -6.65 -27.54 -0.09
CA ALA C 130 -7.77 -26.58 -0.15
C ALA C 130 -7.74 -25.78 -1.48
N GLY C 131 -6.54 -25.36 -1.87
CA GLY C 131 -6.36 -24.67 -3.14
C GLY C 131 -6.32 -23.14 -3.04
N VAL C 132 -5.76 -22.53 -4.08
CA VAL C 132 -5.60 -21.09 -4.16
C VAL C 132 -6.17 -20.66 -5.51
N TYR C 133 -7.22 -19.82 -5.49
CA TYR C 133 -7.76 -19.29 -6.74
C TYR C 133 -6.73 -18.38 -7.41
N MET C 134 -6.60 -18.52 -8.72
CA MET C 134 -5.51 -17.89 -9.49
C MET C 134 -5.97 -17.39 -10.86
N GLY C 135 -7.27 -17.13 -10.99
CA GLY C 135 -7.84 -16.72 -12.26
C GLY C 135 -7.90 -15.22 -12.44
N ASN C 136 -9.13 -14.71 -12.59
CA ASN C 136 -9.34 -13.29 -12.80
C ASN C 136 -9.12 -12.42 -11.57
N LEU C 137 -7.90 -11.94 -11.44
CA LEU C 137 -7.53 -11.16 -10.25
C LEU C 137 -6.69 -10.02 -10.73
N SER C 138 -6.50 -8.99 -9.89
CA SER C 138 -5.54 -7.93 -10.24
C SER C 138 -4.08 -8.41 -10.28
N SER C 139 -3.20 -7.58 -10.84
CA SER C 139 -1.78 -7.91 -10.91
C SER C 139 -1.18 -8.14 -9.54
N GLN C 140 -1.51 -7.25 -8.59
CA GLN C 140 -1.05 -7.35 -7.21
C GLN C 140 -1.38 -8.69 -6.56
N GLN C 141 -2.65 -9.10 -6.63
CA GLN C 141 -3.10 -10.39 -6.08
C GLN C 141 -2.44 -11.57 -6.82
N LEU C 142 -2.52 -11.54 -8.15
CA LEU C 142 -1.87 -12.57 -8.97
C LEU C 142 -0.43 -12.79 -8.49
N ASP C 143 0.31 -11.70 -8.31
CA ASP C 143 1.72 -11.78 -7.95
C ASP C 143 1.97 -12.22 -6.49
N GLN C 144 1.11 -11.72 -5.59
CA GLN C 144 1.13 -12.05 -4.17
C GLN C 144 0.85 -13.52 -3.93
N ARG C 145 -0.18 -14.03 -4.61
CA ARG C 145 -0.54 -15.44 -4.56
C ARG C 145 0.58 -16.31 -5.14
N ARG C 146 1.20 -15.86 -6.22
CA ARG C 146 2.36 -16.55 -6.79
C ARG C 146 3.50 -16.70 -5.78
N ALA C 147 3.80 -15.61 -5.08
CA ALA C 147 4.84 -15.59 -4.05
C ALA C 147 4.56 -16.59 -2.93
N LEU C 148 3.30 -16.68 -2.51
CA LEU C 148 2.89 -17.69 -1.53
C LEU C 148 3.04 -19.09 -2.07
N LEU C 149 2.53 -19.34 -3.27
CA LEU C 149 2.62 -20.67 -3.89
C LEU C 149 4.06 -21.13 -4.09
N ASN C 150 4.95 -20.20 -4.44
CA ASN C 150 6.39 -20.51 -4.56
C ASN C 150 7.01 -20.79 -3.18
N MET C 151 6.64 -19.98 -2.19
CA MET C 151 7.15 -20.13 -0.83
C MET C 151 6.92 -21.53 -0.24
N ILE C 152 5.77 -22.13 -0.55
CA ILE C 152 5.39 -23.43 -0.01
C ILE C 152 5.57 -24.55 -1.04
N GLY C 153 6.24 -24.23 -2.15
CA GLY C 153 6.61 -25.23 -3.17
C GLY C 153 5.52 -25.70 -4.13
N MET C 154 4.58 -24.82 -4.48
CA MET C 154 3.56 -25.17 -5.48
C MET C 154 3.85 -24.62 -6.88
N ASP C 166 -12.58 -23.20 -14.04
CA ASP C 166 -11.50 -23.74 -13.23
C ASP C 166 -11.12 -22.72 -12.17
N GLY C 167 -9.95 -22.12 -12.33
CA GLY C 167 -9.52 -21.06 -11.43
C GLY C 167 -8.59 -21.52 -10.34
N VAL C 168 -9.00 -22.56 -9.59
CA VAL C 168 -8.27 -23.00 -8.38
C VAL C 168 -7.06 -23.91 -8.67
N VAL C 169 -5.93 -23.55 -8.07
CA VAL C 169 -4.66 -24.27 -8.19
C VAL C 169 -4.48 -25.10 -6.92
N ARG C 170 -4.47 -26.42 -7.07
CA ARG C 170 -4.29 -27.29 -5.93
C ARG C 170 -3.54 -28.54 -6.35
N VAL C 171 -2.89 -29.21 -5.41
CA VAL C 171 -2.16 -30.43 -5.74
C VAL C 171 -2.96 -31.69 -5.43
N TRP C 172 -3.61 -31.72 -4.28
CA TRP C 172 -4.37 -32.88 -3.84
C TRP C 172 -5.87 -32.69 -3.96
N ASP C 173 -6.51 -33.47 -4.83
CA ASP C 173 -7.97 -33.47 -4.91
C ASP C 173 -8.49 -34.70 -4.17
N VAL C 174 -8.73 -34.50 -2.89
CA VAL C 174 -9.04 -35.60 -2.01
C VAL C 174 -10.35 -35.31 -1.28
N LYS C 175 -11.13 -36.36 -1.07
CA LYS C 175 -12.40 -36.24 -0.37
C LYS C 175 -12.14 -35.84 1.09
N ASN C 176 -11.07 -36.39 1.66
CA ASN C 176 -10.70 -36.16 3.06
C ASN C 176 -9.23 -35.76 3.31
N ALA C 177 -9.03 -34.46 3.53
CA ALA C 177 -7.72 -33.82 3.64
C ALA C 177 -6.85 -34.29 4.82
N GLU C 178 -7.48 -34.88 5.83
CA GLU C 178 -6.80 -35.41 7.01
C GLU C 178 -6.06 -36.72 6.70
N LEU C 179 -6.44 -37.37 5.59
CA LEU C 179 -5.79 -38.63 5.20
C LEU C 179 -4.39 -38.43 4.63
N LEU C 180 -4.05 -37.16 4.41
CA LEU C 180 -2.74 -36.76 3.98
C LEU C 180 -1.80 -36.55 5.14
N ASN C 181 -2.36 -36.32 6.34
CA ASN C 181 -1.56 -36.06 7.56
C ASN C 181 -0.50 -37.15 7.76
N ASN C 182 0.76 -36.73 7.95
CA ASN C 182 1.89 -37.61 8.30
C ASN C 182 2.31 -38.62 7.22
N GLN C 183 1.84 -38.43 5.99
CA GLN C 183 2.07 -39.42 4.96
C GLN C 183 3.36 -39.22 4.16
N PHE C 184 4.11 -38.19 4.52
CA PHE C 184 5.16 -37.63 3.64
C PHE C 184 6.57 -37.56 4.18
N GLY C 185 6.75 -38.02 5.42
CA GLY C 185 8.04 -37.94 6.10
C GLY C 185 9.10 -38.83 5.47
N THR C 186 10.35 -38.37 5.54
CA THR C 186 11.50 -39.15 5.09
C THR C 186 11.99 -40.01 6.26
N MET C 187 12.51 -41.19 5.92
CA MET C 187 12.93 -42.17 6.91
C MET C 187 14.26 -42.77 6.44
N PRO C 188 15.30 -42.74 7.27
CA PRO C 188 16.62 -43.16 6.78
C PRO C 188 16.69 -44.61 6.29
N SER C 189 16.00 -45.54 6.94
CA SER C 189 15.99 -46.92 6.43
C SER C 189 15.36 -46.94 5.04
N LEU C 190 14.26 -46.20 4.86
CA LEU C 190 13.60 -46.11 3.55
C LEU C 190 14.58 -45.49 2.53
N THR C 191 15.22 -44.38 2.87
CA THR C 191 16.21 -43.74 1.98
C THR C 191 17.36 -44.65 1.55
N LEU C 192 17.96 -45.34 2.51
CA LEU C 192 19.05 -46.29 2.25
C LEU C 192 18.64 -47.53 1.45
N ALA C 193 17.41 -47.99 1.65
CA ALA C 193 16.89 -49.14 0.91
C ALA C 193 16.54 -48.77 -0.53
N CYS C 194 15.89 -47.62 -0.68
CA CYS C 194 15.62 -47.05 -2.01
C CYS C 194 16.90 -46.69 -2.77
N LEU C 195 17.88 -46.03 -2.13
CA LEU C 195 19.18 -45.77 -2.82
C LEU C 195 19.85 -47.05 -3.28
N THR C 196 19.79 -48.07 -2.44
CA THR C 196 20.32 -49.39 -2.73
C THR C 196 19.66 -50.11 -3.93
N LYS C 197 18.35 -50.32 -3.86
CA LYS C 197 17.63 -51.05 -4.89
C LYS C 197 17.46 -50.26 -6.19
N GLN C 198 17.12 -48.98 -6.06
CA GLN C 198 16.82 -48.17 -7.25
C GLN C 198 18.07 -47.58 -7.91
N GLY C 199 19.15 -47.48 -7.14
CA GLY C 199 20.42 -46.99 -7.69
C GLY C 199 21.28 -48.14 -8.17
N GLN C 200 20.86 -49.37 -7.83
CA GLN C 200 21.57 -50.62 -8.19
C GLN C 200 23.03 -50.68 -7.70
N VAL C 201 23.16 -50.56 -6.37
CA VAL C 201 24.43 -50.59 -5.66
C VAL C 201 24.30 -51.52 -4.46
N ASP C 202 25.42 -52.08 -4.00
CA ASP C 202 25.42 -52.90 -2.78
C ASP C 202 25.05 -51.98 -1.64
N LEU C 203 24.27 -52.50 -0.68
CA LEU C 203 23.95 -51.72 0.51
C LEU C 203 25.21 -51.12 1.16
N ASN C 204 26.23 -51.93 1.44
CA ASN C 204 27.47 -51.40 2.05
C ASN C 204 27.98 -50.07 1.48
N ASP C 205 27.95 -49.93 0.15
CA ASP C 205 28.40 -48.68 -0.49
C ASP C 205 27.49 -47.48 -0.24
N ALA C 206 26.18 -47.67 -0.40
CA ALA C 206 25.19 -46.66 -0.01
C ALA C 206 25.41 -46.20 1.42
N VAL C 207 25.76 -47.14 2.29
CA VAL C 207 26.07 -46.77 3.68
C VAL C 207 27.29 -45.85 3.80
N GLN C 208 28.39 -46.21 3.15
CA GLN C 208 29.61 -45.38 3.13
C GLN C 208 29.41 -43.98 2.54
N ALA C 209 28.72 -43.89 1.40
CA ALA C 209 28.31 -42.61 0.82
C ALA C 209 27.55 -41.71 1.82
N LEU C 210 26.53 -42.27 2.46
CA LEU C 210 25.80 -41.50 3.43
C LEU C 210 26.63 -41.21 4.70
N THR C 211 27.53 -42.12 5.07
CA THR C 211 28.45 -41.87 6.19
C THR C 211 29.29 -40.62 5.89
N ASP C 212 29.89 -40.59 4.70
CA ASP C 212 30.69 -39.47 4.23
C ASP C 212 29.92 -38.17 4.38
N LEU C 213 28.69 -38.19 3.85
CA LEU C 213 27.76 -37.07 3.91
C LEU C 213 27.42 -36.74 5.36
N GLY C 214 27.28 -37.78 6.17
CA GLY C 214 27.02 -37.64 7.58
C GLY C 214 28.17 -36.97 8.31
N LEU C 215 29.40 -37.26 7.90
CA LEU C 215 30.59 -36.65 8.52
C LEU C 215 30.64 -35.14 8.28
N ILE C 216 30.29 -34.73 7.06
CA ILE C 216 30.22 -33.29 6.70
C ILE C 216 29.23 -32.51 7.56
N TYR C 217 28.13 -33.16 7.90
CA TYR C 217 27.03 -32.60 8.67
C TYR C 217 27.38 -32.43 10.15
N THR C 218 28.61 -32.80 10.52
CA THR C 218 29.06 -32.57 11.89
C THR C 218 29.49 -31.12 12.11
N ALA C 219 29.80 -30.41 11.04
CA ALA C 219 30.43 -29.10 11.14
C ALA C 219 29.70 -28.10 10.25
N LYS C 220 28.90 -28.62 9.32
CA LYS C 220 28.21 -27.78 8.34
C LYS C 220 26.90 -28.45 7.88
N TYR C 221 25.97 -27.65 7.35
CA TYR C 221 24.90 -28.22 6.54
C TYR C 221 25.42 -28.43 5.12
N PRO C 222 25.48 -29.70 4.66
CA PRO C 222 26.02 -30.01 3.33
C PRO C 222 25.28 -29.25 2.22
N ASN C 223 26.05 -28.66 1.32
CA ASN C 223 25.52 -27.81 0.27
C ASN C 223 25.78 -28.43 -1.09
N THR C 224 25.30 -27.77 -2.13
CA THR C 224 25.37 -28.28 -3.49
C THR C 224 26.83 -28.65 -3.85
N SER C 225 27.81 -27.82 -3.49
CA SER C 225 29.22 -28.11 -3.82
C SER C 225 29.77 -29.36 -3.15
N ASP C 226 29.31 -29.61 -1.92
CA ASP C 226 29.78 -30.74 -1.14
C ASP C 226 29.24 -32.02 -1.70
N LEU C 227 28.04 -31.94 -2.27
CA LEU C 227 27.44 -33.14 -2.81
C LEU C 227 28.05 -33.51 -4.15
N ASP C 228 28.22 -32.50 -5.01
CA ASP C 228 29.02 -32.54 -6.23
C ASP C 228 30.35 -33.26 -5.95
N ARG C 229 31.06 -32.79 -4.92
CA ARG C 229 32.36 -33.35 -4.51
C ARG C 229 32.28 -34.82 -4.07
N LEU C 230 31.27 -35.16 -3.27
CA LEU C 230 31.12 -36.53 -2.84
C LEU C 230 30.74 -37.46 -4.02
N THR C 231 29.94 -36.97 -4.97
CA THR C 231 29.48 -37.78 -6.11
C THR C 231 30.64 -38.32 -6.99
N GLN C 232 31.79 -37.66 -6.91
CA GLN C 232 33.00 -38.08 -7.62
C GLN C 232 33.54 -39.38 -7.02
N SER C 233 33.38 -39.56 -5.71
CA SER C 233 33.89 -40.75 -5.01
C SER C 233 32.76 -41.72 -4.62
N HIS C 234 31.52 -41.27 -4.73
CA HIS C 234 30.33 -42.11 -4.46
C HIS C 234 29.21 -41.76 -5.45
N PRO C 235 29.27 -42.34 -6.65
CA PRO C 235 28.38 -41.92 -7.72
C PRO C 235 26.90 -42.20 -7.45
N ILE C 236 26.59 -42.99 -6.43
CA ILE C 236 25.21 -43.21 -5.98
C ILE C 236 24.52 -41.93 -5.44
N LEU C 237 25.32 -40.95 -5.05
CA LEU C 237 24.81 -39.68 -4.52
C LEU C 237 24.30 -38.74 -5.61
N ASN C 238 24.65 -39.02 -6.87
CA ASN C 238 24.11 -38.19 -7.95
C ASN C 238 22.60 -38.35 -8.10
N MET C 239 22.05 -39.41 -7.49
CA MET C 239 20.59 -39.59 -7.43
C MET C 239 19.86 -38.53 -6.61
N ILE C 240 20.59 -37.78 -5.79
CA ILE C 240 20.01 -36.64 -5.05
C ILE C 240 19.77 -35.39 -5.91
N ASP C 241 18.53 -34.92 -5.92
CA ASP C 241 18.15 -33.68 -6.59
C ASP C 241 18.28 -32.50 -5.61
N THR C 242 19.32 -31.69 -5.83
CA THR C 242 19.90 -30.84 -4.78
C THR C 242 19.24 -29.48 -4.50
N LYS C 243 18.31 -29.05 -5.36
CA LYS C 243 17.55 -27.84 -5.04
C LYS C 243 16.11 -28.17 -4.64
N LYS C 244 15.64 -29.32 -5.11
CA LYS C 244 14.36 -29.91 -4.70
C LYS C 244 14.26 -29.97 -3.17
N SER C 245 13.14 -29.49 -2.64
CA SER C 245 13.04 -29.18 -1.21
C SER C 245 12.34 -30.27 -0.42
N SER C 246 12.34 -30.09 0.90
CA SER C 246 11.52 -30.87 1.82
C SER C 246 10.01 -30.70 1.57
N LEU C 247 9.62 -29.60 0.91
CA LEU C 247 8.21 -29.30 0.61
C LEU C 247 7.62 -30.04 -0.61
N ASN C 248 6.29 -30.17 -0.61
CA ASN C 248 5.50 -30.91 -1.63
C ASN C 248 6.10 -32.25 -2.13
N ILE C 249 6.55 -33.09 -1.20
CA ILE C 249 7.19 -34.37 -1.57
C ILE C 249 7.05 -35.46 -0.52
N SER C 250 7.61 -36.63 -0.78
CA SER C 250 7.44 -37.81 0.09
C SER C 250 8.74 -38.46 0.60
N GLY C 251 8.62 -39.56 1.35
CA GLY C 251 9.79 -40.34 1.76
C GLY C 251 10.43 -41.13 0.62
N TYR C 252 9.72 -41.19 -0.49
CA TYR C 252 10.18 -41.94 -1.68
C TYR C 252 10.96 -41.05 -2.64
N ASN C 253 11.24 -39.83 -2.21
CA ASN C 253 12.00 -38.88 -3.02
C ASN C 253 13.43 -38.67 -2.44
N PHE C 254 14.38 -38.36 -3.32
CA PHE C 254 15.78 -38.34 -2.92
C PHE C 254 16.27 -36.91 -2.78
N SER C 255 15.82 -36.26 -1.71
CA SER C 255 16.14 -34.85 -1.50
C SER C 255 17.40 -34.74 -0.69
N LEU C 256 18.01 -33.56 -0.73
CA LEU C 256 19.24 -33.40 0.03
C LEU C 256 19.03 -33.66 1.51
N GLY C 257 17.94 -33.10 2.05
CA GLY C 257 17.55 -33.23 3.45
C GLY C 257 17.31 -34.65 3.94
N ALA C 258 16.90 -35.53 3.03
CA ALA C 258 16.63 -36.92 3.38
C ALA C 258 17.94 -37.68 3.49
N ALA C 259 18.80 -37.46 2.51
CA ALA C 259 20.14 -38.02 2.48
C ALA C 259 20.89 -37.53 3.71
N VAL C 260 20.70 -36.26 4.08
CA VAL C 260 21.35 -35.68 5.27
C VAL C 260 20.93 -36.39 6.57
N LYS C 261 19.63 -36.67 6.63
CA LYS C 261 19.00 -37.32 7.76
C LYS C 261 19.55 -38.73 7.97
N ALA C 262 19.65 -39.49 6.88
CA ALA C 262 20.23 -40.85 6.89
C ALA C 262 21.70 -40.86 7.27
N GLY C 263 22.46 -39.91 6.74
CA GLY C 263 23.89 -39.73 7.02
C GLY C 263 24.15 -39.60 8.50
N ALA C 264 23.37 -38.73 9.15
CA ALA C 264 23.40 -38.62 10.58
C ALA C 264 23.40 -39.98 11.22
N CYS C 265 22.36 -40.76 10.94
CA CYS C 265 22.12 -42.03 11.63
C CYS C 265 23.25 -43.05 11.54
N MET C 266 24.14 -42.83 10.56
CA MET C 266 25.28 -43.70 10.26
C MET C 266 26.50 -43.54 11.15
N LEU C 267 26.61 -42.41 11.86
CA LEU C 267 27.82 -42.09 12.62
C LEU C 267 27.97 -42.84 13.96
N ASP C 268 29.20 -42.97 14.43
CA ASP C 268 29.45 -43.66 15.71
C ASP C 268 28.86 -42.89 16.91
N GLY C 269 29.60 -41.90 17.40
CA GLY C 269 29.03 -40.99 18.41
C GLY C 269 28.12 -39.99 17.73
N GLY C 270 28.68 -38.81 17.44
CA GLY C 270 27.99 -37.77 16.71
C GLY C 270 27.47 -36.69 17.63
N ASN C 271 26.31 -36.96 18.23
CA ASN C 271 25.51 -35.98 18.96
C ASN C 271 24.35 -35.51 18.12
N MET C 272 24.07 -36.29 17.08
CA MET C 272 23.07 -35.93 16.10
C MET C 272 21.64 -35.90 16.66
N LEU C 273 20.87 -34.91 16.22
CA LEU C 273 19.53 -34.73 16.74
C LEU C 273 18.57 -35.79 16.23
N GLU C 274 18.96 -36.44 15.13
CA GLU C 274 18.18 -37.43 14.40
C GLU C 274 18.09 -38.75 15.16
N THR C 275 19.03 -38.94 16.08
CA THR C 275 19.05 -40.13 16.92
C THR C 275 18.29 -40.04 18.25
N ILE C 276 17.63 -38.92 18.51
CA ILE C 276 16.97 -38.68 19.79
C ILE C 276 15.72 -39.57 19.96
N LYS C 277 15.61 -40.26 21.10
CA LYS C 277 14.42 -41.06 21.39
C LYS C 277 13.64 -40.38 22.52
N VAL C 278 12.32 -40.28 22.34
CA VAL C 278 11.44 -39.72 23.35
C VAL C 278 10.63 -40.86 24.00
N SER C 279 10.46 -40.76 25.31
CA SER C 279 9.50 -41.59 26.03
C SER C 279 8.64 -40.63 26.84
N PRO C 280 7.43 -41.08 27.25
CA PRO C 280 6.64 -40.30 28.20
C PRO C 280 7.40 -40.01 29.52
N GLN C 281 8.55 -40.66 29.71
CA GLN C 281 9.38 -40.42 30.89
C GLN C 281 10.24 -39.18 30.71
N THR C 282 10.76 -39.01 29.49
CA THR C 282 11.75 -37.97 29.18
C THR C 282 11.17 -36.76 28.44
N MET C 283 9.96 -36.91 27.90
CA MET C 283 9.32 -35.94 26.99
C MET C 283 9.32 -34.51 27.54
N ASP C 284 9.08 -34.39 28.85
CA ASP C 284 9.04 -33.08 29.48
C ASP C 284 10.44 -32.52 29.69
N GLY C 285 11.39 -33.42 29.96
CA GLY C 285 12.78 -33.06 30.18
C GLY C 285 13.42 -32.54 28.90
N ILE C 286 13.24 -33.27 27.81
CA ILE C 286 13.62 -32.84 26.46
C ILE C 286 13.01 -31.46 26.16
N LEU C 287 11.69 -31.31 26.29
CA LEU C 287 11.09 -29.97 26.08
C LEU C 287 11.77 -28.88 26.93
N LYS C 288 12.00 -29.15 28.23
CA LYS C 288 12.62 -28.16 29.10
C LYS C 288 13.94 -27.65 28.49
N SER C 289 14.74 -28.60 27.98
CA SER C 289 16.09 -28.36 27.41
C SER C 289 16.10 -27.50 26.13
N ILE C 290 15.19 -27.81 25.21
CA ILE C 290 14.92 -27.03 23.99
C ILE C 290 14.57 -25.60 24.37
N LEU C 291 13.70 -25.47 25.37
CA LEU C 291 13.37 -24.18 25.94
C LEU C 291 14.56 -23.45 26.50
N LYS C 292 15.49 -24.18 27.13
CA LYS C 292 16.75 -23.54 27.54
C LYS C 292 17.47 -22.97 26.32
N VAL C 293 17.46 -23.72 25.22
CA VAL C 293 18.15 -23.26 24.03
C VAL C 293 17.42 -22.12 23.33
N LYS C 294 16.09 -22.24 23.20
CA LYS C 294 15.25 -21.13 22.73
C LYS C 294 15.66 -19.83 23.40
N LYS C 295 15.75 -19.86 24.73
CA LYS C 295 16.09 -18.68 25.51
C LYS C 295 17.54 -18.25 25.33
N ALA C 296 18.46 -19.21 25.39
CA ALA C 296 19.87 -18.88 25.27
C ALA C 296 20.16 -18.23 23.92
N LEU C 297 19.47 -18.69 22.87
CA LEU C 297 19.71 -18.20 21.51
C LEU C 297 18.66 -17.28 20.88
N GLY C 298 17.57 -17.01 21.59
CA GLY C 298 16.47 -16.21 21.03
C GLY C 298 15.82 -16.85 19.80
N MET C 299 15.68 -18.19 19.86
CA MET C 299 15.01 -18.96 18.81
C MET C 299 13.52 -18.64 18.83
N PHE C 300 12.93 -18.59 17.64
CA PHE C 300 11.53 -18.25 17.51
C PHE C 300 10.82 -19.15 16.52
N ILE C 301 9.50 -19.23 16.68
CA ILE C 301 8.64 -19.72 15.64
C ILE C 301 8.39 -18.57 14.67
N SER C 302 8.58 -18.86 13.39
CA SER C 302 8.39 -17.92 12.30
C SER C 302 6.93 -17.75 11.88
N ASP C 303 6.61 -16.63 11.25
CA ASP C 303 5.28 -16.44 10.73
C ASP C 303 5.29 -16.58 9.20
N THR C 304 6.41 -17.05 8.68
CA THR C 304 6.64 -17.24 7.26
C THR C 304 6.28 -18.68 6.93
N PRO C 305 5.32 -18.89 6.00
CA PRO C 305 5.00 -20.25 5.53
C PRO C 305 6.15 -20.84 4.73
N GLY C 306 6.20 -22.17 4.72
CA GLY C 306 7.21 -22.93 3.99
C GLY C 306 8.13 -23.73 4.89
N GLU C 307 9.42 -23.64 4.59
CA GLU C 307 10.42 -24.49 5.22
C GLU C 307 10.64 -24.16 6.69
N ARG C 308 10.93 -25.19 7.48
CA ARG C 308 11.04 -25.04 8.92
C ARG C 308 12.47 -24.72 9.36
N ASN C 309 12.59 -23.77 10.29
CA ASN C 309 13.83 -23.55 11.01
C ASN C 309 14.02 -24.66 12.05
N PRO C 310 15.24 -24.84 12.60
CA PRO C 310 15.48 -25.97 13.49
C PRO C 310 14.65 -26.06 14.77
N TYR C 311 14.29 -24.92 15.38
CA TYR C 311 13.33 -24.90 16.53
C TYR C 311 11.96 -25.37 16.11
N GLU C 312 11.44 -24.83 14.98
CA GLU C 312 10.13 -25.24 14.43
C GLU C 312 10.11 -26.74 14.19
N ASN C 313 11.16 -27.24 13.55
CA ASN C 313 11.29 -28.64 13.21
C ASN C 313 11.30 -29.54 14.45
N ILE C 314 12.20 -29.27 15.39
CA ILE C 314 12.29 -30.06 16.60
C ILE C 314 11.03 -30.02 17.47
N LEU C 315 10.40 -28.87 17.60
CA LEU C 315 9.19 -28.75 18.39
C LEU C 315 8.05 -29.50 17.70
N TYR C 316 7.96 -29.35 16.37
CA TYR C 316 6.97 -30.14 15.64
C TYR C 316 7.19 -31.64 15.82
N LYS C 317 8.44 -32.08 15.62
CA LYS C 317 8.76 -33.51 15.57
C LYS C 317 8.50 -34.22 16.90
N ILE C 318 8.75 -33.52 18.00
CA ILE C 318 8.61 -34.07 19.35
C ILE C 318 7.14 -34.11 19.78
N CYS C 319 6.45 -32.98 19.60
CA CYS C 319 5.01 -32.84 19.90
C CYS C 319 4.10 -33.73 19.08
N LEU C 320 4.65 -34.39 18.05
CA LEU C 320 3.87 -35.32 17.27
C LEU C 320 3.47 -36.56 18.07
N SER C 321 4.40 -37.07 18.88
CA SER C 321 4.19 -38.30 19.64
C SER C 321 5.24 -38.47 20.74
N GLY C 322 4.79 -38.99 21.88
CA GLY C 322 5.64 -39.09 23.07
C GLY C 322 6.47 -40.37 23.11
N ASP C 323 6.24 -41.26 22.16
CA ASP C 323 6.95 -42.53 22.08
C ASP C 323 7.40 -42.77 20.64
N GLY C 324 8.70 -42.66 20.45
CA GLY C 324 9.37 -43.12 19.23
C GLY C 324 10.64 -42.34 19.05
N TRP C 325 11.09 -42.27 17.79
CA TRP C 325 12.28 -41.52 17.43
C TRP C 325 11.86 -40.37 16.48
N PRO C 326 11.43 -39.24 17.06
CA PRO C 326 10.79 -38.09 16.43
C PRO C 326 11.29 -37.74 15.03
N TYR C 327 12.60 -37.86 14.82
CA TYR C 327 13.21 -37.62 13.50
C TYR C 327 13.08 -38.73 12.48
N ILE C 328 13.13 -40.00 12.90
CA ILE C 328 13.53 -41.10 11.97
C ILE C 328 12.74 -42.44 12.01
N ALA C 329 11.84 -42.64 12.96
CA ALA C 329 10.90 -43.75 12.85
C ALA C 329 9.97 -43.55 11.66
N SER C 330 9.36 -44.64 11.17
CA SER C 330 8.10 -44.56 10.41
C SER C 330 7.09 -43.73 11.20
N ARG C 331 6.44 -42.77 10.54
CA ARG C 331 5.54 -41.82 11.21
C ARG C 331 4.12 -41.87 10.62
N THR C 332 3.94 -42.81 9.68
CA THR C 332 2.77 -42.80 8.79
C THR C 332 1.54 -43.55 9.35
N SER C 333 1.71 -44.18 10.50
CA SER C 333 0.59 -44.76 11.26
C SER C 333 0.01 -43.78 12.29
N ILE C 334 0.67 -42.63 12.43
CA ILE C 334 0.25 -41.62 13.42
C ILE C 334 -0.87 -40.75 12.87
N THR C 335 -1.88 -40.53 13.70
CA THR C 335 -3.00 -39.66 13.35
C THR C 335 -2.85 -38.40 14.18
N GLY C 336 -3.45 -37.30 13.73
CA GLY C 336 -3.40 -36.05 14.49
C GLY C 336 -2.23 -35.16 14.13
N ARG C 337 -2.35 -33.90 14.52
CA ARG C 337 -1.33 -32.90 14.28
C ARG C 337 -0.58 -32.70 15.59
N ALA C 338 0.61 -32.11 15.53
CA ALA C 338 1.44 -32.01 16.75
C ALA C 338 0.74 -31.24 17.86
N TRP C 339 0.09 -30.14 17.49
CA TRP C 339 -0.76 -29.37 18.42
C TRP C 339 -1.92 -30.20 19.00
N GLU C 340 -2.36 -31.21 18.25
CA GLU C 340 -3.43 -32.09 18.74
C GLU C 340 -2.91 -33.17 19.68
N ASN C 341 -1.76 -33.75 19.34
CA ASN C 341 -1.19 -34.87 20.09
C ASN C 341 -0.45 -34.46 21.37
N THR C 342 -0.02 -33.20 21.45
CA THR C 342 0.57 -32.66 22.66
C THR C 342 -0.12 -31.36 23.02
N VAL C 343 -0.69 -31.34 24.22
CA VAL C 343 -1.54 -30.25 24.65
C VAL C 343 -1.07 -29.73 25.99
N VAL C 344 -1.25 -28.43 26.20
CA VAL C 344 -0.84 -27.80 27.45
C VAL C 344 -2.05 -27.68 28.39
N ASP C 345 -1.93 -28.28 29.57
CA ASP C 345 -2.98 -28.25 30.60
C ASP C 345 -2.64 -27.20 31.66
N LEU C 346 -2.88 -25.92 31.35
CA LEU C 346 -2.66 -24.84 32.31
C LEU C 346 -3.90 -23.99 32.59
N GLY C 372 -11.65 -12.82 20.43
CA GLY C 372 -11.49 -12.83 18.97
C GLY C 372 -10.25 -13.60 18.55
N LEU C 373 -9.92 -13.56 17.26
CA LEU C 373 -8.75 -14.28 16.72
C LEU C 373 -7.41 -13.63 17.10
N THR C 374 -6.42 -14.48 17.37
CA THR C 374 -5.03 -14.03 17.56
C THR C 374 -4.47 -13.56 16.23
N TYR C 375 -3.33 -12.87 16.27
CA TYR C 375 -2.63 -12.45 15.07
C TYR C 375 -2.38 -13.62 14.11
N SER C 376 -1.99 -14.76 14.70
CA SER C 376 -1.57 -15.95 13.96
C SER C 376 -2.76 -16.66 13.30
N GLN C 377 -3.90 -16.60 13.98
CA GLN C 377 -5.15 -17.14 13.42
C GLN C 377 -5.63 -16.23 12.31
N LEU C 378 -5.33 -14.93 12.42
CA LEU C 378 -5.72 -13.98 11.37
C LEU C 378 -5.05 -14.31 10.06
N MET C 379 -3.73 -14.45 10.11
CA MET C 379 -2.92 -14.85 8.95
C MET C 379 -3.42 -16.13 8.30
N THR C 380 -3.75 -17.11 9.13
CA THR C 380 -4.30 -18.36 8.64
C THR C 380 -5.61 -18.08 7.90
N LEU C 381 -6.47 -17.22 8.48
CA LEU C 381 -7.80 -16.90 7.92
C LEU C 381 -7.68 -16.21 6.56
N LYS C 382 -6.77 -15.23 6.47
CA LYS C 382 -6.53 -14.54 5.20
C LYS C 382 -6.10 -15.53 4.12
N ASP C 383 -5.18 -16.43 4.47
CA ASP C 383 -4.70 -17.43 3.50
C ASP C 383 -5.78 -18.42 3.09
N ALA C 384 -6.69 -18.73 4.02
CA ALA C 384 -7.76 -19.66 3.69
C ALA C 384 -8.72 -19.03 2.66
N MET C 385 -9.01 -17.74 2.84
CA MET C 385 -9.91 -16.97 1.99
C MET C 385 -9.46 -16.85 0.52
N LEU C 386 -8.18 -17.12 0.26
CA LEU C 386 -7.60 -17.14 -1.08
C LEU C 386 -8.18 -18.27 -1.92
N GLN C 387 -8.85 -19.22 -1.27
CA GLN C 387 -9.57 -20.26 -1.99
C GLN C 387 -10.78 -19.74 -2.79
N LEU C 388 -11.40 -18.66 -2.30
CA LEU C 388 -12.59 -18.07 -2.93
C LEU C 388 -12.29 -17.55 -4.32
N ASP C 389 -13.25 -17.69 -5.24
CA ASP C 389 -13.22 -17.00 -6.53
C ASP C 389 -14.06 -15.74 -6.36
N PRO C 390 -13.47 -14.54 -6.53
CA PRO C 390 -14.24 -13.32 -6.24
C PRO C 390 -15.29 -13.02 -7.29
N ASN C 391 -15.18 -13.71 -8.42
CA ASN C 391 -16.03 -13.51 -9.57
C ASN C 391 -17.25 -14.47 -9.60
N ALA C 392 -17.24 -15.54 -8.81
CA ALA C 392 -18.31 -16.56 -8.85
C ALA C 392 -19.58 -16.09 -8.15
N LYS C 393 -20.71 -16.70 -8.54
CA LYS C 393 -21.94 -16.68 -7.78
C LYS C 393 -21.66 -17.17 -6.38
N THR C 394 -22.15 -16.44 -5.40
CA THR C 394 -21.89 -16.73 -3.98
C THR C 394 -23.15 -16.40 -3.19
N TRP C 395 -23.71 -17.41 -2.54
CA TRP C 395 -24.90 -17.23 -1.70
C TRP C 395 -24.45 -16.87 -0.31
N MET C 396 -25.30 -16.15 0.40
CA MET C 396 -25.08 -15.91 1.82
C MET C 396 -26.38 -15.96 2.57
N ASP C 397 -26.32 -16.51 3.76
CA ASP C 397 -27.51 -16.65 4.60
C ASP C 397 -27.06 -16.58 6.05
N ILE C 398 -27.93 -16.08 6.91
CA ILE C 398 -27.64 -15.86 8.32
C ILE C 398 -28.77 -16.42 9.21
N GLU C 399 -28.38 -16.99 10.35
CA GLU C 399 -29.33 -17.33 11.40
C GLU C 399 -29.16 -16.39 12.58
N GLY C 400 -30.30 -15.94 13.11
CA GLY C 400 -30.34 -14.78 14.01
C GLY C 400 -30.49 -13.50 13.21
N ARG C 401 -30.86 -12.42 13.88
CA ARG C 401 -31.04 -11.12 13.26
C ARG C 401 -29.69 -10.49 12.86
N PRO C 402 -29.69 -9.64 11.81
CA PRO C 402 -28.45 -9.03 11.28
C PRO C 402 -27.59 -8.40 12.36
N GLU C 403 -28.22 -7.79 13.36
CA GLU C 403 -27.51 -7.15 14.46
C GLU C 403 -27.05 -8.12 15.58
N ASP C 404 -27.44 -9.40 15.47
CA ASP C 404 -27.08 -10.41 16.47
C ASP C 404 -26.99 -11.83 15.86
N PRO C 405 -26.13 -11.99 14.83
CA PRO C 405 -25.98 -13.27 14.12
C PRO C 405 -25.46 -14.37 15.05
N VAL C 406 -25.85 -15.61 14.78
CA VAL C 406 -25.30 -16.74 15.51
C VAL C 406 -24.81 -17.85 14.56
N GLU C 407 -25.31 -17.86 13.35
CA GLU C 407 -24.79 -18.76 12.31
C GLU C 407 -24.69 -18.03 10.98
N ILE C 408 -23.53 -18.15 10.33
CA ILE C 408 -23.32 -17.50 9.03
C ILE C 408 -22.79 -18.49 8.03
N ALA C 409 -23.32 -18.43 6.81
CA ALA C 409 -22.87 -19.24 5.70
C ALA C 409 -22.71 -18.46 4.40
N LEU C 410 -21.71 -18.85 3.63
CA LEU C 410 -21.55 -18.40 2.26
C LEU C 410 -21.21 -19.64 1.45
N TYR C 411 -21.67 -19.68 0.21
CA TYR C 411 -21.54 -20.87 -0.63
C TYR C 411 -21.43 -20.51 -2.09
N GLN C 412 -20.37 -21.01 -2.74
CA GLN C 412 -20.16 -20.79 -4.17
C GLN C 412 -20.45 -22.10 -4.90
N PRO C 413 -21.66 -22.26 -5.49
CA PRO C 413 -22.01 -23.58 -6.00
C PRO C 413 -21.08 -24.12 -7.09
N SER C 414 -20.37 -23.24 -7.78
CA SER C 414 -19.53 -23.68 -8.89
C SER C 414 -18.36 -24.57 -8.47
N SER C 415 -17.58 -24.10 -7.49
CA SER C 415 -16.43 -24.84 -6.96
C SER C 415 -16.82 -25.80 -5.84
N GLY C 416 -18.00 -25.57 -5.25
CA GLY C 416 -18.41 -26.34 -4.09
C GLY C 416 -17.94 -25.76 -2.77
N CYS C 417 -17.16 -24.71 -2.80
CA CYS C 417 -16.60 -24.21 -1.55
C CYS C 417 -17.58 -23.37 -0.71
N TYR C 418 -17.43 -23.46 0.60
CA TYR C 418 -18.35 -22.79 1.55
C TYR C 418 -17.65 -22.30 2.82
N ILE C 419 -18.21 -21.23 3.38
CA ILE C 419 -17.72 -20.65 4.62
C ILE C 419 -18.83 -20.91 5.60
N HIS C 420 -18.51 -21.49 6.73
CA HIS C 420 -19.59 -21.78 7.68
C HIS C 420 -19.07 -21.68 9.10
N PHE C 421 -19.63 -20.75 9.87
CA PHE C 421 -19.22 -20.57 11.26
C PHE C 421 -20.34 -20.00 12.13
N PHE C 422 -20.05 -19.95 13.44
CA PHE C 422 -21.03 -19.59 14.49
C PHE C 422 -20.60 -18.38 15.31
N ARG C 423 -21.55 -17.78 16.02
CA ARG C 423 -21.28 -16.68 16.96
C ARG C 423 -22.19 -16.78 18.21
N GLU C 424 -21.69 -16.39 19.39
CA GLU C 424 -22.57 -16.32 20.58
C GLU C 424 -23.50 -15.12 20.53
N PRO C 425 -24.79 -15.32 20.88
CA PRO C 425 -25.76 -14.22 20.93
C PRO C 425 -25.39 -13.16 21.98
N THR C 426 -25.81 -11.92 21.75
CA THR C 426 -25.71 -10.88 22.77
C THR C 426 -27.04 -10.77 23.51
N ASP C 427 -28.11 -11.16 22.83
CA ASP C 427 -29.45 -11.07 23.36
C ASP C 427 -29.97 -12.49 23.51
N LEU C 428 -30.03 -12.98 24.75
CA LEU C 428 -30.42 -14.36 25.01
C LEU C 428 -31.93 -14.56 24.84
N LYS C 429 -32.71 -13.48 25.00
CA LYS C 429 -34.17 -13.53 24.93
C LYS C 429 -34.72 -13.60 23.49
N GLN C 430 -34.02 -12.95 22.56
CA GLN C 430 -34.32 -13.15 21.15
C GLN C 430 -33.84 -14.53 20.72
N PHE C 431 -32.70 -14.96 21.25
CA PHE C 431 -32.11 -16.23 20.87
C PHE C 431 -33.01 -17.42 21.26
N LYS C 432 -33.50 -17.40 22.50
CA LYS C 432 -34.57 -18.30 22.96
C LYS C 432 -35.66 -18.50 21.91
N GLN C 433 -36.18 -17.39 21.36
CA GLN C 433 -37.30 -17.39 20.39
C GLN C 433 -36.85 -17.83 18.99
N ASP C 434 -35.67 -17.39 18.57
CA ASP C 434 -35.08 -17.84 17.30
C ASP C 434 -34.83 -19.36 17.37
N ALA C 435 -34.37 -19.83 18.52
CA ALA C 435 -34.18 -21.26 18.77
C ALA C 435 -35.48 -22.04 18.57
N LYS C 436 -36.58 -21.54 19.14
CA LYS C 436 -37.84 -22.29 19.10
C LYS C 436 -38.59 -22.14 17.77
N TYR C 437 -38.31 -21.07 17.02
CA TYR C 437 -39.03 -20.77 15.78
C TYR C 437 -38.21 -20.76 14.48
N SER C 438 -36.93 -21.07 14.58
CA SER C 438 -36.09 -21.09 13.38
C SER C 438 -35.00 -22.15 13.42
N HIS C 439 -33.97 -21.95 14.25
CA HIS C 439 -32.71 -22.74 14.18
C HIS C 439 -32.48 -23.94 15.13
N GLY C 440 -33.25 -24.01 16.21
CA GLY C 440 -33.09 -25.03 17.25
C GLY C 440 -31.69 -25.21 17.82
N ILE C 441 -30.92 -24.12 17.93
CA ILE C 441 -29.60 -24.21 18.54
C ILE C 441 -29.66 -24.00 20.06
N ASP C 442 -29.08 -24.94 20.81
CA ASP C 442 -28.80 -24.82 22.25
C ASP C 442 -27.60 -23.88 22.46
N VAL C 443 -27.78 -22.84 23.28
CA VAL C 443 -26.74 -21.83 23.48
C VAL C 443 -25.45 -22.43 24.02
N THR C 444 -25.59 -23.47 24.85
CA THR C 444 -24.45 -24.10 25.51
C THR C 444 -23.53 -24.75 24.47
N ASP C 445 -24.10 -25.08 23.32
CA ASP C 445 -23.33 -25.61 22.19
C ASP C 445 -22.50 -24.54 21.46
N LEU C 446 -22.88 -23.27 21.60
CA LEU C 446 -22.14 -22.18 20.99
C LEU C 446 -20.91 -21.77 21.81
N PHE C 447 -20.92 -22.12 23.09
CA PHE C 447 -19.82 -21.79 24.02
C PHE C 447 -18.46 -22.23 23.48
N ALA C 448 -18.43 -23.38 22.81
CA ALA C 448 -17.18 -23.96 22.36
C ALA C 448 -16.86 -23.61 20.90
N THR C 449 -17.54 -22.61 20.34
CA THR C 449 -17.22 -22.13 18.98
C THR C 449 -16.27 -20.93 19.10
N GLN C 450 -15.53 -20.61 18.03
CA GLN C 450 -14.48 -19.58 18.10
C GLN C 450 -15.07 -18.18 17.86
N PRO C 451 -14.92 -17.27 18.84
CA PRO C 451 -15.40 -15.91 18.68
C PRO C 451 -14.45 -15.07 17.84
N GLY C 452 -14.99 -14.01 17.22
CA GLY C 452 -14.18 -13.11 16.41
C GLY C 452 -14.41 -13.27 14.91
N LEU C 453 -14.84 -14.47 14.50
CA LEU C 453 -14.90 -14.82 13.09
C LEU C 453 -15.86 -13.99 12.21
N THR C 454 -16.95 -13.48 12.80
CA THR C 454 -17.88 -12.58 12.06
C THR C 454 -17.15 -11.36 11.46
N SER C 455 -16.66 -10.48 12.33
CA SER C 455 -15.87 -9.33 11.88
C SER C 455 -14.67 -9.74 10.99
N ALA C 456 -14.01 -10.84 11.35
CA ALA C 456 -12.79 -11.30 10.64
C ALA C 456 -13.06 -11.93 9.25
N VAL C 457 -14.15 -12.69 9.10
CA VAL C 457 -14.53 -13.22 7.78
C VAL C 457 -14.98 -12.12 6.84
N ILE C 458 -15.92 -11.30 7.31
CA ILE C 458 -16.50 -10.27 6.46
C ILE C 458 -15.43 -9.27 6.01
N ASP C 459 -14.58 -8.84 6.93
CA ASP C 459 -13.39 -8.04 6.58
C ASP C 459 -12.58 -8.58 5.41
N ALA C 460 -12.35 -9.89 5.35
CA ALA C 460 -11.52 -10.48 4.31
C ALA C 460 -12.26 -10.92 3.02
N LEU C 461 -13.59 -10.83 3.00
CA LEU C 461 -14.35 -11.09 1.79
C LEU C 461 -13.68 -10.30 0.66
N PRO C 462 -13.46 -10.94 -0.49
CA PRO C 462 -12.81 -10.18 -1.57
C PRO C 462 -13.60 -8.92 -1.98
N ARG C 463 -12.90 -7.98 -2.60
CA ARG C 463 -13.51 -6.73 -3.00
C ARG C 463 -14.44 -6.94 -4.19
N ASN C 464 -15.47 -6.09 -4.25
CA ASN C 464 -16.50 -5.99 -5.32
C ASN C 464 -17.45 -7.19 -5.51
N MET C 465 -17.12 -8.32 -4.85
CA MET C 465 -17.99 -9.49 -4.77
C MET C 465 -19.48 -9.25 -5.00
N VAL C 466 -20.14 -10.12 -5.76
CA VAL C 466 -21.59 -10.11 -5.87
C VAL C 466 -22.22 -11.25 -5.04
N ILE C 467 -23.13 -10.89 -4.14
CA ILE C 467 -23.75 -11.86 -3.25
C ILE C 467 -25.26 -11.99 -3.45
N THR C 468 -25.70 -13.25 -3.55
CA THR C 468 -27.10 -13.62 -3.79
C THR C 468 -27.74 -14.08 -2.47
N CYS C 469 -28.97 -13.62 -2.20
CA CYS C 469 -29.63 -13.96 -0.93
C CYS C 469 -31.16 -14.00 -0.96
N GLN C 470 -31.70 -14.96 -0.21
CA GLN C 470 -33.11 -15.00 0.15
C GLN C 470 -33.23 -14.06 1.34
N GLY C 471 -33.79 -12.88 1.12
CA GLY C 471 -33.82 -11.81 2.13
C GLY C 471 -32.60 -10.92 2.00
N SER C 472 -32.70 -9.90 1.14
CA SER C 472 -31.57 -9.00 0.87
C SER C 472 -31.28 -8.03 2.02
N ASP C 473 -32.32 -7.64 2.73
CA ASP C 473 -32.24 -6.57 3.72
C ASP C 473 -31.45 -6.91 4.99
N ASP C 474 -31.49 -8.17 5.41
CA ASP C 474 -30.73 -8.60 6.61
C ASP C 474 -29.25 -8.86 6.36
N ILE C 475 -28.90 -9.35 5.17
CA ILE C 475 -27.50 -9.43 4.72
C ILE C 475 -26.93 -8.02 4.48
N ARG C 476 -27.77 -7.16 3.91
CA ARG C 476 -27.41 -5.76 3.63
C ARG C 476 -26.92 -5.13 4.92
N LYS C 477 -27.82 -5.10 5.89
CA LYS C 477 -27.56 -4.55 7.19
C LYS C 477 -26.34 -5.16 7.89
N LEU C 478 -26.15 -6.48 7.76
CA LEU C 478 -24.97 -7.12 8.34
C LEU C 478 -23.67 -6.68 7.65
N LEU C 479 -23.68 -6.64 6.33
CA LEU C 479 -22.49 -6.16 5.61
C LEU C 479 -22.22 -4.66 5.87
N GLU C 480 -23.29 -3.85 5.83
CA GLU C 480 -23.25 -2.44 6.21
C GLU C 480 -22.45 -2.28 7.50
N SER C 481 -22.96 -2.91 8.56
CA SER C 481 -22.44 -2.73 9.90
C SER C 481 -20.93 -2.97 9.91
N GLN C 482 -20.50 -4.05 9.26
CA GLN C 482 -19.09 -4.37 9.18
C GLN C 482 -18.30 -3.44 8.26
N GLY C 483 -19.03 -2.58 7.53
CA GLY C 483 -18.41 -1.56 6.71
C GLY C 483 -18.13 -2.01 5.29
N ARG C 484 -19.00 -2.86 4.75
CA ARG C 484 -18.76 -3.48 3.45
C ARG C 484 -19.77 -3.07 2.37
N LYS C 485 -19.80 -1.77 2.07
CA LYS C 485 -20.71 -1.23 1.03
C LYS C 485 -20.24 -1.53 -0.40
N ASP C 486 -19.02 -2.03 -0.55
CA ASP C 486 -18.51 -2.42 -1.87
C ASP C 486 -19.24 -3.65 -2.42
N ILE C 487 -19.70 -4.49 -1.50
CA ILE C 487 -20.34 -5.77 -1.85
C ILE C 487 -21.76 -5.53 -2.34
N LYS C 488 -22.03 -5.93 -3.59
CA LYS C 488 -23.36 -5.78 -4.20
C LYS C 488 -24.24 -7.02 -4.03
N LEU C 489 -25.54 -6.80 -3.86
CA LEU C 489 -26.51 -7.87 -3.57
C LEU C 489 -27.59 -8.13 -4.64
N ILE C 490 -27.85 -9.41 -4.87
CA ILE C 490 -29.03 -9.84 -5.61
C ILE C 490 -29.97 -10.54 -4.63
N ASP C 491 -31.18 -9.99 -4.48
CA ASP C 491 -32.26 -10.69 -3.79
C ASP C 491 -32.92 -11.55 -4.84
N ILE C 492 -33.22 -12.79 -4.49
CA ILE C 492 -34.00 -13.62 -5.42
C ILE C 492 -35.50 -13.59 -5.09
N ALA C 493 -35.84 -13.66 -3.81
CA ALA C 493 -37.24 -13.74 -3.35
C ALA C 493 -38.05 -14.84 -4.04
N LEU C 494 -37.87 -16.06 -3.55
CA LEU C 494 -38.73 -17.21 -3.85
C LEU C 494 -39.91 -17.14 -2.88
N SER C 495 -41.01 -17.83 -3.21
CA SER C 495 -42.10 -17.99 -2.26
C SER C 495 -41.67 -19.01 -1.22
N LYS C 496 -42.35 -19.03 -0.08
CA LYS C 496 -42.00 -19.96 0.99
C LYS C 496 -42.02 -21.40 0.51
N THR C 497 -43.04 -21.78 -0.25
CA THR C 497 -43.11 -23.07 -0.93
C THR C 497 -41.82 -23.31 -1.70
N ASP C 498 -41.60 -22.45 -2.70
CA ASP C 498 -40.53 -22.63 -3.69
C ASP C 498 -39.15 -22.71 -3.05
N SER C 499 -38.96 -21.91 -1.99
CA SER C 499 -37.67 -21.81 -1.28
C SER C 499 -37.21 -23.14 -0.70
N ARG C 500 -38.12 -23.98 -0.23
CA ARG C 500 -37.73 -25.22 0.47
C ARG C 500 -38.09 -26.53 -0.25
N LYS C 501 -38.29 -26.44 -1.57
CA LYS C 501 -38.59 -27.64 -2.39
C LYS C 501 -37.53 -28.73 -2.22
N TYR C 502 -36.24 -28.34 -2.16
CA TYR C 502 -35.14 -29.30 -2.02
C TYR C 502 -34.60 -29.44 -0.61
N GLU C 503 -35.36 -28.98 0.39
CA GLU C 503 -34.97 -29.00 1.82
C GLU C 503 -34.51 -30.39 2.29
N ASN C 504 -35.32 -31.40 2.02
CA ASN C 504 -34.98 -32.76 2.42
C ASN C 504 -33.81 -33.33 1.64
N ALA C 505 -33.79 -33.08 0.34
CA ALA C 505 -32.71 -33.58 -0.53
C ALA C 505 -31.37 -33.06 -0.07
N VAL C 506 -31.34 -31.79 0.36
CA VAL C 506 -30.13 -31.17 0.89
C VAL C 506 -29.73 -31.78 2.23
N TRP C 507 -30.67 -31.86 3.16
CA TRP C 507 -30.37 -32.51 4.43
C TRP C 507 -29.94 -33.98 4.26
N ASP C 508 -30.51 -34.65 3.26
CA ASP C 508 -30.11 -36.03 2.90
C ASP C 508 -28.63 -36.14 2.51
N GLN C 509 -28.14 -35.18 1.72
CA GLN C 509 -26.74 -35.16 1.25
C GLN C 509 -25.73 -34.57 2.22
N TYR C 510 -26.09 -33.49 2.94
CA TYR C 510 -25.05 -32.75 3.68
C TYR C 510 -25.24 -32.60 5.19
N LYS C 511 -26.14 -33.39 5.76
CA LYS C 511 -26.40 -33.35 7.20
C LYS C 511 -25.11 -33.34 8.02
N ASP C 512 -24.14 -34.20 7.66
CA ASP C 512 -22.85 -34.25 8.37
C ASP C 512 -22.07 -32.92 8.40
N LEU C 513 -22.33 -32.03 7.45
CA LEU C 513 -21.69 -30.71 7.48
C LEU C 513 -22.13 -29.80 8.64
N CYS C 514 -23.32 -30.03 9.20
CA CYS C 514 -23.74 -29.27 10.39
C CYS C 514 -24.40 -30.09 11.49
N HIS C 515 -23.87 -29.93 12.71
CA HIS C 515 -24.37 -30.69 13.84
C HIS C 515 -24.95 -29.81 14.95
N MET C 516 -25.26 -28.57 14.61
CA MET C 516 -25.62 -27.56 15.61
C MET C 516 -27.11 -27.43 15.96
N HIS C 517 -27.96 -28.10 15.19
CA HIS C 517 -29.39 -27.88 15.28
C HIS C 517 -30.04 -29.06 15.99
N THR C 518 -30.21 -28.89 17.31
CA THR C 518 -30.62 -29.97 18.23
C THR C 518 -32.05 -29.80 18.79
N GLY C 519 -32.51 -28.55 18.91
CA GLY C 519 -33.84 -28.29 19.47
C GLY C 519 -34.99 -28.56 18.52
N VAL C 520 -36.18 -28.85 19.05
CA VAL C 520 -37.38 -28.96 18.20
C VAL C 520 -37.79 -27.56 17.81
N VAL C 521 -38.19 -27.40 16.57
CA VAL C 521 -38.54 -26.09 16.10
C VAL C 521 -39.95 -26.21 15.60
N VAL C 522 -40.75 -25.16 15.81
CA VAL C 522 -42.16 -25.19 15.51
C VAL C 522 -42.59 -24.01 14.64
N GLU C 523 -43.64 -24.21 13.87
CA GLU C 523 -44.41 -23.08 13.33
C GLU C 523 -45.89 -23.19 13.69
N LYS C 524 -46.47 -22.06 14.07
CA LYS C 524 -47.89 -21.96 14.39
C LYS C 524 -48.80 -22.37 13.24
N LYS C 525 -49.87 -23.11 13.56
CA LYS C 525 -50.85 -23.49 12.55
C LYS C 525 -51.95 -22.43 12.42
N LYS C 530 -49.73 -25.57 16.54
CA LYS C 530 -48.33 -25.70 16.16
C LYS C 530 -47.99 -27.06 15.55
N GLU C 531 -47.07 -27.05 14.60
CA GLU C 531 -46.48 -28.25 14.01
C GLU C 531 -44.95 -28.19 14.09
N GLU C 532 -44.35 -29.37 14.11
CA GLU C 532 -42.91 -29.56 14.11
C GLU C 532 -42.38 -29.49 12.67
N ILE C 533 -41.24 -28.79 12.52
CA ILE C 533 -40.62 -28.47 11.23
C ILE C 533 -39.10 -28.67 11.28
N THR C 534 -38.45 -28.65 10.12
CA THR C 534 -37.00 -28.95 10.07
C THR C 534 -36.25 -27.67 10.48
N PRO C 535 -35.33 -27.78 11.47
CA PRO C 535 -34.67 -26.53 11.86
C PRO C 535 -33.90 -25.88 10.72
N HIS C 536 -33.83 -24.55 10.74
CA HIS C 536 -33.11 -23.84 9.68
C HIS C 536 -31.67 -23.74 10.07
N CYS C 537 -30.85 -23.87 9.05
CA CYS C 537 -29.42 -23.84 9.15
C CYS C 537 -28.96 -22.96 7.99
N ALA C 538 -28.16 -21.94 8.32
CA ALA C 538 -27.56 -21.01 7.35
C ALA C 538 -26.97 -21.68 6.11
N LEU C 539 -26.21 -22.76 6.33
CA LEU C 539 -25.49 -23.51 5.31
C LEU C 539 -26.47 -24.27 4.41
N MET C 540 -27.30 -25.13 4.98
CA MET C 540 -28.29 -25.84 4.15
C MET C 540 -29.19 -24.88 3.38
N ASP C 541 -29.45 -23.70 3.96
CA ASP C 541 -30.21 -22.67 3.25
C ASP C 541 -29.61 -22.18 1.95
N CYS C 542 -28.37 -21.69 1.98
CA CYS C 542 -27.66 -21.37 0.75
C CYS C 542 -27.89 -22.43 -0.33
N ILE C 543 -27.60 -23.68 0.03
CA ILE C 543 -27.52 -24.80 -0.90
C ILE C 543 -28.90 -25.14 -1.49
N MET C 544 -29.92 -25.15 -0.66
CA MET C 544 -31.27 -25.53 -1.10
C MET C 544 -31.91 -24.36 -1.86
N PHE C 545 -31.52 -23.13 -1.52
CA PHE C 545 -31.94 -21.98 -2.33
C PHE C 545 -31.26 -21.98 -3.68
N ASP C 546 -29.95 -22.30 -3.71
CA ASP C 546 -29.27 -22.47 -4.99
C ASP C 546 -29.94 -23.57 -5.82
N ALA C 547 -30.39 -24.64 -5.18
CA ALA C 547 -31.07 -25.72 -5.91
C ALA C 547 -32.46 -25.33 -6.47
N ALA C 548 -33.25 -24.57 -5.72
CA ALA C 548 -34.57 -24.06 -6.17
C ALA C 548 -34.48 -23.38 -7.56
N VAL C 549 -33.54 -22.44 -7.67
CA VAL C 549 -33.27 -21.70 -8.91
C VAL C 549 -32.69 -22.64 -9.97
N SER C 550 -31.59 -23.30 -9.63
CA SER C 550 -30.99 -24.32 -10.48
C SER C 550 -31.97 -25.43 -10.85
N GLY C 551 -33.10 -25.48 -10.14
CA GLY C 551 -34.14 -26.50 -10.31
C GLY C 551 -33.66 -27.93 -10.22
N GLY C 552 -32.61 -28.16 -9.43
CA GLY C 552 -32.01 -29.50 -9.24
C GLY C 552 -30.75 -29.51 -8.39
N LEU C 553 -30.44 -30.69 -7.82
CA LEU C 553 -29.34 -30.82 -6.86
C LEU C 553 -28.26 -31.79 -7.36
N SER C 556 -22.38 -33.09 -5.49
CA SER C 556 -21.02 -32.57 -5.43
C SER C 556 -20.45 -32.66 -4.02
N VAL C 557 -19.14 -32.93 -3.93
CA VAL C 557 -18.41 -32.72 -2.70
C VAL C 557 -18.30 -31.22 -2.44
N LEU C 558 -18.27 -30.86 -1.17
CA LEU C 558 -18.15 -29.47 -0.76
C LEU C 558 -16.87 -29.26 0.03
N ARG C 559 -16.12 -28.22 -0.34
CA ARG C 559 -14.88 -27.86 0.32
C ARG C 559 -15.14 -26.86 1.41
N ALA C 560 -14.60 -27.11 2.60
CA ALA C 560 -14.61 -26.10 3.65
C ALA C 560 -13.53 -25.08 3.30
N VAL C 561 -13.90 -23.81 3.31
CA VAL C 561 -12.93 -22.73 3.25
C VAL C 561 -12.23 -22.62 4.60
N LEU C 562 -13.02 -22.61 5.67
CA LEU C 562 -12.47 -22.42 7.01
C LEU C 562 -12.02 -23.74 7.60
N PRO C 563 -10.75 -23.81 8.06
CA PRO C 563 -10.17 -24.92 8.82
C PRO C 563 -11.05 -25.20 10.04
N ARG C 564 -11.40 -26.47 10.26
CA ARG C 564 -12.37 -26.83 11.30
C ARG C 564 -11.90 -26.37 12.70
N ASP C 565 -10.61 -26.53 12.96
CA ASP C 565 -10.02 -26.08 14.21
C ASP C 565 -10.05 -24.55 14.38
N MET C 566 -10.45 -23.83 13.32
CA MET C 566 -10.68 -22.39 13.44
C MET C 566 -12.14 -22.02 13.73
N VAL C 567 -13.08 -22.84 13.29
CA VAL C 567 -14.49 -22.64 13.68
C VAL C 567 -14.67 -22.88 15.17
N PHE C 568 -14.06 -23.96 15.66
CA PHE C 568 -14.20 -24.35 17.07
C PHE C 568 -12.92 -24.07 17.85
N ARG C 569 -13.04 -23.80 19.14
CA ARG C 569 -11.85 -23.58 19.98
C ARG C 569 -11.64 -24.74 20.94
#